data_2NMP
#
_entry.id   2NMP
#
_cell.length_a   105.780
_cell.length_b   107.570
_cell.length_c   153.310
_cell.angle_alpha   90.00
_cell.angle_beta   90.00
_cell.angle_gamma   90.00
#
_symmetry.space_group_name_H-M   'P 21 21 21'
#
loop_
_entity.id
_entity.type
_entity.pdbx_description
1 polymer 'Cystathionine gamma-lyase'
2 non-polymer "PYRIDOXAL-5'-PHOSPHATE"
3 water water
#
_entity_poly.entity_id   1
_entity_poly.type   'polypeptide(L)'
_entity_poly.pdbx_seq_one_letter_code
;SMQEKDASSQGFLPHFQHFATQAIHVGQDPEQWTSRAVVPPISLSTTFKQGAPGQHSGFEYSRSGNPTRNCLEKAVAALD
GAKYCLAFASGLAATVTITHLLKAGDQIICMDDVYGGTNRYFRQVASEFGLKISFVDCSKIKLLEAAITPETKLVWIETP
TNPTQKVIDIEGCAHIVHKHGDIILVVDNTFMSPYFQRPLALGADISMYSATKYMNGHSDVVMGLVSVNCESLHNRLRFL
QNSLGAVPSPIDCYLCNRGLKTLHVRMEKHFKNGMAVAQFLESNPWVEKVIYPGLPSHPQHELVKRQCTGCTGMVTFYIK
GTLQHAEIFLKNLKLFTLAESLGGFESLAELPAIMTHASVLKNDRDVLGISDTLIRLSVGLEDEEDLLEDLDQALKAAHP
PSG
;
_entity_poly.pdbx_strand_id   A,B,C,D
#
loop_
_chem_comp.id
_chem_comp.type
_chem_comp.name
_chem_comp.formula
PLP non-polymer PYRIDOXAL-5'-PHOSPHATE 'C8 H10 N O6 P'
#
# COMPACT_ATOMS: atom_id res chain seq x y z
N GLY A 11 4.90 -12.58 40.57
CA GLY A 11 3.92 -11.92 41.50
C GLY A 11 2.92 -10.94 40.85
N PHE A 12 2.97 -10.82 39.53
CA PHE A 12 2.05 -9.99 38.77
C PHE A 12 0.69 -10.65 38.60
N LEU A 13 -0.30 -9.81 38.29
CA LEU A 13 -1.60 -10.24 37.82
C LEU A 13 -1.43 -11.37 36.79
N PRO A 14 -2.26 -12.42 36.91
CA PRO A 14 -2.11 -13.53 35.99
C PRO A 14 -2.48 -13.09 34.57
N HIS A 15 -1.80 -13.61 33.55
CA HIS A 15 -2.09 -13.21 32.19
C HIS A 15 -3.52 -13.41 31.82
N PHE A 16 -4.03 -12.57 30.94
CA PHE A 16 -5.43 -12.62 30.55
C PHE A 16 -5.66 -13.80 29.64
N GLN A 17 -6.61 -14.64 30.01
CA GLN A 17 -6.91 -15.81 29.23
C GLN A 17 -7.35 -15.38 27.83
N HIS A 18 -6.87 -16.11 26.82
CA HIS A 18 -7.37 -16.00 25.44
C HIS A 18 -6.87 -14.81 24.62
N PHE A 19 -5.92 -14.04 25.16
CA PHE A 19 -5.47 -12.81 24.50
C PHE A 19 -4.96 -13.01 23.04
N ALA A 20 -3.95 -13.87 22.91
CA ALA A 20 -3.40 -14.28 21.63
C ALA A 20 -4.48 -14.81 20.67
N THR A 21 -5.37 -15.66 21.16
CA THR A 21 -6.32 -16.30 20.27
C THR A 21 -7.19 -15.21 19.68
N GLN A 22 -7.57 -14.27 20.56
CA GLN A 22 -8.48 -13.22 20.19
C GLN A 22 -7.85 -12.11 19.38
N ALA A 23 -6.57 -11.85 19.58
CA ALA A 23 -5.88 -10.85 18.78
C ALA A 23 -5.82 -11.29 17.32
N ILE A 24 -5.83 -12.59 17.10
CA ILE A 24 -5.61 -13.19 15.80
C ILE A 24 -6.93 -13.43 15.06
N HIS A 25 -8.00 -13.77 15.79
CA HIS A 25 -9.26 -14.14 15.18
C HIS A 25 -10.45 -13.18 15.37
N VAL A 26 -10.42 -12.29 16.35
CA VAL A 26 -11.61 -11.46 16.59
C VAL A 26 -11.71 -10.44 15.48
N GLY A 27 -12.88 -10.42 14.84
CA GLY A 27 -13.15 -9.48 13.77
C GLY A 27 -12.55 -9.99 12.49
N GLN A 28 -11.98 -11.18 12.55
CA GLN A 28 -11.22 -11.69 11.43
C GLN A 28 -11.92 -12.86 10.78
N ASP A 29 -13.17 -13.07 11.17
CA ASP A 29 -14.00 -14.17 10.66
C ASP A 29 -14.22 -14.13 9.12
N PRO A 30 -13.71 -15.16 8.41
CA PRO A 30 -13.75 -15.31 6.93
C PRO A 30 -15.14 -15.29 6.27
N GLU A 31 -16.17 -15.66 7.05
CA GLU A 31 -17.58 -15.67 6.59
C GLU A 31 -18.13 -14.27 6.24
N GLN A 32 -17.39 -13.23 6.64
CA GLN A 32 -17.77 -11.85 6.39
C GLN A 32 -17.64 -11.47 4.93
N TRP A 33 -16.80 -12.21 4.19
CA TRP A 33 -16.45 -11.88 2.80
C TRP A 33 -16.77 -13.03 1.88
N THR A 34 -17.25 -12.73 0.66
CA THR A 34 -17.54 -13.76 -0.37
C THR A 34 -16.33 -14.65 -0.73
N SER A 35 -15.12 -14.08 -0.64
CA SER A 35 -13.88 -14.80 -0.91
C SER A 35 -13.53 -15.85 0.16
N ARG A 36 -14.05 -15.63 1.36
CA ARG A 36 -13.67 -16.39 2.56
C ARG A 36 -12.19 -16.17 2.87
N ALA A 37 -11.70 -14.97 2.54
CA ALA A 37 -10.33 -14.59 2.83
C ALA A 37 -10.05 -14.63 4.33
N VAL A 38 -8.93 -15.25 4.65
CA VAL A 38 -8.51 -15.45 6.02
C VAL A 38 -8.10 -14.14 6.72
N VAL A 39 -7.40 -13.26 5.98
CA VAL A 39 -7.08 -11.87 6.38
C VAL A 39 -8.14 -10.98 5.67
N PRO A 40 -8.71 -9.99 6.40
CA PRO A 40 -9.76 -9.13 5.83
C PRO A 40 -9.27 -8.23 4.70
N PRO A 41 -10.08 -8.07 3.61
CA PRO A 41 -9.71 -7.09 2.56
C PRO A 41 -9.49 -5.70 3.12
N ILE A 42 -8.76 -4.89 2.35
CA ILE A 42 -8.69 -3.47 2.59
C ILE A 42 -9.77 -2.83 1.74
N SER A 43 -10.80 -2.31 2.38
CA SER A 43 -11.89 -1.73 1.60
C SER A 43 -11.71 -0.24 1.53
N LEU A 44 -11.34 0.23 0.34
CA LEU A 44 -11.02 1.63 0.10
C LEU A 44 -12.19 2.54 -0.26
N SER A 45 -13.26 1.97 -0.80
CA SER A 45 -14.37 2.75 -1.31
C SER A 45 -14.92 3.85 -0.38
N THR A 46 -15.47 4.89 -1.00
CA THR A 46 -16.08 5.99 -0.30
C THR A 46 -17.52 6.05 -0.82
N THR A 47 -17.85 5.15 -1.73
CA THR A 47 -19.22 5.07 -2.24
C THR A 47 -19.74 3.64 -2.15
N PHE A 48 -21.05 3.52 -1.97
CA PHE A 48 -21.69 2.22 -1.77
C PHE A 48 -23.02 2.19 -2.51
N LYS A 49 -23.20 1.16 -3.35
CA LYS A 49 -24.38 1.04 -4.21
C LYS A 49 -25.62 0.69 -3.41
N GLN A 50 -26.65 1.54 -3.53
CA GLN A 50 -27.99 1.26 -2.99
C GLN A 50 -28.92 0.80 -4.11
N GLY A 65 -19.58 3.07 9.19
CA GLY A 65 -18.17 3.01 8.80
C GLY A 65 -17.89 1.83 7.87
N ASN A 66 -16.60 1.63 7.58
CA ASN A 66 -16.16 0.64 6.59
C ASN A 66 -15.63 -0.63 7.22
N PRO A 67 -15.63 -1.72 6.45
CA PRO A 67 -15.26 -3.04 6.95
C PRO A 67 -13.87 -3.19 7.54
N THR A 68 -12.87 -2.49 7.01
CA THR A 68 -11.52 -2.69 7.49
C THR A 68 -11.34 -2.02 8.86
N ARG A 69 -11.98 -0.87 9.07
CA ARG A 69 -11.93 -0.22 10.38
C ARG A 69 -12.67 -1.05 11.42
N ASN A 70 -13.85 -1.51 11.02
CA ASN A 70 -14.73 -2.32 11.86
C ASN A 70 -14.05 -3.58 12.41
N CYS A 71 -13.34 -4.32 11.56
CA CYS A 71 -12.54 -5.45 12.04
C CYS A 71 -11.50 -5.03 13.09
N LEU A 72 -10.80 -3.92 12.84
CA LEU A 72 -9.81 -3.46 13.79
C LEU A 72 -10.42 -3.09 15.14
N GLU A 73 -11.53 -2.37 15.12
CA GLU A 73 -12.23 -1.98 16.35
C GLU A 73 -12.67 -3.16 17.18
N LYS A 74 -13.31 -4.14 16.52
CA LYS A 74 -13.69 -5.37 17.19
C LYS A 74 -12.49 -6.04 17.87
N ALA A 75 -11.37 -6.22 17.15
CA ALA A 75 -10.18 -6.80 17.74
C ALA A 75 -9.66 -6.01 18.97
N VAL A 76 -9.63 -4.69 18.87
CA VAL A 76 -9.10 -3.93 20.00
C VAL A 76 -10.08 -4.00 21.17
N ALA A 77 -11.37 -3.85 20.87
CA ALA A 77 -12.40 -4.06 21.86
C ALA A 77 -12.15 -5.37 22.66
N ALA A 78 -12.00 -6.48 21.96
CA ALA A 78 -11.73 -7.77 22.61
C ALA A 78 -10.49 -7.71 23.48
N LEU A 79 -9.42 -7.10 22.97
CA LEU A 79 -8.15 -7.10 23.68
C LEU A 79 -8.26 -6.28 24.97
N ASP A 80 -9.08 -5.23 24.92
CA ASP A 80 -9.30 -4.38 26.06
C ASP A 80 -10.29 -4.98 27.01
N GLY A 81 -10.88 -6.12 26.65
CA GLY A 81 -12.00 -6.68 27.43
C GLY A 81 -13.25 -5.81 27.36
N ALA A 82 -13.33 -5.01 26.29
CA ALA A 82 -14.35 -3.97 26.07
C ALA A 82 -15.48 -4.38 25.11
N LYS A 83 -16.65 -3.78 25.30
CA LYS A 83 -17.75 -3.96 24.36
C LYS A 83 -17.49 -3.24 23.03
N TYR A 84 -16.89 -2.05 23.11
CA TYR A 84 -16.67 -1.20 21.94
C TYR A 84 -15.26 -0.63 21.78
N CYS A 85 -14.93 -0.18 20.58
CA CYS A 85 -13.73 0.60 20.31
C CYS A 85 -13.94 1.51 19.10
N LEU A 86 -13.29 2.66 19.13
CA LEU A 86 -13.38 3.63 18.08
C LEU A 86 -11.96 3.97 17.63
N ALA A 87 -11.75 4.03 16.33
CA ALA A 87 -10.43 4.33 15.82
C ALA A 87 -10.38 5.74 15.25
N PHE A 88 -9.21 6.36 15.44
CA PHE A 88 -9.03 7.78 15.16
C PHE A 88 -7.68 8.01 14.45
N ALA A 89 -7.48 9.20 13.91
CA ALA A 89 -6.37 9.41 12.97
C ALA A 89 -5.05 9.55 13.69
N SER A 90 -5.12 9.68 15.02
CA SER A 90 -3.97 9.73 15.94
C SER A 90 -4.48 9.68 17.39
N GLY A 91 -3.63 9.38 18.36
CA GLY A 91 -4.06 9.48 19.75
C GLY A 91 -4.42 10.91 20.15
N LEU A 92 -3.78 11.88 19.50
CA LEU A 92 -4.14 13.25 19.69
C LEU A 92 -5.54 13.51 19.25
N ALA A 93 -5.95 12.96 18.11
CA ALA A 93 -7.37 13.16 17.67
C ALA A 93 -8.36 12.37 18.51
N ALA A 94 -7.88 11.29 19.14
CA ALA A 94 -8.72 10.60 20.12
C ALA A 94 -8.99 11.47 21.38
N THR A 95 -7.99 12.21 21.81
CA THR A 95 -8.09 13.05 23.00
C THR A 95 -9.07 14.21 22.76
N VAL A 96 -9.05 14.68 21.51
CA VAL A 96 -9.87 15.81 21.11
C VAL A 96 -11.32 15.40 21.00
N THR A 97 -11.55 14.24 20.39
CA THR A 97 -12.91 13.71 20.27
C THR A 97 -13.50 13.52 21.66
N ILE A 98 -12.72 12.88 22.54
CA ILE A 98 -13.10 12.77 23.95
C ILE A 98 -13.45 14.10 24.64
N THR A 99 -12.58 15.09 24.56
CA THR A 99 -12.87 16.38 25.20
C THR A 99 -14.17 16.95 24.65
N HIS A 100 -14.44 16.65 23.39
CA HIS A 100 -15.69 17.12 22.77
C HIS A 100 -16.98 16.53 23.36
N LEU A 101 -16.87 15.62 24.31
CA LEU A 101 -18.03 15.08 25.02
C LEU A 101 -18.62 16.12 25.97
N LEU A 102 -17.80 17.12 26.31
CA LEU A 102 -18.17 18.08 27.31
C LEU A 102 -18.73 19.33 26.66
N LYS A 103 -19.13 20.27 27.49
CA LYS A 103 -19.66 21.57 27.03
C LYS A 103 -18.87 22.67 27.73
N ALA A 104 -18.93 23.90 27.22
CA ALA A 104 -18.29 25.00 27.91
C ALA A 104 -18.78 25.13 29.36
N GLY A 105 -17.87 25.55 30.22
CA GLY A 105 -18.17 25.75 31.64
C GLY A 105 -17.79 24.55 32.50
N ASP A 106 -17.41 23.44 31.85
CA ASP A 106 -17.06 22.21 32.55
C ASP A 106 -15.57 22.21 32.88
N GLN A 107 -15.13 21.27 33.72
CA GLN A 107 -13.74 21.15 34.12
C GLN A 107 -13.14 19.80 33.79
N ILE A 108 -11.86 19.84 33.40
CA ILE A 108 -11.04 18.66 33.25
C ILE A 108 -9.95 18.70 34.32
N ILE A 109 -9.74 17.54 34.93
CA ILE A 109 -8.60 17.35 35.80
C ILE A 109 -7.64 16.44 35.04
N CYS A 110 -6.38 16.85 34.90
CA CYS A 110 -5.43 16.00 34.20
C CYS A 110 -4.25 15.67 35.09
N MET A 111 -3.73 14.46 34.95
CA MET A 111 -2.50 14.04 35.62
C MET A 111 -1.41 15.09 35.29
N ASP A 112 -0.55 15.40 36.25
CA ASP A 112 0.39 16.52 36.10
C ASP A 112 1.58 16.22 35.20
N ASP A 113 1.95 14.95 35.08
CA ASP A 113 2.92 14.56 34.08
C ASP A 113 2.22 13.77 32.99
N VAL A 114 1.84 14.46 31.92
CA VAL A 114 1.32 13.77 30.73
C VAL A 114 2.25 13.90 29.54
N TYR A 115 1.89 13.17 28.50
CA TYR A 115 2.48 13.35 27.19
C TYR A 115 2.43 14.83 26.76
N GLY A 116 3.59 15.36 26.34
CA GLY A 116 3.75 16.76 26.01
C GLY A 116 2.53 17.28 25.27
N GLY A 117 2.09 16.48 24.27
CA GLY A 117 0.95 16.80 23.40
C GLY A 117 -0.40 16.88 24.11
N THR A 118 -0.66 15.95 25.02
CA THR A 118 -1.85 16.03 25.86
C THR A 118 -1.84 17.29 26.70
N ASN A 119 -0.70 17.56 27.32
CA ASN A 119 -0.49 18.77 28.08
C ASN A 119 -0.76 19.99 27.17
N ARG A 120 -0.16 20.02 25.98
CA ARG A 120 -0.33 21.16 25.08
C ARG A 120 -1.78 21.40 24.68
N TYR A 121 -2.50 20.33 24.33
CA TYR A 121 -3.88 20.47 23.90
C TYR A 121 -4.78 21.02 25.00
N PHE A 122 -4.62 20.48 26.20
CA PHE A 122 -5.44 20.90 27.31
C PHE A 122 -5.11 22.36 27.63
N ARG A 123 -3.82 22.62 27.88
CA ARG A 123 -3.36 23.95 28.29
C ARG A 123 -3.56 25.03 27.24
N GLN A 124 -3.28 24.71 25.98
CA GLN A 124 -3.22 25.72 24.94
C GLN A 124 -4.41 25.82 23.98
N VAL A 125 -5.22 24.76 23.90
CA VAL A 125 -6.33 24.74 22.91
C VAL A 125 -7.71 24.61 23.57
N ALA A 126 -7.87 23.57 24.39
CA ALA A 126 -9.12 23.30 25.11
C ALA A 126 -9.55 24.47 25.99
N SER A 127 -8.59 25.04 26.69
CA SER A 127 -8.80 26.18 27.60
C SER A 127 -9.34 27.45 26.94
N GLU A 128 -9.33 27.48 25.60
CA GLU A 128 -9.80 28.62 24.81
C GLU A 128 -11.28 28.50 24.45
N PHE A 129 -11.91 27.41 24.88
CA PHE A 129 -13.31 27.17 24.55
C PHE A 129 -14.18 26.83 25.77
N GLY A 130 -14.02 27.59 26.84
CA GLY A 130 -14.90 27.52 27.99
C GLY A 130 -14.66 26.36 28.94
N LEU A 131 -13.57 25.61 28.73
CA LEU A 131 -13.23 24.55 29.65
C LEU A 131 -12.17 24.99 30.66
N LYS A 132 -12.28 24.49 31.90
CA LYS A 132 -11.31 24.79 32.94
C LYS A 132 -10.33 23.62 33.03
N ILE A 133 -9.03 23.91 32.96
CA ILE A 133 -8.05 22.83 33.05
C ILE A 133 -7.26 22.88 34.36
N SER A 134 -7.22 21.75 35.06
CA SER A 134 -6.46 21.61 36.29
C SER A 134 -5.55 20.39 36.27
N PHE A 135 -4.31 20.60 36.69
CA PHE A 135 -3.32 19.54 36.83
C PHE A 135 -3.09 19.17 38.30
N VAL A 136 -3.04 17.87 38.57
CA VAL A 136 -3.06 17.32 39.92
C VAL A 136 -2.16 16.07 39.98
N ASP A 137 -1.50 15.84 41.11
CA ASP A 137 -0.71 14.62 41.23
C ASP A 137 -1.58 13.43 41.68
N CYS A 138 -2.22 12.78 40.71
CA CYS A 138 -3.16 11.70 40.96
C CYS A 138 -2.50 10.42 41.49
N SER A 139 -1.19 10.33 41.37
CA SER A 139 -0.45 9.27 42.06
C SER A 139 -0.56 9.45 43.59
N LYS A 140 -1.17 10.57 44.00
CA LYS A 140 -1.52 10.76 45.39
C LYS A 140 -3.00 10.96 45.49
N ILE A 141 -3.71 9.84 45.60
CA ILE A 141 -5.17 9.80 45.59
C ILE A 141 -5.83 10.88 46.46
N LYS A 142 -5.21 11.23 47.60
CA LYS A 142 -5.72 12.28 48.48
C LYS A 142 -5.91 13.59 47.70
N LEU A 143 -4.96 13.87 46.82
CA LEU A 143 -4.91 15.15 46.11
C LEU A 143 -5.98 15.27 45.02
N LEU A 144 -6.23 14.16 44.33
CA LEU A 144 -7.32 14.07 43.35
C LEU A 144 -8.70 14.23 43.99
N GLU A 145 -8.88 13.65 45.18
CA GLU A 145 -10.17 13.68 45.87
C GLU A 145 -10.51 15.08 46.33
N ALA A 146 -9.48 15.83 46.72
CA ALA A 146 -9.66 17.22 47.13
C ALA A 146 -10.03 18.08 45.93
N ALA A 147 -9.43 17.78 44.78
CA ALA A 147 -9.57 18.60 43.57
C ALA A 147 -10.94 18.57 42.92
N ILE A 148 -11.72 17.54 43.16
CA ILE A 148 -12.99 17.36 42.46
C ILE A 148 -14.00 18.47 42.79
N THR A 149 -14.59 19.03 41.73
CA THR A 149 -15.50 20.18 41.76
C THR A 149 -16.90 19.73 41.28
N PRO A 150 -17.97 20.36 41.78
CA PRO A 150 -19.26 20.03 41.18
C PRO A 150 -19.33 20.10 39.64
N GLU A 151 -18.46 20.86 38.99
CA GLU A 151 -18.42 20.83 37.51
C GLU A 151 -17.19 20.19 36.90
N THR A 152 -16.59 19.24 37.60
CA THR A 152 -15.65 18.32 36.97
C THR A 152 -16.48 17.33 36.16
N LYS A 153 -16.11 17.13 34.90
CA LYS A 153 -16.83 16.13 34.13
C LYS A 153 -15.92 15.05 33.56
N LEU A 154 -14.62 15.32 33.50
CA LEU A 154 -13.65 14.36 33.02
C LEU A 154 -12.35 14.38 33.83
N VAL A 155 -11.83 13.20 34.14
CA VAL A 155 -10.53 13.06 34.77
C VAL A 155 -9.63 12.25 33.84
N TRP A 156 -8.48 12.83 33.52
CA TRP A 156 -7.57 12.25 32.54
C TRP A 156 -6.25 11.78 33.17
N ILE A 157 -5.99 10.48 33.04
CA ILE A 157 -4.93 9.80 33.72
C ILE A 157 -4.08 9.04 32.69
N GLU A 158 -2.77 9.06 32.93
CA GLU A 158 -1.80 8.33 32.16
C GLU A 158 -1.05 7.50 33.21
N THR A 159 -0.85 6.20 32.95
CA THR A 159 -0.10 5.32 33.88
C THR A 159 0.54 4.11 33.19
N PRO A 160 1.88 3.94 33.32
CA PRO A 160 2.75 4.91 34.00
C PRO A 160 2.89 6.22 33.19
N THR A 161 3.23 7.31 33.85
CA THR A 161 3.31 8.58 33.17
C THR A 161 4.52 8.69 32.25
N ASN A 162 4.37 9.50 31.22
CA ASN A 162 5.38 9.76 30.20
C ASN A 162 6.01 11.14 30.42
N PRO A 163 7.32 11.23 30.72
CA PRO A 163 8.31 10.17 30.81
C PRO A 163 8.76 9.82 32.24
N THR A 164 8.19 10.42 33.28
CA THR A 164 8.69 10.15 34.63
C THR A 164 8.23 8.81 35.22
N GLN A 165 7.34 8.10 34.53
CA GLN A 165 7.00 6.72 34.89
C GLN A 165 6.36 6.64 36.27
N LYS A 166 5.64 7.68 36.65
CA LYS A 166 4.92 7.67 37.90
C LYS A 166 3.70 6.79 37.66
N VAL A 167 3.36 5.94 38.63
CA VAL A 167 2.27 4.95 38.48
C VAL A 167 1.07 5.33 39.34
N ILE A 168 -0.14 5.23 38.75
CA ILE A 168 -1.40 5.58 39.41
C ILE A 168 -2.24 4.34 39.68
N ASP A 169 -2.92 4.36 40.84
CA ASP A 169 -3.82 3.28 41.23
C ASP A 169 -5.11 3.51 40.49
N ILE A 170 -5.24 2.90 39.31
CA ILE A 170 -6.41 3.07 38.43
C ILE A 170 -7.72 2.79 39.18
N GLU A 171 -7.77 1.65 39.85
CA GLU A 171 -8.92 1.18 40.59
C GLU A 171 -9.31 2.13 41.73
N GLY A 172 -8.32 2.59 42.51
CA GLY A 172 -8.51 3.54 43.61
C GLY A 172 -9.01 4.86 43.08
N CYS A 173 -8.44 5.30 41.95
CA CYS A 173 -8.91 6.51 41.31
C CYS A 173 -10.32 6.32 40.88
N ALA A 174 -10.60 5.23 40.19
CA ALA A 174 -11.93 4.97 39.70
C ALA A 174 -12.96 5.09 40.82
N HIS A 175 -12.64 4.56 42.00
CA HIS A 175 -13.61 4.56 43.07
C HIS A 175 -13.85 5.96 43.57
N ILE A 176 -12.78 6.75 43.61
CA ILE A 176 -12.85 8.13 44.05
C ILE A 176 -13.63 9.01 43.09
N VAL A 177 -13.47 8.77 41.80
CA VAL A 177 -14.13 9.63 40.84
C VAL A 177 -15.61 9.30 40.67
N HIS A 178 -15.97 8.03 40.88
CA HIS A 178 -17.32 7.57 40.57
C HIS A 178 -18.22 7.75 41.78
N LYS A 179 -17.62 8.22 42.87
CA LYS A 179 -18.32 8.36 44.14
C LYS A 179 -19.43 9.41 44.02
N HIS A 180 -19.13 10.50 43.30
CA HIS A 180 -20.14 11.51 42.99
C HIS A 180 -20.28 11.69 41.47
N GLY A 181 -21.53 11.92 41.05
CA GLY A 181 -22.03 11.48 39.74
C GLY A 181 -21.62 12.14 38.43
N ASP A 182 -21.69 11.34 37.35
CA ASP A 182 -21.44 11.80 35.99
C ASP A 182 -20.03 12.39 35.78
N ILE A 183 -19.00 11.77 36.36
CA ILE A 183 -17.63 12.05 35.89
C ILE A 183 -16.98 10.85 35.18
N ILE A 184 -16.24 11.15 34.11
CA ILE A 184 -15.63 10.17 33.19
C ILE A 184 -14.16 9.99 33.56
N LEU A 185 -13.71 8.75 33.65
CA LEU A 185 -12.30 8.51 33.83
C LEU A 185 -11.71 8.00 32.54
N VAL A 186 -10.75 8.72 31.98
CA VAL A 186 -9.97 8.23 30.85
C VAL A 186 -8.63 7.75 31.37
N VAL A 187 -8.23 6.55 30.94
CA VAL A 187 -6.88 6.05 31.14
C VAL A 187 -6.19 5.89 29.80
N ASP A 188 -5.17 6.72 29.59
CA ASP A 188 -4.27 6.58 28.48
C ASP A 188 -3.35 5.39 28.74
N ASN A 189 -3.56 4.30 28.01
CA ASN A 189 -2.92 3.00 28.25
C ASN A 189 -1.83 2.66 27.17
N THR A 190 -1.37 3.71 26.46
CA THR A 190 -0.38 3.66 25.38
C THR A 190 0.88 2.88 25.75
N PHE A 191 1.43 3.14 26.93
CA PHE A 191 2.65 2.48 27.37
C PHE A 191 2.45 1.02 27.67
N MET A 192 1.33 0.68 28.32
CA MET A 192 1.16 -0.68 28.74
C MET A 192 0.58 -1.59 27.64
N SER A 193 -0.45 -1.09 26.97
CA SER A 193 -1.19 -1.88 25.99
C SER A 193 -2.07 -2.83 26.78
N PRO A 194 -3.06 -3.47 26.13
CA PRO A 194 -4.05 -4.24 26.88
C PRO A 194 -3.49 -5.61 27.26
N TYR A 195 -2.28 -5.86 26.85
CA TYR A 195 -1.66 -7.13 27.17
C TYR A 195 -1.20 -7.09 28.64
N PHE A 196 -0.82 -5.90 29.12
CA PHE A 196 -0.27 -5.78 30.46
C PHE A 196 -1.21 -5.09 31.43
N GLN A 197 -2.12 -4.28 30.90
CA GLN A 197 -3.00 -3.51 31.74
C GLN A 197 -4.34 -3.30 31.02
N ARG A 198 -5.41 -3.55 31.76
CA ARG A 198 -6.76 -3.37 31.23
C ARG A 198 -7.53 -2.41 32.12
N PRO A 199 -7.35 -1.10 31.87
CA PRO A 199 -8.00 -0.07 32.68
C PRO A 199 -9.50 -0.27 32.87
N LEU A 200 -10.21 -0.71 31.85
CA LEU A 200 -11.65 -0.98 31.97
C LEU A 200 -12.01 -2.01 33.02
N ALA A 201 -11.25 -3.10 33.08
CA ALA A 201 -11.32 -4.10 34.18
C ALA A 201 -11.18 -3.47 35.56
N LEU A 202 -10.47 -2.35 35.63
CA LEU A 202 -10.12 -1.73 36.91
C LEU A 202 -11.07 -0.59 37.30
N GLY A 203 -12.16 -0.42 36.58
CA GLY A 203 -13.12 0.61 36.90
C GLY A 203 -13.04 1.87 36.03
N ALA A 204 -12.03 1.97 35.15
CA ALA A 204 -12.01 3.10 34.21
C ALA A 204 -13.22 3.09 33.25
N ASP A 205 -13.53 4.26 32.71
CA ASP A 205 -14.61 4.44 31.77
C ASP A 205 -14.12 4.36 30.34
N ILE A 206 -12.92 4.87 30.10
CA ILE A 206 -12.35 4.86 28.78
C ILE A 206 -10.92 4.40 28.92
N SER A 207 -10.51 3.53 28.01
CA SER A 207 -9.12 3.09 27.86
C SER A 207 -8.73 3.56 26.46
N MET A 208 -7.81 4.52 26.44
CA MET A 208 -7.41 5.26 25.26
C MET A 208 -5.94 4.92 24.91
N TYR A 209 -5.64 4.86 23.60
CA TYR A 209 -4.29 4.57 23.09
C TYR A 209 -3.88 5.52 21.95
N SER A 210 -2.63 5.92 21.94
CA SER A 210 -2.01 6.29 20.70
C SER A 210 -1.49 4.96 20.18
N ALA A 211 -2.19 4.38 19.19
CA ALA A 211 -1.78 3.09 18.59
C ALA A 211 -0.45 3.17 17.84
N THR A 212 -0.04 4.41 17.53
CA THR A 212 1.22 4.78 16.91
C THR A 212 2.43 4.17 17.57
N LYS A 213 2.24 3.65 18.77
CA LYS A 213 3.31 3.19 19.63
C LYS A 213 3.32 1.66 19.70
N TYR A 214 2.96 1.08 20.84
CA TYR A 214 2.98 -0.35 21.02
C TYR A 214 1.93 -1.12 20.23
N MET A 215 0.70 -0.60 20.21
CA MET A 215 -0.43 -1.30 19.56
C MET A 215 -0.07 -1.67 18.15
N ASN A 216 0.40 -0.72 17.34
CA ASN A 216 0.90 -1.07 16.00
C ASN A 216 2.28 -1.70 16.06
N GLY A 217 3.16 -1.05 16.82
CA GLY A 217 4.48 -1.58 17.14
C GLY A 217 5.50 -1.58 16.03
N HIS A 218 5.12 -1.10 14.85
CA HIS A 218 5.98 -1.20 13.69
C HIS A 218 6.32 0.19 13.11
N SER A 219 6.12 1.21 13.91
CA SER A 219 6.64 2.51 13.58
C SER A 219 6.23 3.09 12.22
N ASP A 220 5.08 2.65 11.73
CA ASP A 220 4.60 3.07 10.41
C ASP A 220 3.13 3.44 10.31
N VAL A 221 2.42 3.48 11.41
CA VAL A 221 1.05 3.98 11.41
C VAL A 221 0.88 5.07 12.45
N VAL A 222 0.31 6.20 12.05
CA VAL A 222 -0.19 7.12 13.06
C VAL A 222 -1.66 6.86 13.30
N MET A 223 -2.01 6.53 14.53
CA MET A 223 -3.38 6.21 14.90
C MET A 223 -3.75 6.39 16.38
N GLY A 224 -5.03 6.64 16.64
CA GLY A 224 -5.57 6.60 17.99
C GLY A 224 -6.68 5.58 18.20
N LEU A 225 -6.77 5.02 19.41
CA LEU A 225 -7.78 4.01 19.74
C LEU A 225 -8.50 4.33 21.02
N VAL A 226 -9.81 4.16 21.03
CA VAL A 226 -10.59 4.39 22.28
C VAL A 226 -11.48 3.24 22.56
N SER A 227 -11.34 2.63 23.73
CA SER A 227 -12.22 1.52 24.17
C SER A 227 -13.12 1.95 25.28
N VAL A 228 -14.37 1.48 25.23
CA VAL A 228 -15.40 1.90 26.19
C VAL A 228 -16.40 0.74 26.43
N ASN A 229 -17.09 0.78 27.57
CA ASN A 229 -18.13 -0.21 27.87
C ASN A 229 -19.50 0.44 27.90
N CYS A 230 -19.60 1.58 28.60
CA CYS A 230 -20.88 2.30 28.81
C CYS A 230 -21.64 2.62 27.52
N GLU A 231 -22.91 2.30 27.50
CA GLU A 231 -23.71 2.34 26.29
C GLU A 231 -23.90 3.77 25.82
N SER A 232 -24.38 4.64 26.70
CA SER A 232 -24.57 6.03 26.35
C SER A 232 -23.23 6.69 25.93
N LEU A 233 -22.14 6.31 26.60
CA LEU A 233 -20.83 6.88 26.32
C LEU A 233 -20.40 6.61 24.89
N HIS A 234 -20.44 5.34 24.50
CA HIS A 234 -20.22 4.89 23.13
C HIS A 234 -21.06 5.63 22.06
N ASN A 235 -22.39 5.74 22.22
CA ASN A 235 -23.19 6.47 21.22
C ASN A 235 -22.68 7.91 21.06
N ARG A 236 -22.33 8.53 22.19
CA ARG A 236 -21.78 9.87 22.19
C ARG A 236 -20.45 9.91 21.43
N LEU A 237 -19.51 9.06 21.83
CA LEU A 237 -18.26 8.89 21.10
C LEU A 237 -18.52 8.64 19.62
N ARG A 238 -19.46 7.76 19.30
CA ARG A 238 -19.66 7.33 17.92
C ARG A 238 -20.11 8.50 17.10
N PHE A 239 -20.93 9.34 17.73
CA PHE A 239 -21.46 10.54 17.13
C PHE A 239 -20.30 11.45 16.77
N LEU A 240 -19.47 11.71 17.76
CA LEU A 240 -18.29 12.57 17.59
C LEU A 240 -17.25 12.04 16.59
N GLN A 241 -17.09 10.72 16.54
CA GLN A 241 -16.18 10.12 15.55
C GLN A 241 -16.66 10.48 14.12
N ASN A 242 -17.97 10.55 13.94
CA ASN A 242 -18.55 10.84 12.67
C ASN A 242 -18.56 12.32 12.33
N SER A 243 -18.89 13.12 13.34
CA SER A 243 -19.09 14.53 13.15
C SER A 243 -17.78 15.31 13.06
N LEU A 244 -16.76 14.87 13.79
CA LEU A 244 -15.47 15.55 13.78
C LEU A 244 -14.60 15.06 12.62
N GLY A 245 -14.93 13.89 12.09
CA GLY A 245 -14.23 13.34 10.92
C GLY A 245 -12.72 13.11 11.00
N ALA A 246 -12.20 12.80 12.19
CA ALA A 246 -10.78 12.46 12.33
C ALA A 246 -10.58 10.93 12.27
N VAL A 247 -11.06 10.35 11.17
CA VAL A 247 -11.06 8.91 11.02
C VAL A 247 -9.74 8.45 10.44
N PRO A 248 -9.33 7.22 10.77
CA PRO A 248 -8.11 6.73 10.14
C PRO A 248 -8.36 6.19 8.74
N SER A 249 -7.32 6.21 7.92
CA SER A 249 -7.29 5.53 6.61
C SER A 249 -7.53 4.03 6.70
N PRO A 250 -8.40 3.49 5.84
CA PRO A 250 -8.63 2.02 5.87
C PRO A 250 -7.33 1.22 5.77
N ILE A 251 -6.34 1.76 5.06
CA ILE A 251 -5.10 1.04 4.90
C ILE A 251 -4.40 0.98 6.22
N ASP A 252 -4.38 2.10 6.92
CA ASP A 252 -3.74 2.19 8.23
C ASP A 252 -4.39 1.20 9.20
N CYS A 253 -5.72 1.11 9.13
CA CYS A 253 -6.47 0.14 9.90
C CYS A 253 -5.97 -1.26 9.60
N TYR A 254 -5.85 -1.60 8.32
CA TYR A 254 -5.30 -2.89 7.95
C TYR A 254 -3.94 -3.21 8.63
N LEU A 255 -3.04 -2.22 8.55
CA LEU A 255 -1.66 -2.29 9.03
C LEU A 255 -1.55 -2.41 10.56
N CYS A 256 -2.39 -1.67 11.26
CA CYS A 256 -2.41 -1.71 12.71
C CYS A 256 -2.96 -3.05 13.17
N ASN A 257 -4.01 -3.52 12.51
CA ASN A 257 -4.59 -4.82 12.80
C ASN A 257 -3.55 -5.94 12.55
N ARG A 258 -2.66 -5.68 11.61
CA ARG A 258 -1.65 -6.64 11.28
C ARG A 258 -0.60 -6.60 12.40
N GLY A 259 -0.33 -5.42 12.93
CA GLY A 259 0.63 -5.28 14.02
C GLY A 259 0.16 -6.00 15.27
N LEU A 260 -1.09 -5.75 15.62
CA LEU A 260 -1.76 -6.43 16.73
C LEU A 260 -1.57 -7.93 16.76
N LYS A 261 -1.29 -8.53 15.63
CA LYS A 261 -1.31 -9.98 15.59
C LYS A 261 -0.07 -10.51 16.29
N THR A 262 0.92 -9.63 16.43
CA THR A 262 2.14 -9.95 17.16
C THR A 262 2.27 -9.21 18.50
N LEU A 263 1.21 -8.53 18.92
CA LEU A 263 1.26 -7.83 20.18
C LEU A 263 1.81 -8.68 21.31
N HIS A 264 1.23 -9.85 21.55
CA HIS A 264 1.66 -10.68 22.70
C HIS A 264 3.13 -11.09 22.64
N VAL A 265 3.63 -11.49 21.46
CA VAL A 265 5.04 -11.85 21.38
C VAL A 265 5.94 -10.57 21.45
N ARG A 266 5.45 -9.46 20.92
CA ARG A 266 6.21 -8.22 21.00
C ARG A 266 6.30 -7.76 22.43
N MET A 267 5.15 -7.64 23.08
CA MET A 267 5.13 -7.15 24.45
C MET A 267 5.89 -8.05 25.39
N GLU A 268 5.88 -9.35 25.16
CA GLU A 268 6.70 -10.20 26.00
C GLU A 268 8.22 -9.99 25.82
N LYS A 269 8.72 -9.82 24.59
CA LYS A 269 10.16 -9.52 24.38
C LYS A 269 10.50 -8.13 24.89
N HIS A 270 9.62 -7.14 24.71
CA HIS A 270 9.83 -5.84 25.33
C HIS A 270 10.02 -6.00 26.85
N PHE A 271 9.22 -6.84 27.50
CA PHE A 271 9.33 -7.02 28.95
C PHE A 271 10.72 -7.55 29.37
N LYS A 272 11.19 -8.65 28.75
CA LYS A 272 12.52 -9.21 29.03
C LYS A 272 13.62 -8.18 28.76
N ASN A 273 13.58 -7.56 27.58
CA ASN A 273 14.63 -6.63 27.21
C ASN A 273 14.67 -5.41 28.12
N GLY A 274 13.52 -4.76 28.28
CA GLY A 274 13.34 -3.68 29.24
C GLY A 274 13.89 -4.06 30.60
N MET A 275 13.49 -5.21 31.09
CA MET A 275 13.90 -5.61 32.41
C MET A 275 15.43 -5.69 32.52
N ALA A 276 16.07 -6.31 31.54
CA ALA A 276 17.51 -6.51 31.54
C ALA A 276 18.22 -5.18 31.51
N VAL A 277 17.64 -4.24 30.76
CA VAL A 277 18.21 -2.90 30.61
C VAL A 277 18.07 -2.08 31.88
N ALA A 278 16.95 -2.22 32.60
CA ALA A 278 16.75 -1.51 33.86
C ALA A 278 17.75 -2.02 34.88
N GLN A 279 17.83 -3.36 35.00
CA GLN A 279 18.81 -4.02 35.86
C GLN A 279 20.24 -3.53 35.61
N PHE A 280 20.75 -3.72 34.40
CA PHE A 280 22.05 -3.21 34.00
C PHE A 280 22.30 -1.73 34.42
N LEU A 281 21.36 -0.86 34.08
CA LEU A 281 21.50 0.54 34.42
C LEU A 281 21.53 0.74 35.94
N GLU A 282 20.68 0.03 36.66
CA GLU A 282 20.65 0.22 38.09
C GLU A 282 21.97 -0.25 38.76
N SER A 283 22.70 -1.13 38.09
CA SER A 283 23.99 -1.59 38.58
C SER A 283 25.15 -0.80 38.08
N ASN A 284 24.91 0.13 37.17
CA ASN A 284 25.97 0.89 36.55
C ASN A 284 26.34 2.12 37.39
N PRO A 285 27.63 2.29 37.72
CA PRO A 285 27.99 3.37 38.64
C PRO A 285 27.93 4.76 38.00
N TRP A 286 27.69 4.84 36.68
CA TRP A 286 27.54 6.15 36.02
C TRP A 286 26.09 6.61 35.99
N VAL A 287 25.20 5.81 36.57
CA VAL A 287 23.78 6.12 36.53
C VAL A 287 23.28 6.58 37.90
N GLU A 288 22.65 7.74 37.96
CA GLU A 288 22.26 8.30 39.24
C GLU A 288 21.09 7.51 39.79
N LYS A 289 20.06 7.32 38.97
CA LYS A 289 18.84 6.69 39.39
C LYS A 289 18.08 6.11 38.19
N VAL A 290 17.37 5.02 38.41
CA VAL A 290 16.59 4.41 37.34
C VAL A 290 15.13 4.37 37.74
N ILE A 291 14.27 4.68 36.78
CA ILE A 291 12.82 4.55 37.00
C ILE A 291 12.23 3.51 36.05
N TYR A 292 11.83 2.38 36.61
CA TYR A 292 11.24 1.31 35.81
C TYR A 292 10.36 0.50 36.71
N PRO A 293 9.05 0.43 36.41
CA PRO A 293 8.01 -0.27 37.17
C PRO A 293 8.34 -1.70 37.55
N GLY A 294 9.09 -2.40 36.71
CA GLY A 294 9.40 -3.79 36.96
C GLY A 294 10.51 -3.97 37.95
N LEU A 295 11.09 -2.86 38.43
CA LEU A 295 12.15 -2.92 39.46
C LEU A 295 11.63 -2.67 40.89
N PRO A 296 12.12 -3.47 41.87
CA PRO A 296 11.69 -3.32 43.26
C PRO A 296 11.91 -1.92 43.78
N SER A 297 12.82 -1.20 43.15
CA SER A 297 13.16 0.11 43.67
C SER A 297 12.17 1.18 43.19
N HIS A 298 11.31 0.83 42.24
CA HIS A 298 10.22 1.73 41.90
C HIS A 298 9.28 1.89 43.09
N PRO A 299 9.01 3.15 43.52
CA PRO A 299 8.16 3.38 44.70
C PRO A 299 6.77 2.74 44.63
N GLN A 300 6.22 2.58 43.43
CA GLN A 300 4.98 1.85 43.23
C GLN A 300 5.15 0.43 42.72
N HIS A 301 6.33 -0.18 42.91
CA HIS A 301 6.51 -1.54 42.38
C HIS A 301 5.41 -2.49 42.81
N GLU A 302 5.08 -2.46 44.09
CA GLU A 302 4.10 -3.40 44.61
C GLU A 302 2.77 -3.16 43.85
N LEU A 303 2.36 -1.90 43.71
CA LEU A 303 1.14 -1.56 42.96
C LEU A 303 1.14 -2.09 41.52
N VAL A 304 2.28 -1.97 40.85
CA VAL A 304 2.41 -2.46 39.50
C VAL A 304 2.01 -3.94 39.40
N LYS A 305 2.39 -4.72 40.40
CA LYS A 305 2.08 -6.14 40.42
C LYS A 305 0.60 -6.46 40.70
N ARG A 306 -0.09 -5.62 41.46
CA ARG A 306 -1.51 -5.84 41.76
C ARG A 306 -2.36 -5.47 40.56
N GLN A 307 -1.82 -4.58 39.73
CA GLN A 307 -2.58 -3.89 38.72
C GLN A 307 -2.20 -4.32 37.29
N CYS A 308 -1.02 -4.93 37.11
CA CYS A 308 -0.54 -5.27 35.77
C CYS A 308 -0.05 -6.67 35.66
N THR A 309 -0.14 -7.25 34.47
CA THR A 309 0.43 -8.58 34.20
C THR A 309 1.94 -8.58 33.90
N GLY A 310 2.55 -7.41 33.77
CA GLY A 310 3.98 -7.32 33.39
C GLY A 310 4.41 -5.89 33.19
N CYS A 311 5.61 -5.67 32.63
CA CYS A 311 6.05 -4.31 32.25
C CYS A 311 6.55 -4.20 30.82
N THR A 312 6.73 -2.97 30.33
CA THR A 312 7.11 -2.77 28.94
C THR A 312 8.59 -2.49 28.77
N GLY A 313 8.96 -1.91 27.64
CA GLY A 313 10.35 -1.64 27.31
C GLY A 313 10.77 -0.22 27.61
N MET A 314 9.85 0.57 28.14
CA MET A 314 10.11 1.96 28.46
C MET A 314 10.92 2.03 29.72
N VAL A 315 12.17 2.45 29.60
CA VAL A 315 13.04 2.56 30.78
C VAL A 315 13.60 3.98 30.83
N THR A 316 13.31 4.72 31.91
CA THR A 316 13.86 6.07 32.04
C THR A 316 14.91 6.13 33.18
N PHE A 317 15.93 6.96 32.99
CA PHE A 317 16.97 7.06 33.99
C PHE A 317 17.64 8.43 33.98
N TYR A 318 18.45 8.69 35.01
CA TYR A 318 19.13 9.96 35.15
C TYR A 318 20.59 9.66 35.10
N ILE A 319 21.30 10.27 34.19
CA ILE A 319 22.70 10.02 34.11
C ILE A 319 23.39 10.87 35.21
N LYS A 320 24.48 10.39 35.75
CA LYS A 320 25.23 11.16 36.74
C LYS A 320 25.91 12.31 35.99
N GLY A 321 26.05 13.48 36.59
CA GLY A 321 26.67 14.62 35.87
C GLY A 321 25.70 15.69 35.37
N THR A 322 26.01 16.29 34.22
CA THR A 322 25.27 17.48 33.73
C THR A 322 24.76 17.20 32.34
N LEU A 323 24.18 18.21 31.68
CA LEU A 323 23.61 18.04 30.32
C LEU A 323 24.63 17.54 29.29
N GLN A 324 25.87 18.01 29.41
CA GLN A 324 26.95 17.52 28.59
C GLN A 324 27.02 15.99 28.58
N HIS A 325 27.06 15.37 29.76
CA HIS A 325 27.13 13.92 29.87
C HIS A 325 25.94 13.21 29.19
N ALA A 326 24.72 13.67 29.44
CA ALA A 326 23.56 13.12 28.72
C ALA A 326 23.83 13.17 27.24
N GLU A 327 24.36 14.32 26.78
CA GLU A 327 24.46 14.57 25.35
C GLU A 327 25.51 13.68 24.70
N ILE A 328 26.64 13.53 25.40
CA ILE A 328 27.75 12.71 24.91
C ILE A 328 27.30 11.27 24.90
N PHE A 329 26.64 10.86 25.99
CA PHE A 329 26.00 9.53 26.03
C PHE A 329 25.17 9.32 24.77
N LEU A 330 24.23 10.22 24.47
CA LEU A 330 23.37 10.01 23.28
C LEU A 330 24.18 9.98 21.99
N LYS A 331 25.16 10.86 21.86
CA LYS A 331 25.94 10.85 20.64
C LYS A 331 26.67 9.51 20.36
N ASN A 332 27.06 8.77 21.41
CA ASN A 332 27.82 7.51 21.26
C ASN A 332 26.98 6.23 21.14
N LEU A 333 25.68 6.33 21.37
CA LEU A 333 24.84 5.18 21.08
C LEU A 333 25.01 4.78 19.63
N LYS A 334 25.15 3.49 19.39
CA LYS A 334 25.37 2.99 18.04
C LYS A 334 24.31 1.96 17.63
N LEU A 335 23.53 1.49 18.61
CA LEU A 335 22.42 0.61 18.31
C LEU A 335 21.09 1.31 18.58
N PHE A 336 20.88 1.81 19.80
CA PHE A 336 19.74 2.71 20.07
C PHE A 336 19.81 3.86 19.09
N THR A 337 18.68 4.40 18.66
CA THR A 337 18.66 5.55 17.73
C THR A 337 18.12 6.78 18.43
N LEU A 338 18.72 7.93 18.19
CA LEU A 338 18.21 9.18 18.73
C LEU A 338 17.03 9.60 17.87
N ALA A 339 15.85 9.33 18.39
CA ALA A 339 14.63 9.68 17.71
C ALA A 339 13.52 9.92 18.73
N GLU A 340 12.47 10.58 18.25
CA GLU A 340 11.35 11.04 19.06
C GLU A 340 10.11 10.22 18.88
N SER A 341 10.09 8.96 19.27
CA SER A 341 8.82 8.24 19.42
C SER A 341 9.06 7.09 20.40
N LEU A 342 8.24 6.04 20.36
CA LEU A 342 8.42 4.90 21.28
C LEU A 342 7.58 3.68 20.94
N GLY A 343 7.95 2.58 21.57
CA GLY A 343 7.18 1.37 21.54
C GLY A 343 7.23 0.58 20.27
N GLY A 344 8.20 0.87 19.41
CA GLY A 344 8.36 0.12 18.16
C GLY A 344 9.37 -1.01 18.33
N PHE A 345 9.68 -1.68 17.23
CA PHE A 345 10.65 -2.74 17.31
C PHE A 345 12.12 -2.27 17.48
N GLU A 346 12.45 -1.06 17.00
CA GLU A 346 13.79 -0.49 17.14
C GLU A 346 14.01 0.23 18.47
N SER A 347 15.14 -0.02 19.11
CA SER A 347 15.51 0.67 20.36
C SER A 347 15.68 2.17 20.17
N LEU A 348 15.12 2.97 21.06
CA LEU A 348 15.15 4.43 20.84
C LEU A 348 15.57 5.16 22.09
N ALA A 349 16.24 6.29 21.92
CA ALA A 349 16.60 7.13 23.06
C ALA A 349 16.34 8.60 22.78
N GLU A 350 15.93 9.30 23.82
CA GLU A 350 15.72 10.71 23.71
C GLU A 350 15.88 11.35 25.07
N LEU A 351 15.82 12.68 25.08
CA LEU A 351 16.12 13.52 26.21
C LEU A 351 14.95 14.47 26.31
N PRO A 352 13.88 14.03 26.96
CA PRO A 352 12.59 14.69 27.04
C PRO A 352 12.62 16.21 27.20
N ALA A 353 13.53 16.75 28.02
CA ALA A 353 13.53 18.20 28.30
C ALA A 353 13.80 19.04 27.06
N ILE A 354 14.44 18.42 26.07
CA ILE A 354 14.84 19.15 24.86
C ILE A 354 14.06 18.69 23.64
N MET A 355 13.70 17.42 23.59
CA MET A 355 12.92 16.91 22.47
C MET A 355 11.44 16.72 22.79
N THR A 356 11.02 15.45 22.95
CA THR A 356 9.61 15.02 23.17
C THR A 356 8.72 15.84 24.13
N HIS A 357 9.33 16.58 25.06
CA HIS A 357 8.52 17.35 26.02
C HIS A 357 8.90 18.83 26.08
N ALA A 358 9.35 19.38 24.96
CA ALA A 358 9.62 20.81 24.81
C ALA A 358 8.33 21.64 24.92
N SER A 359 7.20 21.01 24.58
CA SER A 359 5.88 21.67 24.56
C SER A 359 5.28 21.86 25.96
N VAL A 360 5.92 21.24 26.95
CA VAL A 360 5.63 21.45 28.37
C VAL A 360 6.49 22.62 28.88
N LEU A 361 5.88 23.56 29.60
CA LEU A 361 6.62 24.73 30.11
C LEU A 361 7.89 24.35 30.90
N LYS A 362 8.94 25.17 30.78
CA LYS A 362 10.21 24.95 31.48
C LYS A 362 9.94 24.71 32.97
N ASN A 363 9.25 25.66 33.61
CA ASN A 363 8.85 25.58 35.03
C ASN A 363 8.02 24.33 35.41
N ASP A 364 7.18 23.86 34.48
CA ASP A 364 6.48 22.59 34.61
C ASP A 364 7.46 21.42 34.75
N ARG A 365 8.46 21.35 33.86
CA ARG A 365 9.44 20.23 33.86
C ARG A 365 10.28 20.15 35.14
N ASP A 366 10.75 21.30 35.62
CA ASP A 366 11.57 21.35 36.83
C ASP A 366 10.82 20.69 38.00
N VAL A 367 9.58 21.16 38.26
CA VAL A 367 8.69 20.54 39.25
C VAL A 367 8.46 19.04 38.99
N LEU A 368 8.30 18.66 37.71
CA LEU A 368 8.03 17.27 37.32
C LEU A 368 9.24 16.32 37.37
N GLY A 369 10.45 16.88 37.42
CA GLY A 369 11.68 16.08 37.39
C GLY A 369 12.24 15.78 36.01
N ILE A 370 11.66 16.39 34.98
CA ILE A 370 12.23 16.34 33.64
C ILE A 370 13.38 17.33 33.58
N SER A 371 14.55 16.88 34.02
CA SER A 371 15.71 17.75 34.04
C SER A 371 16.63 17.54 32.80
N ASP A 372 17.69 18.35 32.74
CA ASP A 372 18.75 18.22 31.75
C ASP A 372 19.30 16.79 31.66
N THR A 373 18.99 16.00 32.67
CA THR A 373 19.75 14.80 32.92
C THR A 373 18.91 13.51 32.77
N LEU A 374 17.64 13.67 32.44
CA LEU A 374 16.74 12.56 32.26
C LEU A 374 16.75 12.04 30.84
N ILE A 375 16.97 10.74 30.71
CA ILE A 375 16.99 10.06 29.43
C ILE A 375 15.88 9.02 29.43
N ARG A 376 15.08 9.00 28.37
CA ARG A 376 14.01 8.00 28.24
C ARG A 376 14.38 6.96 27.17
N LEU A 377 14.47 5.69 27.55
CA LEU A 377 14.67 4.62 26.54
C LEU A 377 13.38 3.95 26.18
N SER A 378 13.26 3.61 24.90
CA SER A 378 12.25 2.72 24.39
C SER A 378 13.03 1.49 23.95
N VAL A 379 12.96 0.43 24.71
CA VAL A 379 13.75 -0.73 24.36
C VAL A 379 13.00 -1.60 23.40
N GLY A 380 13.66 -1.98 22.30
CA GLY A 380 13.05 -2.79 21.25
C GLY A 380 13.39 -4.26 21.37
N LEU A 381 13.51 -4.93 20.23
CA LEU A 381 13.45 -6.36 20.17
C LEU A 381 14.76 -6.94 19.67
N GLU A 382 15.79 -6.10 19.65
CA GLU A 382 17.08 -6.57 19.29
C GLU A 382 17.58 -7.49 20.41
N ASP A 383 18.66 -8.22 20.13
CA ASP A 383 19.28 -9.10 21.11
C ASP A 383 19.73 -8.34 22.30
N GLU A 384 19.48 -8.91 23.47
CA GLU A 384 19.79 -8.27 24.74
C GLU A 384 21.28 -7.93 24.92
N GLU A 385 22.17 -8.81 24.46
CA GLU A 385 23.61 -8.69 24.64
C GLU A 385 24.11 -7.40 23.94
N ASP A 386 23.49 -7.08 22.81
CA ASP A 386 23.91 -5.96 21.99
C ASP A 386 23.41 -4.65 22.57
N LEU A 387 22.18 -4.65 23.01
CA LEU A 387 21.62 -3.47 23.66
C LEU A 387 22.40 -3.11 24.93
N LEU A 388 22.86 -4.11 25.68
CA LEU A 388 23.52 -3.82 26.95
C LEU A 388 24.88 -3.32 26.65
N GLU A 389 25.49 -3.93 25.66
CA GLU A 389 26.79 -3.53 25.20
C GLU A 389 26.77 -2.07 24.73
N ASP A 390 25.75 -1.69 23.99
CA ASP A 390 25.65 -0.35 23.41
C ASP A 390 25.51 0.69 24.52
N LEU A 391 24.80 0.35 25.58
CA LEU A 391 24.64 1.28 26.69
C LEU A 391 25.93 1.36 27.49
N ASP A 392 26.60 0.23 27.64
CA ASP A 392 27.83 0.16 28.42
C ASP A 392 28.86 1.12 27.86
N GLN A 393 29.05 0.97 26.54
CA GLN A 393 30.01 1.71 25.73
C GLN A 393 29.64 3.21 25.65
N ALA A 394 28.36 3.55 25.63
CA ALA A 394 27.95 4.93 25.58
C ALA A 394 28.23 5.62 26.92
N LEU A 395 27.99 4.90 28.01
CA LEU A 395 28.23 5.43 29.35
C LEU A 395 29.72 5.60 29.61
N LYS A 396 30.53 4.65 29.10
CA LYS A 396 31.96 4.68 29.31
C LYS A 396 32.52 5.92 28.65
N ALA A 397 31.95 6.27 27.50
CA ALA A 397 32.46 7.33 26.66
C ALA A 397 32.17 8.68 27.29
N ALA A 398 31.12 8.72 28.10
CA ALA A 398 30.66 9.97 28.69
C ALA A 398 31.36 10.22 30.02
N HIS A 399 32.11 9.22 30.48
CA HIS A 399 32.60 9.17 31.84
C HIS A 399 33.83 8.27 31.92
N PRO A 400 34.98 8.75 31.42
CA PRO A 400 36.14 7.83 31.44
C PRO A 400 36.88 7.84 32.78
N GLY B 11 -17.14 32.06 -23.16
CA GLY B 11 -16.49 33.28 -22.61
C GLY B 11 -16.25 33.14 -21.12
N PHE B 12 -15.69 32.02 -20.70
CA PHE B 12 -15.33 31.88 -19.31
C PHE B 12 -13.96 32.52 -19.09
N LEU B 13 -13.58 32.67 -17.83
CA LEU B 13 -12.20 32.99 -17.49
C LEU B 13 -11.26 32.10 -18.29
N PRO B 14 -10.22 32.68 -18.90
CA PRO B 14 -9.15 31.86 -19.46
C PRO B 14 -8.68 30.79 -18.47
N HIS B 15 -8.41 29.59 -18.99
CA HIS B 15 -7.84 28.49 -18.21
C HIS B 15 -6.55 28.96 -17.58
N PHE B 16 -6.37 28.63 -16.30
CA PHE B 16 -5.20 29.06 -15.55
C PHE B 16 -3.95 28.50 -16.20
N GLN B 17 -2.94 29.35 -16.40
CA GLN B 17 -1.72 28.92 -17.08
C GLN B 17 -0.91 27.94 -16.26
N HIS B 18 -0.30 26.99 -16.97
CA HIS B 18 0.64 25.99 -16.42
C HIS B 18 0.04 25.01 -15.45
N PHE B 19 -1.30 24.95 -15.36
CA PHE B 19 -1.99 24.05 -14.40
C PHE B 19 -1.53 22.58 -14.54
N ALA B 20 -1.68 22.01 -15.73
CA ALA B 20 -1.29 20.63 -15.97
C ALA B 20 0.17 20.41 -15.59
N THR B 21 1.03 21.37 -15.95
CA THR B 21 2.44 21.24 -15.70
C THR B 21 2.73 21.20 -14.19
N GLN B 22 2.07 22.10 -13.45
CA GLN B 22 2.28 22.14 -12.03
C GLN B 22 1.63 20.95 -11.33
N ALA B 23 0.48 20.49 -11.85
CA ALA B 23 -0.22 19.35 -11.26
C ALA B 23 0.65 18.12 -11.23
N ILE B 24 1.54 18.04 -12.22
CA ILE B 24 2.37 16.88 -12.48
C ILE B 24 3.73 17.03 -11.80
N HIS B 25 4.26 18.25 -11.67
CA HIS B 25 5.66 18.43 -11.23
C HIS B 25 5.88 19.09 -9.85
N VAL B 26 4.97 19.96 -9.41
CA VAL B 26 5.20 20.63 -8.14
C VAL B 26 5.16 19.60 -7.00
N GLY B 27 6.17 19.67 -6.10
CA GLY B 27 6.40 18.72 -5.04
C GLY B 27 6.99 17.39 -5.49
N GLN B 28 7.24 17.22 -6.79
CA GLN B 28 7.64 15.89 -7.26
C GLN B 28 9.08 15.86 -7.76
N ASP B 29 9.86 16.85 -7.34
CA ASP B 29 11.22 17.05 -7.82
C ASP B 29 12.06 15.85 -7.42
N PRO B 30 12.57 15.10 -8.40
CA PRO B 30 13.34 13.93 -8.04
C PRO B 30 14.61 14.25 -7.26
N GLU B 31 15.01 15.51 -7.20
CA GLU B 31 16.21 15.90 -6.47
C GLU B 31 16.02 15.80 -4.94
N GLN B 32 14.76 15.62 -4.52
CA GLN B 32 14.43 15.36 -3.12
C GLN B 32 14.90 14.01 -2.55
N TRP B 33 14.99 12.97 -3.39
CA TRP B 33 15.30 11.61 -2.91
C TRP B 33 16.67 11.18 -3.38
N THR B 34 17.48 10.63 -2.48
CA THR B 34 18.74 10.03 -2.84
C THR B 34 18.66 9.14 -4.11
N SER B 35 17.50 8.58 -4.43
CA SER B 35 17.41 7.71 -5.60
C SER B 35 17.08 8.47 -6.89
N ARG B 36 16.74 9.75 -6.75
CA ARG B 36 16.12 10.57 -7.82
C ARG B 36 14.89 9.90 -8.49
N ALA B 37 14.14 9.11 -7.72
CA ALA B 37 12.81 8.68 -8.13
C ALA B 37 11.94 9.82 -8.69
N VAL B 38 11.33 9.53 -9.81
CA VAL B 38 10.51 10.48 -10.54
C VAL B 38 9.15 10.71 -9.89
N VAL B 39 8.71 9.70 -9.13
CA VAL B 39 7.50 9.70 -8.34
C VAL B 39 7.96 9.57 -6.86
N PRO B 40 7.51 10.47 -5.96
CA PRO B 40 7.92 10.44 -4.56
C PRO B 40 7.61 9.11 -3.84
N PRO B 41 8.57 8.57 -3.05
CA PRO B 41 8.34 7.41 -2.18
C PRO B 41 7.23 7.69 -1.20
N ILE B 42 6.57 6.62 -0.75
CA ILE B 42 5.57 6.70 0.29
C ILE B 42 6.31 6.49 1.57
N SER B 43 6.40 7.53 2.39
CA SER B 43 7.11 7.40 3.66
C SER B 43 6.14 7.16 4.79
N LEU B 44 6.04 5.91 5.25
CA LEU B 44 5.18 5.58 6.38
C LEU B 44 5.84 5.89 7.73
N SER B 45 7.16 6.07 7.72
CA SER B 45 7.93 6.23 8.94
C SER B 45 7.34 7.26 9.89
N THR B 46 7.32 6.85 11.14
CA THR B 46 6.66 7.55 12.21
C THR B 46 7.69 8.46 12.92
N THR B 47 8.99 8.06 12.92
CA THR B 47 10.13 8.88 13.46
C THR B 47 11.29 9.01 12.52
N PHE B 48 12.20 9.88 12.89
CA PHE B 48 13.36 10.13 12.06
C PHE B 48 14.58 10.24 12.98
N LYS B 49 15.67 9.62 12.55
CA LYS B 49 16.94 9.76 13.24
C LYS B 49 17.27 11.24 13.38
N GLN B 50 17.69 11.65 14.57
CA GLN B 50 18.20 13.02 14.76
C GLN B 50 19.70 13.03 15.00
N GLY B 51 20.38 14.04 14.43
CA GLY B 51 21.81 14.21 14.59
C GLY B 51 22.21 14.58 16.01
N ALA B 52 21.38 15.36 16.70
CA ALA B 52 21.67 15.75 18.08
C ALA B 52 20.35 16.24 18.71
N PRO B 53 20.26 16.26 20.06
CA PRO B 53 18.95 16.51 20.63
C PRO B 53 18.50 17.95 20.40
N GLY B 54 17.28 18.11 19.88
CA GLY B 54 16.73 19.43 19.62
C GLY B 54 17.52 20.27 18.63
N GLN B 55 18.03 19.61 17.59
CA GLN B 55 18.54 20.31 16.42
C GLN B 55 17.34 20.96 15.76
N HIS B 56 17.55 22.10 15.12
CA HIS B 56 16.45 22.88 14.49
C HIS B 56 15.75 22.14 13.33
N SER B 57 16.47 21.18 12.72
CA SER B 57 16.24 20.81 11.33
C SER B 57 15.50 19.49 11.07
N GLY B 58 14.95 19.38 9.85
CA GLY B 58 14.41 18.13 9.30
C GLY B 58 13.13 17.57 9.93
N PHE B 59 12.69 16.43 9.43
CA PHE B 59 11.55 15.73 10.00
C PHE B 59 11.90 15.15 11.38
N GLU B 60 10.92 15.17 12.29
CA GLU B 60 11.08 14.55 13.60
C GLU B 60 9.96 13.56 13.98
N TYR B 61 8.72 13.89 13.64
CA TYR B 61 7.61 13.05 14.02
C TYR B 61 6.49 13.13 12.98
N SER B 62 6.01 11.99 12.51
CA SER B 62 5.06 11.93 11.38
C SER B 62 3.86 12.87 11.52
N ARG B 63 3.40 13.13 12.75
CA ARG B 63 2.25 14.04 13.00
C ARG B 63 2.14 15.31 12.12
N SER B 64 3.20 16.00 11.72
CA SER B 64 4.04 16.93 12.42
C SER B 64 4.60 17.87 11.33
N GLY B 65 5.01 17.42 10.13
CA GLY B 65 4.71 16.12 9.55
C GLY B 65 5.77 15.36 8.74
N ASN B 66 5.58 15.24 7.42
CA ASN B 66 6.27 14.16 6.67
C ASN B 66 6.43 14.33 5.17
N PRO B 67 7.42 13.64 4.58
CA PRO B 67 7.73 13.78 3.15
C PRO B 67 6.53 13.67 2.22
N THR B 68 5.76 12.60 2.35
CA THR B 68 4.69 12.30 1.40
C THR B 68 3.53 13.29 1.49
N ARG B 69 3.15 13.66 2.70
CA ARG B 69 2.14 14.67 2.94
C ARG B 69 2.62 16.00 2.37
N ASN B 70 3.88 16.32 2.67
CA ASN B 70 4.50 17.58 2.28
C ASN B 70 4.52 17.90 0.79
N CYS B 71 4.82 16.90 -0.02
CA CYS B 71 4.73 16.99 -1.45
C CYS B 71 3.31 17.28 -1.88
N LEU B 72 2.32 16.68 -1.21
CA LEU B 72 0.94 16.86 -1.66
C LEU B 72 0.50 18.29 -1.37
N GLU B 73 0.88 18.78 -0.21
CA GLU B 73 0.61 20.14 0.20
C GLU B 73 1.23 21.11 -0.80
N LYS B 74 2.46 20.83 -1.19
CA LYS B 74 3.10 21.72 -2.13
C LYS B 74 2.33 21.73 -3.42
N ALA B 75 1.95 20.56 -3.94
CA ALA B 75 1.22 20.56 -5.22
C ALA B 75 -0.14 21.25 -5.17
N VAL B 76 -0.94 20.98 -4.14
CA VAL B 76 -2.26 21.56 -4.07
C VAL B 76 -2.16 23.08 -3.95
N ALA B 77 -1.31 23.55 -3.06
CA ALA B 77 -1.04 24.99 -2.96
C ALA B 77 -0.77 25.64 -4.32
N ALA B 78 0.06 25.00 -5.14
CA ALA B 78 0.37 25.49 -6.48
C ALA B 78 -0.89 25.46 -7.32
N LEU B 79 -1.69 24.41 -7.18
CA LEU B 79 -2.87 24.31 -8.02
C LEU B 79 -3.93 25.34 -7.65
N ASP B 80 -4.02 25.69 -6.37
CA ASP B 80 -4.92 26.78 -5.92
C ASP B 80 -4.31 28.18 -6.16
N GLY B 81 -3.07 28.23 -6.64
CA GLY B 81 -2.33 29.48 -6.71
C GLY B 81 -2.04 30.10 -5.36
N ALA B 82 -1.94 29.26 -4.33
CA ALA B 82 -1.66 29.70 -2.97
C ALA B 82 -0.21 29.48 -2.58
N LYS B 83 0.21 30.20 -1.54
CA LYS B 83 1.52 29.98 -0.90
C LYS B 83 1.62 28.68 -0.12
N TYR B 84 0.54 28.30 0.57
CA TYR B 84 0.58 27.19 1.55
C TYR B 84 -0.62 26.26 1.41
N CYS B 85 -0.48 25.01 1.83
CA CYS B 85 -1.65 24.13 1.98
C CYS B 85 -1.45 23.15 3.13
N LEU B 86 -2.55 22.75 3.75
CA LEU B 86 -2.50 21.80 4.86
C LEU B 86 -3.45 20.66 4.58
N ALA B 87 -2.97 19.44 4.79
CA ALA B 87 -3.78 18.26 4.51
C ALA B 87 -4.33 17.63 5.79
N PHE B 88 -5.58 17.20 5.74
CA PHE B 88 -6.30 16.67 6.90
C PHE B 88 -6.91 15.34 6.62
N ALA B 89 -7.22 14.58 7.66
CA ALA B 89 -7.82 13.26 7.53
C ALA B 89 -9.16 13.21 6.76
N SER B 90 -9.85 14.35 6.63
CA SER B 90 -11.13 14.48 5.91
C SER B 90 -11.53 15.97 5.78
N GLY B 91 -12.56 16.26 4.96
CA GLY B 91 -13.15 17.59 4.86
C GLY B 91 -13.76 18.08 6.18
N LEU B 92 -14.48 17.22 6.88
CA LEU B 92 -14.98 17.62 8.19
C LEU B 92 -13.81 17.96 9.10
N ALA B 93 -12.77 17.13 9.10
CA ALA B 93 -11.67 17.39 10.03
C ALA B 93 -10.99 18.71 9.73
N ALA B 94 -10.93 19.07 8.44
CA ALA B 94 -10.48 20.40 8.04
C ALA B 94 -11.41 21.48 8.62
N THR B 95 -12.70 21.27 8.48
CA THR B 95 -13.64 22.25 8.99
C THR B 95 -13.44 22.49 10.49
N VAL B 96 -13.13 21.41 11.21
CA VAL B 96 -12.98 21.45 12.67
C VAL B 96 -11.70 22.19 13.04
N THR B 97 -10.61 21.88 12.33
CA THR B 97 -9.33 22.54 12.56
C THR B 97 -9.52 24.03 12.27
N ILE B 98 -10.18 24.34 11.15
CA ILE B 98 -10.44 25.73 10.83
C ILE B 98 -11.21 26.39 11.96
N THR B 99 -12.19 25.71 12.55
CA THR B 99 -12.96 26.46 13.52
C THR B 99 -12.19 26.58 14.81
N HIS B 100 -11.29 25.63 15.10
CA HIS B 100 -10.44 25.74 16.29
C HIS B 100 -9.51 26.99 16.23
N LEU B 101 -9.66 27.72 15.12
CA LEU B 101 -9.00 28.99 14.90
C LEU B 101 -9.64 30.08 15.78
N LEU B 102 -10.84 29.79 16.29
CA LEU B 102 -11.54 30.79 17.07
C LEU B 102 -11.43 30.56 18.57
N LYS B 103 -12.39 31.12 19.31
CA LYS B 103 -12.42 31.10 20.77
C LYS B 103 -13.84 31.37 21.23
N ALA B 104 -14.17 30.90 22.42
CA ALA B 104 -15.49 31.16 23.02
C ALA B 104 -15.78 32.67 22.94
N GLY B 105 -16.98 32.99 22.48
CA GLY B 105 -17.42 34.36 22.31
C GLY B 105 -17.38 34.87 20.87
N ASP B 106 -16.71 34.13 20.00
CA ASP B 106 -16.66 34.46 18.56
C ASP B 106 -17.96 34.05 17.86
N GLN B 107 -18.37 34.79 16.83
CA GLN B 107 -19.42 34.33 15.91
C GLN B 107 -18.88 33.86 14.54
N ILE B 108 -19.42 32.75 14.06
CA ILE B 108 -19.19 32.36 12.69
C ILE B 108 -20.53 32.58 11.94
N ILE B 109 -20.44 32.95 10.67
CA ILE B 109 -21.63 33.04 9.81
C ILE B 109 -21.49 31.98 8.73
N CYS B 110 -22.51 31.16 8.61
CA CYS B 110 -22.50 30.12 7.64
C CYS B 110 -23.59 30.33 6.61
N MET B 111 -23.35 29.81 5.42
CA MET B 111 -24.29 29.84 4.33
C MET B 111 -25.61 29.10 4.62
N ASP B 112 -26.68 29.53 3.97
CA ASP B 112 -28.00 28.88 4.14
C ASP B 112 -27.98 27.43 3.66
N ASP B 113 -27.58 27.19 2.41
CA ASP B 113 -27.73 25.85 1.79
C ASP B 113 -26.46 25.02 1.90
N VAL B 114 -25.83 25.02 3.07
CA VAL B 114 -24.49 24.48 3.23
C VAL B 114 -24.54 22.95 3.36
N TYR B 115 -23.43 22.30 3.00
CA TYR B 115 -23.32 20.85 3.02
C TYR B 115 -23.70 20.30 4.40
N GLY B 116 -24.60 19.32 4.41
CA GLY B 116 -25.06 18.64 5.64
C GLY B 116 -24.00 18.45 6.72
N GLY B 117 -22.81 17.99 6.32
CA GLY B 117 -21.68 17.83 7.25
C GLY B 117 -21.26 19.06 8.05
N THR B 118 -20.88 20.14 7.35
CA THR B 118 -20.43 21.35 8.04
C THR B 118 -21.59 21.91 8.88
N ASN B 119 -22.81 21.74 8.36
CA ASN B 119 -23.99 22.14 9.08
C ASN B 119 -24.06 21.44 10.44
N ARG B 120 -24.11 20.12 10.41
CA ARG B 120 -24.21 19.28 11.59
C ARG B 120 -23.13 19.63 12.63
N TYR B 121 -21.88 19.76 12.20
CA TYR B 121 -20.81 20.13 13.10
C TYR B 121 -20.99 21.51 13.77
N PHE B 122 -21.39 22.52 12.99
CA PHE B 122 -21.60 23.87 13.49
C PHE B 122 -22.75 23.95 14.50
N ARG B 123 -23.91 23.48 14.05
CA ARG B 123 -25.13 23.57 14.83
C ARG B 123 -25.03 22.67 16.05
N GLN B 124 -24.54 21.45 15.87
CA GLN B 124 -24.59 20.44 16.94
C GLN B 124 -23.34 20.30 17.85
N VAL B 125 -22.18 20.73 17.38
CA VAL B 125 -20.96 20.52 18.14
C VAL B 125 -20.24 21.84 18.49
N ALA B 126 -19.99 22.66 17.49
CA ALA B 126 -19.20 23.86 17.69
C ALA B 126 -19.90 24.89 18.58
N SER B 127 -21.23 24.89 18.53
CA SER B 127 -22.05 25.84 19.26
C SER B 127 -21.94 25.60 20.77
N GLU B 128 -21.67 24.35 21.13
CA GLU B 128 -21.65 23.88 22.52
C GLU B 128 -20.48 24.43 23.34
N PHE B 129 -19.60 25.16 22.66
CA PHE B 129 -18.37 25.64 23.25
C PHE B 129 -18.20 27.17 23.15
N GLY B 130 -19.33 27.89 23.09
CA GLY B 130 -19.35 29.36 23.09
C GLY B 130 -19.11 30.07 21.75
N LEU B 131 -19.41 29.37 20.66
CA LEU B 131 -19.40 30.00 19.36
C LEU B 131 -20.83 30.21 18.95
N LYS B 132 -21.18 31.45 18.63
CA LYS B 132 -22.48 31.71 18.03
C LYS B 132 -22.38 31.31 16.55
N ILE B 133 -23.28 30.43 16.10
CA ILE B 133 -23.46 30.23 14.67
C ILE B 133 -24.77 30.89 14.31
N SER B 134 -24.78 31.55 13.16
CA SER B 134 -26.03 32.07 12.63
C SER B 134 -25.95 31.93 11.14
N PHE B 135 -27.03 31.46 10.51
CA PHE B 135 -27.03 31.10 9.08
C PHE B 135 -27.63 32.17 8.25
N VAL B 136 -27.24 32.26 6.98
CA VAL B 136 -27.66 33.39 6.12
C VAL B 136 -27.64 33.05 4.64
N ASP B 137 -28.63 33.56 3.90
CA ASP B 137 -28.60 33.49 2.44
C ASP B 137 -27.55 34.46 1.90
N CYS B 138 -26.45 33.90 1.40
CA CYS B 138 -25.41 34.73 0.81
C CYS B 138 -25.62 34.89 -0.69
N SER B 139 -26.76 34.43 -1.17
CA SER B 139 -27.09 34.48 -2.58
C SER B 139 -27.39 35.91 -2.94
N LYS B 140 -27.64 36.69 -1.89
CA LYS B 140 -27.88 38.12 -1.96
C LYS B 140 -26.95 38.80 -0.96
N ILE B 141 -26.14 39.72 -1.46
CA ILE B 141 -24.98 40.25 -0.76
C ILE B 141 -25.35 41.21 0.40
N LYS B 142 -26.41 42.00 0.23
CA LYS B 142 -26.87 42.90 1.29
C LYS B 142 -27.33 42.16 2.55
N LEU B 143 -27.75 40.91 2.39
CA LEU B 143 -28.12 40.06 3.52
C LEU B 143 -26.93 39.71 4.40
N LEU B 144 -25.78 39.53 3.78
CA LEU B 144 -24.53 39.27 4.48
C LEU B 144 -24.03 40.50 5.26
N GLU B 145 -24.09 41.68 4.65
CA GLU B 145 -23.88 42.94 5.38
C GLU B 145 -24.61 42.84 6.71
N ALA B 146 -25.93 42.87 6.66
CA ALA B 146 -26.76 42.97 7.85
C ALA B 146 -26.35 42.02 8.99
N ALA B 147 -25.88 40.82 8.66
CA ALA B 147 -25.57 39.81 9.67
C ALA B 147 -24.26 40.03 10.45
N ILE B 148 -23.33 40.81 9.88
CA ILE B 148 -22.00 41.03 10.47
C ILE B 148 -22.08 41.75 11.83
N THR B 149 -21.31 41.21 12.79
CA THR B 149 -21.37 41.56 14.21
C THR B 149 -19.94 41.92 14.65
N PRO B 150 -19.80 42.85 15.61
CA PRO B 150 -18.50 43.12 16.25
C PRO B 150 -17.69 41.87 16.66
N GLU B 151 -18.39 40.73 16.81
CA GLU B 151 -17.79 39.43 17.11
C GLU B 151 -17.68 38.46 15.91
N THR B 152 -18.19 38.85 14.72
CA THR B 152 -18.08 37.99 13.54
C THR B 152 -16.59 37.75 13.24
N LYS B 153 -16.21 36.48 13.23
CA LYS B 153 -14.82 36.12 13.07
C LYS B 153 -14.55 35.19 11.87
N LEU B 154 -15.61 34.56 11.34
CA LEU B 154 -15.52 33.62 10.22
C LEU B 154 -16.77 33.66 9.33
N VAL B 155 -16.58 33.63 8.01
CA VAL B 155 -17.71 33.50 7.09
C VAL B 155 -17.49 32.33 6.14
N TRP B 156 -18.44 31.39 6.16
CA TRP B 156 -18.28 30.10 5.50
C TRP B 156 -19.19 30.01 4.28
N ILE B 157 -18.59 29.96 3.10
CA ILE B 157 -19.33 29.92 1.84
C ILE B 157 -18.98 28.69 0.99
N GLU B 158 -19.94 28.27 0.17
CA GLU B 158 -19.81 27.08 -0.65
C GLU B 158 -20.52 27.35 -1.98
N THR B 159 -19.80 27.20 -3.10
CA THR B 159 -20.39 27.51 -4.41
C THR B 159 -19.76 26.72 -5.57
N PRO B 160 -20.58 26.20 -6.49
CA PRO B 160 -22.04 26.20 -6.45
C PRO B 160 -22.48 25.43 -5.24
N THR B 161 -23.64 25.77 -4.69
CA THR B 161 -24.14 24.96 -3.60
C THR B 161 -24.57 23.61 -4.16
N ASN B 162 -24.70 22.65 -3.26
CA ASN B 162 -25.11 21.31 -3.61
C ASN B 162 -26.34 20.99 -2.76
N PRO B 163 -27.44 20.58 -3.38
CA PRO B 163 -27.72 20.26 -4.76
C PRO B 163 -28.45 21.31 -5.60
N THR B 164 -28.93 22.40 -5.01
CA THR B 164 -29.72 23.35 -5.78
C THR B 164 -28.86 24.19 -6.70
N GLN B 165 -27.54 24.13 -6.47
CA GLN B 165 -26.54 24.69 -7.37
C GLN B 165 -26.57 26.22 -7.51
N LYS B 166 -26.97 26.92 -6.45
CA LYS B 166 -26.85 28.36 -6.45
C LYS B 166 -25.39 28.85 -6.43
N VAL B 167 -25.11 29.89 -7.20
CA VAL B 167 -23.77 30.42 -7.34
C VAL B 167 -23.62 31.70 -6.51
N ILE B 168 -22.50 31.78 -5.78
CA ILE B 168 -22.24 32.85 -4.87
C ILE B 168 -21.10 33.71 -5.40
N ASP B 169 -21.35 35.01 -5.48
CA ASP B 169 -20.35 35.94 -5.95
C ASP B 169 -19.27 36.03 -4.88
N ILE B 170 -18.18 35.30 -5.12
CA ILE B 170 -17.12 35.15 -4.13
C ILE B 170 -16.46 36.48 -3.86
N GLU B 171 -16.09 37.17 -4.94
CA GLU B 171 -15.38 38.42 -4.85
C GLU B 171 -16.25 39.46 -4.15
N GLY B 172 -17.53 39.48 -4.47
CA GLY B 172 -18.48 40.37 -3.82
C GLY B 172 -18.44 40.23 -2.31
N CYS B 173 -18.58 38.98 -1.83
CA CYS B 173 -18.55 38.67 -0.39
C CYS B 173 -17.22 39.02 0.27
N ALA B 174 -16.14 38.93 -0.52
CA ALA B 174 -14.82 39.27 -0.04
C ALA B 174 -14.69 40.77 0.33
N HIS B 175 -15.27 41.67 -0.46
CA HIS B 175 -15.18 43.09 -0.14
C HIS B 175 -16.03 43.44 1.08
N ILE B 176 -17.26 42.94 1.08
CA ILE B 176 -18.18 43.11 2.19
C ILE B 176 -17.51 42.65 3.48
N VAL B 177 -16.98 41.42 3.45
CA VAL B 177 -16.43 40.83 4.66
C VAL B 177 -15.13 41.48 5.14
N HIS B 178 -14.28 41.87 4.20
CA HIS B 178 -12.98 42.44 4.54
C HIS B 178 -13.05 43.90 5.02
N LYS B 179 -14.16 44.57 4.78
CA LYS B 179 -14.38 45.96 5.25
C LYS B 179 -14.53 46.08 6.75
N HIS B 180 -14.74 44.95 7.43
CA HIS B 180 -15.05 44.96 8.85
C HIS B 180 -13.93 44.44 9.75
N GLY B 181 -12.69 44.44 9.25
CA GLY B 181 -11.55 43.75 9.93
C GLY B 181 -12.17 42.39 10.01
N ASP B 182 -11.91 41.58 11.04
CA ASP B 182 -10.66 40.88 11.23
C ASP B 182 -11.27 39.50 10.95
N ILE B 183 -11.86 39.34 9.78
CA ILE B 183 -12.66 38.16 9.59
C ILE B 183 -12.23 37.31 8.41
N ILE B 184 -12.32 36.01 8.62
CA ILE B 184 -11.84 35.03 7.68
C ILE B 184 -12.99 34.67 6.75
N LEU B 185 -12.72 34.71 5.45
CA LEU B 185 -13.65 34.16 4.46
C LEU B 185 -13.12 32.80 4.00
N VAL B 186 -13.90 31.74 4.28
CA VAL B 186 -13.60 30.40 3.80
C VAL B 186 -14.53 30.12 2.65
N VAL B 187 -14.00 29.60 1.55
CA VAL B 187 -14.79 29.08 0.44
C VAL B 187 -14.53 27.59 0.25
N ASP B 188 -15.62 26.81 0.33
CA ASP B 188 -15.56 25.39 0.12
C ASP B 188 -15.61 25.10 -1.37
N ASN B 189 -14.44 24.80 -1.93
CA ASN B 189 -14.27 24.65 -3.36
C ASN B 189 -14.33 23.21 -3.79
N THR B 190 -14.86 22.35 -2.92
CA THR B 190 -14.97 20.91 -3.17
C THR B 190 -15.55 20.52 -4.53
N PHE B 191 -16.55 21.26 -4.99
CA PHE B 191 -17.32 20.85 -6.19
C PHE B 191 -16.89 21.52 -7.47
N MET B 192 -15.90 22.39 -7.41
CA MET B 192 -15.35 22.96 -8.61
C MET B 192 -13.98 22.39 -8.88
N SER B 193 -13.20 22.25 -7.82
CA SER B 193 -11.76 21.98 -7.92
C SER B 193 -11.06 23.20 -8.48
N PRO B 194 -9.78 23.38 -8.13
CA PRO B 194 -9.00 24.58 -8.54
C PRO B 194 -8.73 24.70 -10.04
N TYR B 195 -8.99 23.64 -10.80
CA TYR B 195 -8.98 23.70 -12.26
C TYR B 195 -10.02 24.71 -12.78
N PHE B 196 -11.18 24.79 -12.13
CA PHE B 196 -12.30 25.63 -12.59
C PHE B 196 -12.52 26.89 -11.78
N GLN B 197 -12.10 26.88 -10.52
CA GLN B 197 -12.33 28.03 -9.64
C GLN B 197 -11.19 28.22 -8.61
N ARG B 198 -10.68 29.45 -8.52
CA ARG B 198 -9.67 29.83 -7.52
C ARG B 198 -10.19 30.92 -6.59
N PRO B 199 -10.81 30.51 -5.49
CA PRO B 199 -11.33 31.43 -4.50
C PRO B 199 -10.32 32.39 -3.94
N LEU B 200 -9.06 31.96 -3.79
CA LEU B 200 -8.03 32.86 -3.29
C LEU B 200 -7.74 34.01 -4.24
N ALA B 201 -7.67 33.73 -5.55
CA ALA B 201 -7.49 34.76 -6.56
C ALA B 201 -8.72 35.66 -6.55
N LEU B 202 -9.79 35.18 -5.92
CA LEU B 202 -10.99 35.96 -5.90
C LEU B 202 -11.12 36.77 -4.63
N GLY B 203 -10.28 36.46 -3.64
CA GLY B 203 -10.26 37.24 -2.41
C GLY B 203 -10.64 36.46 -1.14
N ALA B 204 -10.96 35.18 -1.26
CA ALA B 204 -11.20 34.40 -0.05
C ALA B 204 -9.90 34.33 0.75
N ASP B 205 -10.00 34.14 2.06
CA ASP B 205 -8.82 33.98 2.89
C ASP B 205 -8.37 32.53 2.86
N ILE B 206 -9.35 31.62 2.79
CA ILE B 206 -9.11 30.17 2.77
C ILE B 206 -9.93 29.52 1.65
N SER B 207 -9.34 28.52 1.00
CA SER B 207 -9.95 27.77 -0.05
C SER B 207 -9.88 26.32 0.43
N MET B 208 -11.05 25.80 0.81
CA MET B 208 -11.14 24.53 1.48
C MET B 208 -11.66 23.44 0.52
N TYR B 209 -11.17 22.21 0.71
CA TYR B 209 -11.66 21.04 -0.03
C TYR B 209 -11.97 19.86 0.86
N SER B 210 -13.01 19.15 0.44
CA SER B 210 -13.16 17.72 0.69
C SER B 210 -12.59 17.02 -0.58
N ALA B 211 -11.33 16.57 -0.52
CA ALA B 211 -10.63 15.94 -1.64
C ALA B 211 -11.22 14.62 -2.03
N THR B 212 -11.93 13.99 -1.10
CA THR B 212 -12.76 12.81 -1.34
C THR B 212 -13.51 12.83 -2.68
N LYS B 213 -13.90 14.02 -3.13
CA LYS B 213 -14.68 14.21 -4.34
C LYS B 213 -13.83 14.32 -5.63
N TYR B 214 -13.72 15.51 -6.21
CA TYR B 214 -13.09 15.73 -7.52
C TYR B 214 -11.54 15.72 -7.56
N MET B 215 -10.92 16.32 -6.56
CA MET B 215 -9.45 16.36 -6.41
C MET B 215 -8.83 15.00 -6.59
N ASN B 216 -9.36 14.01 -5.89
CA ASN B 216 -8.83 12.66 -5.99
C ASN B 216 -9.53 11.98 -7.13
N GLY B 217 -10.86 12.21 -7.19
CA GLY B 217 -11.74 11.73 -8.24
C GLY B 217 -11.85 10.22 -8.40
N HIS B 218 -11.20 9.46 -7.52
CA HIS B 218 -11.16 8.01 -7.69
C HIS B 218 -11.94 7.24 -6.61
N SER B 219 -12.61 7.98 -5.73
CA SER B 219 -13.64 7.42 -4.84
C SER B 219 -13.06 6.41 -3.91
N ASP B 220 -11.82 6.65 -3.49
CA ASP B 220 -11.12 5.68 -2.65
C ASP B 220 -10.19 6.36 -1.66
N VAL B 221 -10.38 7.66 -1.47
CA VAL B 221 -9.69 8.44 -0.44
C VAL B 221 -10.66 9.39 0.25
N VAL B 222 -10.61 9.41 1.58
CA VAL B 222 -11.20 10.49 2.37
C VAL B 222 -10.05 11.41 2.84
N MET B 223 -10.20 12.71 2.61
CA MET B 223 -9.08 13.64 2.71
C MET B 223 -9.64 15.04 2.58
N GLY B 224 -9.24 15.91 3.50
CA GLY B 224 -9.49 17.35 3.44
C GLY B 224 -8.24 18.18 3.13
N LEU B 225 -8.46 19.38 2.60
CA LEU B 225 -7.38 20.24 2.12
C LEU B 225 -7.72 21.68 2.35
N VAL B 226 -6.77 22.43 2.89
CA VAL B 226 -6.95 23.84 3.19
C VAL B 226 -5.80 24.61 2.56
N SER B 227 -6.12 25.53 1.66
CA SER B 227 -5.10 26.38 1.02
C SER B 227 -5.25 27.80 1.51
N VAL B 228 -4.14 28.49 1.72
CA VAL B 228 -4.12 29.77 2.42
C VAL B 228 -2.92 30.60 1.89
N ASN B 229 -2.99 31.91 2.06
CA ASN B 229 -1.90 32.81 1.66
C ASN B 229 -1.33 33.52 2.86
N CYS B 230 -2.20 34.14 3.65
CA CYS B 230 -1.84 34.93 4.80
C CYS B 230 -0.89 34.19 5.74
N GLU B 231 0.22 34.85 6.05
CA GLU B 231 1.30 34.30 6.85
C GLU B 231 0.83 33.83 8.23
N SER B 232 0.22 34.74 9.01
CA SER B 232 -0.19 34.42 10.37
C SER B 232 -1.28 33.35 10.40
N LEU B 233 -2.21 33.44 9.48
CA LEU B 233 -3.27 32.43 9.34
C LEU B 233 -2.70 31.02 9.01
N HIS B 234 -1.70 30.98 8.16
CA HIS B 234 -1.00 29.74 7.93
C HIS B 234 -0.39 29.27 9.25
N ASN B 235 0.36 30.13 9.94
CA ASN B 235 1.03 29.65 11.14
C ASN B 235 0.03 29.08 12.15
N ARG B 236 -1.07 29.79 12.36
CA ARG B 236 -2.12 29.35 13.27
C ARG B 236 -2.68 27.98 12.83
N LEU B 237 -3.09 27.88 11.57
CA LEU B 237 -3.54 26.63 10.99
C LEU B 237 -2.54 25.45 11.20
N ARG B 238 -1.27 25.69 10.97
CA ARG B 238 -0.24 24.63 11.07
C ARG B 238 -0.15 24.11 12.52
N PHE B 239 -0.28 25.03 13.47
CA PHE B 239 -0.28 24.72 14.88
C PHE B 239 -1.45 23.80 15.23
N LEU B 240 -2.64 24.10 14.71
CA LEU B 240 -3.79 23.22 14.89
C LEU B 240 -3.66 21.87 14.14
N GLN B 241 -3.03 21.90 12.97
CA GLN B 241 -2.72 20.65 12.28
C GLN B 241 -1.95 19.73 13.25
N ASN B 242 -0.86 20.21 13.86
CA ASN B 242 -0.02 19.35 14.67
C ASN B 242 -0.65 18.98 16.03
N SER B 243 -1.39 19.92 16.61
CA SER B 243 -1.91 19.77 17.95
C SER B 243 -3.25 19.03 18.08
N LEU B 244 -4.10 19.12 17.07
CA LEU B 244 -5.33 18.35 17.11
C LEU B 244 -5.14 16.99 16.43
N GLY B 245 -4.18 16.88 15.53
CA GLY B 245 -3.84 15.60 14.95
C GLY B 245 -4.82 14.92 14.02
N ALA B 246 -5.77 15.66 13.42
CA ALA B 246 -6.70 15.10 12.43
C ALA B 246 -6.01 14.96 11.06
N VAL B 247 -5.12 14.00 11.01
CA VAL B 247 -4.04 14.04 10.06
C VAL B 247 -4.16 12.92 9.01
N PRO B 248 -3.73 13.19 7.76
CA PRO B 248 -3.84 12.17 6.69
C PRO B 248 -2.81 11.07 6.77
N SER B 249 -3.20 9.85 6.45
CA SER B 249 -2.22 8.78 6.26
C SER B 249 -1.35 9.09 5.04
N PRO B 250 -0.02 8.89 5.17
CA PRO B 250 0.90 9.04 4.04
C PRO B 250 0.45 8.37 2.75
N ILE B 251 -0.25 7.25 2.85
CA ILE B 251 -0.65 6.49 1.67
C ILE B 251 -1.81 7.18 0.98
N ASP B 252 -2.72 7.75 1.78
CA ASP B 252 -3.82 8.54 1.26
C ASP B 252 -3.24 9.76 0.59
N CYS B 253 -2.25 10.36 1.25
CA CYS B 253 -1.51 11.46 0.64
C CYS B 253 -1.01 11.11 -0.74
N TYR B 254 -0.39 9.95 -0.83
CA TYR B 254 0.13 9.46 -2.08
C TYR B 254 -0.96 9.27 -3.10
N LEU B 255 -2.06 8.63 -2.70
CA LEU B 255 -3.13 8.28 -3.64
C LEU B 255 -3.86 9.51 -4.22
N CYS B 256 -4.05 10.51 -3.36
CA CYS B 256 -4.64 11.78 -3.75
C CYS B 256 -3.68 12.56 -4.66
N ASN B 257 -2.40 12.55 -4.34
CA ASN B 257 -1.43 13.16 -5.25
C ASN B 257 -1.49 12.42 -6.62
N ARG B 258 -1.64 11.09 -6.57
CA ARG B 258 -1.68 10.31 -7.79
C ARG B 258 -2.88 10.79 -8.60
N GLY B 259 -3.99 11.08 -7.91
CA GLY B 259 -5.23 11.38 -8.60
C GLY B 259 -5.19 12.76 -9.21
N LEU B 260 -4.51 13.66 -8.50
CA LEU B 260 -4.27 15.03 -8.98
C LEU B 260 -3.67 15.07 -10.37
N LYS B 261 -2.78 14.12 -10.65
CA LYS B 261 -2.07 14.06 -11.93
C LYS B 261 -3.03 13.99 -13.11
N THR B 262 -4.31 13.68 -12.88
CA THR B 262 -5.24 13.66 -13.99
C THR B 262 -6.42 14.57 -13.76
N LEU B 263 -6.30 15.46 -12.80
CA LEU B 263 -7.39 16.37 -12.53
C LEU B 263 -7.77 17.14 -13.80
N HIS B 264 -6.79 17.71 -14.49
CA HIS B 264 -7.07 18.41 -15.75
C HIS B 264 -7.84 17.59 -16.81
N VAL B 265 -7.41 16.36 -17.06
CA VAL B 265 -8.07 15.60 -18.10
C VAL B 265 -9.39 15.04 -17.58
N ARG B 266 -9.44 14.79 -16.27
CA ARG B 266 -10.71 14.33 -15.70
C ARG B 266 -11.75 15.44 -15.72
N MET B 267 -11.41 16.64 -15.23
CA MET B 267 -12.35 17.79 -15.23
C MET B 267 -12.82 18.24 -16.61
N GLU B 268 -11.95 18.21 -17.62
CA GLU B 268 -12.42 18.54 -18.97
C GLU B 268 -13.52 17.57 -19.39
N LYS B 269 -13.30 16.28 -19.13
CA LYS B 269 -14.30 15.27 -19.46
C LYS B 269 -15.61 15.37 -18.66
N HIS B 270 -15.54 15.68 -17.37
CA HIS B 270 -16.75 15.91 -16.56
C HIS B 270 -17.57 17.03 -17.15
N PHE B 271 -16.90 18.10 -17.54
CA PHE B 271 -17.53 19.30 -18.10
C PHE B 271 -18.16 18.91 -19.42
N LYS B 272 -17.36 18.31 -20.28
CA LYS B 272 -17.86 17.89 -21.58
C LYS B 272 -19.13 17.06 -21.42
N ASN B 273 -19.07 16.02 -20.57
CA ASN B 273 -20.18 15.10 -20.38
C ASN B 273 -21.37 15.73 -19.66
N GLY B 274 -21.07 16.56 -18.68
CA GLY B 274 -22.08 17.27 -17.89
C GLY B 274 -22.86 18.23 -18.77
N MET B 275 -22.13 18.98 -19.60
CA MET B 275 -22.76 19.84 -20.57
C MET B 275 -23.70 19.03 -21.47
N ALA B 276 -23.25 17.89 -21.97
CA ALA B 276 -24.07 17.09 -22.89
C ALA B 276 -25.33 16.56 -22.19
N VAL B 277 -25.18 16.12 -20.94
CA VAL B 277 -26.33 15.64 -20.19
C VAL B 277 -27.32 16.81 -19.96
N ALA B 278 -26.76 17.99 -19.65
CA ALA B 278 -27.58 19.15 -19.32
C ALA B 278 -28.41 19.56 -20.50
N GLN B 279 -27.77 19.71 -21.65
CA GLN B 279 -28.46 20.05 -22.89
C GLN B 279 -29.47 19.00 -23.31
N PHE B 280 -29.17 17.73 -23.06
CA PHE B 280 -30.14 16.65 -23.31
C PHE B 280 -31.39 16.79 -22.46
N LEU B 281 -31.21 17.02 -21.17
CA LEU B 281 -32.37 17.21 -20.26
C LEU B 281 -33.18 18.46 -20.59
N GLU B 282 -32.50 19.57 -20.84
CA GLU B 282 -33.16 20.82 -21.19
C GLU B 282 -33.95 20.68 -22.51
N SER B 283 -33.63 19.65 -23.28
CA SER B 283 -34.35 19.33 -24.48
C SER B 283 -35.60 18.49 -24.24
N ASN B 284 -35.59 17.74 -23.15
CA ASN B 284 -36.57 16.70 -22.94
C ASN B 284 -37.88 17.22 -22.32
N PRO B 285 -39.01 16.98 -23.01
CA PRO B 285 -40.35 17.40 -22.56
C PRO B 285 -40.79 16.80 -21.22
N TRP B 286 -40.15 15.70 -20.79
CA TRP B 286 -40.41 15.08 -19.47
C TRP B 286 -39.58 15.67 -18.33
N VAL B 287 -38.73 16.66 -18.64
CA VAL B 287 -37.96 17.32 -17.64
C VAL B 287 -38.62 18.69 -17.47
N GLU B 288 -39.15 18.96 -16.27
CA GLU B 288 -39.64 20.29 -15.95
C GLU B 288 -38.54 21.32 -16.11
N LYS B 289 -37.37 21.06 -15.52
CA LYS B 289 -36.37 22.12 -15.31
C LYS B 289 -34.99 21.56 -15.04
N VAL B 290 -33.98 22.20 -15.62
CA VAL B 290 -32.58 21.83 -15.39
C VAL B 290 -31.82 22.96 -14.71
N ILE B 291 -31.11 22.62 -13.64
CA ILE B 291 -30.21 23.56 -13.00
C ILE B 291 -28.80 23.09 -13.24
N TYR B 292 -28.07 23.84 -14.08
CA TYR B 292 -26.67 23.59 -14.48
C TYR B 292 -25.98 24.90 -14.85
N PRO B 293 -24.91 25.26 -14.13
CA PRO B 293 -24.24 26.57 -14.27
C PRO B 293 -23.75 26.90 -15.69
N GLY B 294 -23.37 25.89 -16.46
CA GLY B 294 -23.00 26.10 -17.85
C GLY B 294 -24.14 26.40 -18.84
N LEU B 295 -25.39 26.42 -18.40
CA LEU B 295 -26.47 26.80 -19.28
C LEU B 295 -26.76 28.29 -19.23
N PRO B 296 -26.99 28.91 -20.40
CA PRO B 296 -27.51 30.29 -20.40
C PRO B 296 -28.80 30.40 -19.62
N SER B 297 -29.46 29.26 -19.38
CA SER B 297 -30.73 29.21 -18.63
C SER B 297 -30.57 29.34 -17.09
N HIS B 298 -29.32 29.29 -16.62
CA HIS B 298 -29.05 29.32 -15.19
C HIS B 298 -29.01 30.77 -14.66
N PRO B 299 -29.78 31.04 -13.58
CA PRO B 299 -30.03 32.43 -13.19
C PRO B 299 -28.77 33.20 -12.78
N GLN B 300 -27.69 32.50 -12.43
CA GLN B 300 -26.39 33.15 -12.22
C GLN B 300 -25.35 32.81 -13.29
N HIS B 301 -25.79 32.52 -14.52
CA HIS B 301 -24.86 32.11 -15.59
C HIS B 301 -23.77 33.13 -15.83
N GLU B 302 -24.10 34.41 -15.74
CA GLU B 302 -23.11 35.43 -16.04
C GLU B 302 -22.00 35.53 -14.99
N LEU B 303 -22.39 35.44 -13.71
CA LEU B 303 -21.45 35.40 -12.62
C LEU B 303 -20.46 34.27 -12.85
N VAL B 304 -20.99 33.13 -13.26
CA VAL B 304 -20.24 31.90 -13.50
C VAL B 304 -19.07 32.07 -14.48
N LYS B 305 -19.34 32.71 -15.63
CA LYS B 305 -18.32 33.00 -16.62
C LYS B 305 -17.27 34.03 -16.18
N ARG B 306 -17.63 34.97 -15.31
CA ARG B 306 -16.64 35.89 -14.74
C ARG B 306 -15.79 35.28 -13.64
N GLN B 307 -16.26 34.18 -13.06
CA GLN B 307 -15.69 33.62 -11.84
C GLN B 307 -15.05 32.23 -12.03
N CYS B 308 -15.50 31.50 -13.06
CA CYS B 308 -15.03 30.14 -13.29
C CYS B 308 -14.48 29.97 -14.69
N THR B 309 -13.63 28.99 -14.88
CA THR B 309 -13.10 28.69 -16.21
C THR B 309 -13.94 27.64 -16.95
N GLY B 310 -14.90 27.07 -16.25
CA GLY B 310 -15.83 26.10 -16.80
C GLY B 310 -16.63 25.46 -15.69
N CYS B 311 -17.27 24.33 -15.97
CA CYS B 311 -18.17 23.70 -15.03
C CYS B 311 -17.89 22.22 -14.91
N THR B 312 -18.70 21.57 -14.12
CA THR B 312 -18.39 20.32 -13.52
C THR B 312 -19.38 19.27 -14.03
N GLY B 313 -19.33 18.06 -13.50
CA GLY B 313 -20.28 17.04 -13.91
C GLY B 313 -21.55 16.97 -13.09
N MET B 314 -21.76 17.93 -12.20
CA MET B 314 -22.95 17.98 -11.37
C MET B 314 -24.16 18.60 -12.09
N VAL B 315 -25.14 17.78 -12.41
CA VAL B 315 -26.37 18.26 -13.04
C VAL B 315 -27.57 17.95 -12.16
N THR B 316 -28.35 18.98 -11.84
CA THR B 316 -29.61 18.79 -11.10
C THR B 316 -30.78 19.00 -12.02
N PHE B 317 -31.81 18.17 -11.87
CA PHE B 317 -33.02 18.39 -12.69
C PHE B 317 -34.29 18.03 -11.98
N TYR B 318 -35.39 18.59 -12.45
CA TYR B 318 -36.71 18.22 -11.95
C TYR B 318 -37.47 17.52 -13.06
N ILE B 319 -37.92 16.33 -12.76
CA ILE B 319 -38.68 15.52 -13.68
C ILE B 319 -40.19 15.89 -13.66
N LYS B 320 -40.88 15.79 -14.78
CA LYS B 320 -42.32 16.07 -14.78
C LYS B 320 -43.10 14.99 -14.05
N GLY B 321 -44.12 15.36 -13.30
CA GLY B 321 -44.94 14.37 -12.64
C GLY B 321 -44.63 14.45 -11.18
N THR B 322 -44.70 13.33 -10.49
CA THR B 322 -44.36 13.31 -9.08
C THR B 322 -43.24 12.38 -8.67
N LEU B 323 -43.15 12.23 -7.36
CA LEU B 323 -42.21 11.35 -6.74
C LEU B 323 -42.21 9.98 -7.39
N GLN B 324 -43.41 9.41 -7.64
CA GLN B 324 -43.50 8.13 -8.36
C GLN B 324 -42.66 8.12 -9.64
N HIS B 325 -42.85 9.12 -10.48
CA HIS B 325 -42.12 9.25 -11.74
C HIS B 325 -40.60 9.36 -11.52
N ALA B 326 -40.19 10.14 -10.52
CA ALA B 326 -38.78 10.19 -10.11
C ALA B 326 -38.25 8.80 -9.73
N GLU B 327 -39.04 8.04 -8.98
CA GLU B 327 -38.57 6.73 -8.54
C GLU B 327 -38.47 5.75 -9.70
N ILE B 328 -39.46 5.76 -10.60
CA ILE B 328 -39.43 4.85 -11.72
C ILE B 328 -38.17 5.09 -12.58
N PHE B 329 -37.92 6.36 -12.91
CA PHE B 329 -36.68 6.79 -13.53
C PHE B 329 -35.44 6.27 -12.78
N LEU B 330 -35.28 6.62 -11.51
CA LEU B 330 -34.08 6.19 -10.77
C LEU B 330 -33.91 4.68 -10.79
N LYS B 331 -35.02 3.96 -10.67
CA LYS B 331 -35.00 2.52 -10.56
C LYS B 331 -34.67 1.88 -11.90
N ASN B 332 -34.84 2.62 -12.99
CA ASN B 332 -34.62 2.07 -14.35
C ASN B 332 -33.29 2.49 -14.97
N LEU B 333 -32.52 3.27 -14.25
CA LEU B 333 -31.18 3.58 -14.69
C LEU B 333 -30.35 2.30 -14.73
N LYS B 334 -29.68 2.07 -15.87
CA LYS B 334 -28.80 0.92 -16.08
C LYS B 334 -27.32 1.28 -16.04
N LEU B 335 -26.98 2.53 -16.31
CA LEU B 335 -25.59 2.95 -16.28
C LEU B 335 -25.26 3.75 -15.01
N PHE B 336 -26.04 4.81 -14.74
CA PHE B 336 -25.93 5.61 -13.51
C PHE B 336 -26.22 4.75 -12.30
N THR B 337 -25.38 4.83 -11.27
CA THR B 337 -25.53 4.04 -10.06
C THR B 337 -26.29 4.86 -9.01
N LEU B 338 -27.21 4.24 -8.28
CA LEU B 338 -27.82 4.90 -7.13
C LEU B 338 -26.86 4.86 -5.97
N ALA B 339 -26.34 6.02 -5.60
CA ALA B 339 -25.42 6.11 -4.46
C ALA B 339 -25.35 7.55 -3.97
N GLU B 340 -24.84 7.75 -2.76
CA GLU B 340 -24.99 9.04 -2.09
C GLU B 340 -23.78 9.99 -2.16
N SER B 341 -22.80 9.69 -3.02
CA SER B 341 -21.59 10.51 -3.09
C SER B 341 -21.55 11.41 -4.33
N LEU B 342 -20.34 11.70 -4.82
CA LEU B 342 -20.12 12.49 -6.06
C LEU B 342 -18.66 12.80 -6.36
N GLY B 343 -18.41 13.34 -7.55
CA GLY B 343 -17.07 13.74 -7.94
C GLY B 343 -16.12 12.61 -8.30
N GLY B 344 -16.68 11.43 -8.52
CA GLY B 344 -15.87 10.29 -8.93
C GLY B 344 -15.92 10.06 -10.42
N PHE B 345 -15.24 9.02 -10.88
CA PHE B 345 -15.17 8.74 -12.31
C PHE B 345 -16.44 8.05 -12.83
N GLU B 346 -17.26 7.57 -11.91
CA GLU B 346 -18.48 6.85 -12.21
C GLU B 346 -19.66 7.80 -12.16
N SER B 347 -20.71 7.53 -12.92
CA SER B 347 -21.91 8.37 -12.88
C SER B 347 -22.90 7.89 -11.81
N LEU B 348 -23.32 8.82 -10.96
CA LEU B 348 -24.25 8.52 -9.86
C LEU B 348 -25.50 9.37 -9.96
N ALA B 349 -26.64 8.79 -9.60
CA ALA B 349 -27.90 9.52 -9.58
C ALA B 349 -28.44 9.37 -8.17
N GLU B 350 -29.23 10.34 -7.74
CA GLU B 350 -29.63 10.44 -6.34
C GLU B 350 -30.87 11.32 -6.19
N LEU B 351 -31.77 10.90 -5.31
CA LEU B 351 -32.95 11.68 -4.92
C LEU B 351 -32.70 12.32 -3.54
N PRO B 352 -32.14 13.56 -3.52
CA PRO B 352 -31.57 14.22 -2.32
C PRO B 352 -32.54 14.58 -1.20
N ALA B 353 -33.84 14.48 -1.45
CA ALA B 353 -34.83 14.67 -0.38
C ALA B 353 -34.98 13.36 0.41
N ILE B 354 -34.88 12.24 -0.32
CA ILE B 354 -35.10 10.88 0.22
C ILE B 354 -33.88 9.98 -0.04
N ILE B 370 -35.54 21.57 -3.36
CA ILE B 370 -35.28 20.22 -2.87
C ILE B 370 -36.62 19.47 -2.61
N SER B 371 -37.46 19.39 -3.65
CA SER B 371 -38.82 18.81 -3.55
C SER B 371 -38.91 17.34 -3.96
N ASP B 372 -40.14 16.81 -3.91
CA ASP B 372 -40.49 15.45 -4.34
C ASP B 372 -39.76 15.02 -5.61
N THR B 373 -39.47 15.99 -6.45
CA THR B 373 -39.26 15.72 -7.85
C THR B 373 -37.80 15.99 -8.28
N LEU B 374 -36.98 16.48 -7.35
CA LEU B 374 -35.61 16.85 -7.64
C LEU B 374 -34.63 15.68 -7.66
N ILE B 375 -33.94 15.54 -8.79
CA ILE B 375 -32.94 14.48 -9.00
C ILE B 375 -31.57 15.11 -9.17
N ARG B 376 -30.56 14.52 -8.52
CA ARG B 376 -29.16 14.94 -8.72
C ARG B 376 -28.28 13.92 -9.44
N LEU B 377 -27.58 14.39 -10.47
CA LEU B 377 -26.63 13.56 -11.20
C LEU B 377 -25.23 14.01 -10.90
N SER B 378 -24.35 13.02 -10.72
CA SER B 378 -22.94 13.26 -10.75
C SER B 378 -22.46 12.58 -12.03
N VAL B 379 -22.27 13.35 -13.10
CA VAL B 379 -21.95 12.76 -14.41
C VAL B 379 -20.44 12.44 -14.45
N GLY B 380 -20.12 11.23 -14.89
CA GLY B 380 -18.78 10.70 -14.80
C GLY B 380 -18.03 10.81 -16.13
N LEU B 381 -17.11 9.87 -16.38
CA LEU B 381 -16.23 9.86 -17.55
C LEU B 381 -16.56 8.72 -18.56
N GLU B 382 -17.66 8.02 -18.37
CA GLU B 382 -18.10 7.03 -19.38
C GLU B 382 -18.42 7.71 -20.74
N ASP B 383 -18.64 6.94 -21.80
CA ASP B 383 -19.02 7.48 -23.12
C ASP B 383 -20.31 8.27 -23.12
N GLU B 384 -20.26 9.45 -23.74
CA GLU B 384 -21.41 10.34 -23.92
C GLU B 384 -22.67 9.60 -24.42
N GLU B 385 -22.55 8.88 -25.54
CA GLU B 385 -23.68 8.20 -26.18
C GLU B 385 -24.43 7.36 -25.13
N ASP B 386 -23.64 6.68 -24.29
CA ASP B 386 -24.18 5.75 -23.31
C ASP B 386 -24.94 6.42 -22.18
N LEU B 387 -24.40 7.52 -21.69
CA LEU B 387 -24.99 8.25 -20.61
C LEU B 387 -26.32 8.83 -21.08
N LEU B 388 -26.33 9.39 -22.29
CA LEU B 388 -27.55 9.93 -22.89
C LEU B 388 -28.60 8.85 -23.14
N GLU B 389 -28.18 7.72 -23.71
CA GLU B 389 -29.11 6.62 -23.95
C GLU B 389 -29.73 6.11 -22.66
N ASP B 390 -28.95 6.08 -21.57
CA ASP B 390 -29.42 5.54 -20.32
C ASP B 390 -30.48 6.48 -19.70
N LEU B 391 -30.27 7.78 -19.86
CA LEU B 391 -31.18 8.76 -19.31
C LEU B 391 -32.46 8.70 -20.09
N ASP B 392 -32.30 8.54 -21.39
CA ASP B 392 -33.43 8.62 -22.30
C ASP B 392 -34.36 7.46 -22.06
N GLN B 393 -33.74 6.31 -21.82
CA GLN B 393 -34.42 5.06 -21.60
C GLN B 393 -35.11 5.08 -20.22
N ALA B 394 -34.46 5.68 -19.23
CA ALA B 394 -35.07 5.80 -17.89
C ALA B 394 -36.26 6.78 -17.85
N LEU B 395 -36.16 7.89 -18.57
CA LEU B 395 -37.28 8.84 -18.71
C LEU B 395 -38.46 8.19 -19.40
N LYS B 396 -38.19 7.36 -20.40
CA LYS B 396 -39.28 6.65 -21.09
C LYS B 396 -40.00 5.63 -20.18
N ALA B 397 -39.26 4.94 -19.32
CA ALA B 397 -39.89 4.03 -18.38
C ALA B 397 -40.84 4.81 -17.50
N ALA B 398 -40.39 5.95 -16.97
CA ALA B 398 -41.24 6.82 -16.16
C ALA B 398 -42.47 7.28 -16.95
N HIS B 399 -42.27 7.66 -18.21
CA HIS B 399 -43.32 8.27 -19.01
C HIS B 399 -43.47 7.58 -20.36
N PRO B 400 -44.24 6.48 -20.41
CA PRO B 400 -44.53 5.75 -21.66
C PRO B 400 -45.28 6.67 -22.65
N PRO B 401 -45.39 6.31 -23.96
CA PRO B 401 -45.81 5.27 -24.89
C PRO B 401 -46.87 4.27 -24.37
N GLY C 11 -9.30 10.40 -40.88
CA GLY C 11 -9.10 9.14 -41.70
C GLY C 11 -8.77 7.93 -40.84
N PHE C 12 -8.76 8.12 -39.52
CA PHE C 12 -8.49 7.02 -38.58
C PHE C 12 -9.70 6.11 -38.43
N LEU C 13 -9.43 4.86 -38.05
CA LEU C 13 -10.43 3.92 -37.58
C LEU C 13 -11.30 4.57 -36.52
N PRO C 14 -12.65 4.49 -36.65
CA PRO C 14 -13.51 5.19 -35.70
C PRO C 14 -13.30 4.59 -34.31
N HIS C 15 -13.27 5.44 -33.28
CA HIS C 15 -13.10 4.97 -31.89
C HIS C 15 -14.02 3.83 -31.48
N PHE C 16 -13.52 2.94 -30.63
CA PHE C 16 -14.29 1.82 -30.13
C PHE C 16 -15.45 2.20 -29.23
N GLN C 17 -16.65 1.78 -29.62
CA GLN C 17 -17.83 2.02 -28.80
C GLN C 17 -17.68 1.44 -27.41
N HIS C 18 -18.24 2.18 -26.45
CA HIS C 18 -18.34 1.81 -25.02
C HIS C 18 -17.01 1.73 -24.25
N PHE C 19 -15.89 2.11 -24.87
CA PHE C 19 -14.55 1.90 -24.25
C PHE C 19 -14.39 2.43 -22.82
N ALA C 20 -14.80 3.68 -22.60
CA ALA C 20 -14.70 4.31 -21.28
C ALA C 20 -15.63 3.66 -20.29
N THR C 21 -16.86 3.41 -20.70
CA THR C 21 -17.87 2.79 -19.86
C THR C 21 -17.36 1.48 -19.31
N GLN C 22 -16.82 0.65 -20.21
CA GLN C 22 -16.22 -0.63 -19.84
C GLN C 22 -15.00 -0.46 -18.94
N ALA C 23 -14.18 0.54 -19.23
CA ALA C 23 -12.97 0.77 -18.45
C ALA C 23 -13.40 1.07 -17.01
N ILE C 24 -14.41 1.92 -16.90
CA ILE C 24 -14.95 2.26 -15.61
C ILE C 24 -15.67 1.09 -14.90
N HIS C 25 -16.55 0.39 -15.60
CA HIS C 25 -17.51 -0.53 -14.96
C HIS C 25 -17.24 -2.02 -14.96
N VAL C 26 -16.40 -2.51 -15.88
CA VAL C 26 -16.18 -3.98 -15.99
C VAL C 26 -15.28 -4.53 -14.88
N GLY C 27 -15.69 -5.69 -14.34
CA GLY C 27 -15.00 -6.37 -13.25
C GLY C 27 -15.29 -5.65 -11.94
N GLN C 28 -16.05 -4.57 -12.04
CA GLN C 28 -16.20 -3.58 -10.96
C GLN C 28 -17.61 -3.57 -10.34
N ASP C 29 -18.44 -4.55 -10.69
CA ASP C 29 -19.84 -4.58 -10.22
C ASP C 29 -19.91 -4.78 -8.69
N PRO C 30 -20.53 -3.82 -7.98
CA PRO C 30 -20.80 -3.85 -6.53
C PRO C 30 -21.47 -5.12 -5.99
N GLU C 31 -22.35 -5.73 -6.80
CA GLU C 31 -23.05 -6.97 -6.42
C GLU C 31 -22.11 -8.11 -6.01
N GLN C 32 -20.82 -7.93 -6.27
CA GLN C 32 -19.77 -8.91 -5.97
C GLN C 32 -19.36 -9.01 -4.50
N TRP C 33 -19.58 -7.94 -3.74
CA TRP C 33 -19.10 -7.84 -2.35
C TRP C 33 -20.27 -7.72 -1.39
N THR C 34 -20.02 -8.08 -0.13
CA THR C 34 -20.98 -7.87 0.97
C THR C 34 -21.16 -6.37 1.21
N SER C 35 -20.11 -5.60 0.91
CA SER C 35 -20.13 -4.15 1.10
C SER C 35 -21.06 -3.43 0.13
N ARG C 36 -21.11 -3.88 -1.13
CA ARG C 36 -21.75 -3.15 -2.27
C ARG C 36 -20.83 -2.03 -2.80
N ALA C 37 -19.57 -2.06 -2.41
CA ALA C 37 -18.61 -1.00 -2.78
C ALA C 37 -18.38 -0.81 -4.29
N VAL C 38 -18.21 0.45 -4.66
CA VAL C 38 -18.03 0.88 -6.04
C VAL C 38 -16.62 0.58 -6.56
N VAL C 39 -15.65 0.76 -5.68
CA VAL C 39 -14.29 0.42 -5.95
C VAL C 39 -14.08 -0.88 -5.19
N PRO C 40 -13.61 -1.96 -5.89
CA PRO C 40 -13.34 -3.28 -5.29
C PRO C 40 -12.28 -3.22 -4.17
N PRO C 41 -12.56 -3.91 -3.05
CA PRO C 41 -11.55 -4.05 -1.97
C PRO C 41 -10.26 -4.74 -2.45
N ILE C 42 -9.15 -4.43 -1.79
CA ILE C 42 -7.87 -5.07 -2.09
C ILE C 42 -7.73 -6.27 -1.18
N SER C 43 -7.61 -7.46 -1.77
CA SER C 43 -7.55 -8.66 -0.95
C SER C 43 -6.10 -9.12 -0.93
N LEU C 44 -5.40 -8.76 0.13
CA LEU C 44 -4.02 -9.13 0.27
C LEU C 44 -3.82 -10.58 0.60
N SER C 45 -4.83 -11.24 1.15
CA SER C 45 -4.61 -12.55 1.75
C SER C 45 -4.27 -13.68 0.81
N THR C 46 -3.39 -14.55 1.32
CA THR C 46 -2.80 -15.65 0.58
C THR C 46 -3.63 -16.95 0.66
N THR C 47 -4.45 -17.08 1.70
CA THR C 47 -5.32 -18.27 1.83
C THR C 47 -6.79 -17.92 1.99
N PHE C 48 -7.63 -18.96 1.90
CA PHE C 48 -9.08 -18.81 1.91
C PHE C 48 -9.63 -20.03 2.62
N LYS C 49 -10.58 -19.81 3.54
CA LYS C 49 -11.20 -20.90 4.26
C LYS C 49 -11.93 -21.82 3.27
N GLN C 50 -11.71 -23.12 3.43
CA GLN C 50 -12.39 -24.09 2.60
C GLN C 50 -13.52 -24.74 3.39
N GLY C 51 -14.68 -24.87 2.71
CA GLY C 51 -15.88 -25.44 3.31
C GLY C 51 -15.79 -26.94 3.54
N ALA C 52 -14.81 -27.57 2.89
CA ALA C 52 -14.57 -29.00 3.02
C ALA C 52 -13.43 -29.26 2.06
N PRO C 53 -12.65 -30.33 2.31
CA PRO C 53 -11.36 -30.54 1.62
C PRO C 53 -11.42 -30.62 0.07
N GLY C 54 -12.46 -31.22 -0.50
CA GLY C 54 -12.52 -31.37 -1.97
C GLY C 54 -13.09 -30.22 -2.82
N GLN C 55 -13.36 -29.07 -2.17
CA GLN C 55 -14.12 -27.94 -2.75
C GLN C 55 -13.78 -27.61 -4.21
N GLY C 58 -14.53 -21.81 -4.99
CA GLY C 58 -14.19 -20.42 -4.68
C GLY C 58 -12.73 -20.05 -4.92
N PHE C 59 -12.13 -19.36 -3.96
CA PHE C 59 -10.69 -19.13 -3.98
C PHE C 59 -10.01 -20.12 -3.03
N GLU C 60 -8.79 -20.54 -3.39
CA GLU C 60 -8.02 -21.43 -2.52
C GLU C 60 -6.58 -20.98 -2.21
N TYR C 61 -5.90 -20.37 -3.18
CA TYR C 61 -4.54 -19.86 -2.97
C TYR C 61 -4.24 -18.65 -3.82
N SER C 62 -3.77 -17.59 -3.16
CA SER C 62 -3.67 -16.25 -3.77
C SER C 62 -3.01 -16.21 -5.17
N ARG C 63 -1.95 -17.00 -5.34
CA ARG C 63 -1.18 -17.04 -6.57
C ARG C 63 -1.98 -17.62 -7.77
N SER C 64 -3.12 -18.26 -7.48
CA SER C 64 -3.89 -19.01 -8.51
C SER C 64 -5.04 -18.36 -9.33
N GLY C 65 -5.76 -17.33 -8.85
CA GLY C 65 -5.47 -16.54 -7.68
C GLY C 65 -6.61 -15.91 -6.89
N ASN C 66 -6.89 -14.62 -7.11
CA ASN C 66 -7.55 -13.80 -6.09
C ASN C 66 -8.51 -12.77 -6.66
N PRO C 67 -9.36 -12.16 -5.80
CA PRO C 67 -10.42 -11.26 -6.27
C PRO C 67 -9.92 -10.05 -7.02
N THR C 68 -8.84 -9.45 -6.55
CA THR C 68 -8.36 -8.18 -7.10
C THR C 68 -7.61 -8.38 -8.45
N ARG C 69 -6.77 -9.40 -8.55
CA ARG C 69 -6.21 -9.75 -9.83
C ARG C 69 -7.32 -10.04 -10.84
N ASN C 70 -8.38 -10.73 -10.40
CA ASN C 70 -9.49 -11.11 -11.30
C ASN C 70 -10.24 -9.90 -11.88
N CYS C 71 -10.53 -8.90 -11.03
CA CYS C 71 -11.19 -7.67 -11.50
C CYS C 71 -10.37 -7.00 -12.56
N LEU C 72 -9.07 -6.85 -12.30
CA LEU C 72 -8.19 -6.19 -13.26
C LEU C 72 -8.29 -6.95 -14.57
N GLU C 73 -8.20 -8.27 -14.45
CA GLU C 73 -8.20 -9.16 -15.60
C GLU C 73 -9.51 -9.09 -16.40
N LYS C 74 -10.66 -9.03 -15.75
CA LYS C 74 -11.91 -8.95 -16.54
C LYS C 74 -11.95 -7.63 -17.31
N ALA C 75 -11.50 -6.56 -16.66
CA ALA C 75 -11.45 -5.23 -17.28
C ALA C 75 -10.52 -5.15 -18.49
N VAL C 76 -9.33 -5.70 -18.40
CA VAL C 76 -8.39 -5.60 -19.51
C VAL C 76 -8.82 -6.42 -20.73
N ALA C 77 -9.39 -7.59 -20.48
CA ALA C 77 -10.00 -8.34 -21.54
C ALA C 77 -11.02 -7.45 -22.30
N ALA C 78 -11.96 -6.89 -21.57
CA ALA C 78 -13.02 -6.05 -22.12
C ALA C 78 -12.49 -4.99 -23.05
N LEU C 79 -11.45 -4.28 -22.59
CA LEU C 79 -10.86 -3.18 -23.33
C LEU C 79 -10.13 -3.72 -24.52
N ASP C 80 -9.60 -4.93 -24.41
CA ASP C 80 -8.98 -5.54 -25.56
C ASP C 80 -9.96 -6.17 -26.49
N GLY C 81 -11.24 -6.12 -26.12
CA GLY C 81 -12.30 -6.87 -26.78
C GLY C 81 -12.10 -8.37 -26.73
N ALA C 82 -11.49 -8.85 -25.64
CA ALA C 82 -11.04 -10.25 -25.51
C ALA C 82 -11.97 -11.07 -24.64
N LYS C 83 -11.93 -12.40 -24.74
CA LYS C 83 -12.66 -13.23 -23.75
C LYS C 83 -11.89 -13.34 -22.42
N TYR C 84 -10.56 -13.32 -22.48
CA TYR C 84 -9.74 -13.57 -21.29
C TYR C 84 -8.54 -12.63 -21.17
N CYS C 85 -8.14 -12.31 -19.95
CA CYS C 85 -6.87 -11.67 -19.75
C CYS C 85 -6.10 -12.26 -18.60
N LEU C 86 -4.78 -12.25 -18.70
CA LEU C 86 -3.91 -12.75 -17.64
C LEU C 86 -2.88 -11.70 -17.26
N ALA C 87 -2.59 -11.62 -15.96
CA ALA C 87 -1.76 -10.54 -15.41
C ALA C 87 -0.45 -11.08 -14.83
N PHE C 88 0.66 -10.36 -14.98
CA PHE C 88 1.94 -10.89 -14.55
C PHE C 88 2.80 -9.86 -13.85
N ALA C 89 3.87 -10.28 -13.20
CA ALA C 89 4.77 -9.39 -12.46
C ALA C 89 5.32 -8.22 -13.27
N SER C 90 5.42 -8.39 -14.59
CA SER C 90 6.07 -7.42 -15.45
C SER C 90 5.85 -7.88 -16.88
N GLY C 91 6.10 -7.01 -17.85
CA GLY C 91 5.98 -7.34 -19.25
C GLY C 91 6.92 -8.46 -19.62
N LEU C 92 8.15 -8.45 -19.10
CA LEU C 92 9.07 -9.59 -19.36
C LEU C 92 8.55 -10.89 -18.77
N ALA C 93 7.91 -10.86 -17.62
CA ALA C 93 7.35 -12.11 -17.07
C ALA C 93 6.21 -12.65 -17.96
N ALA C 94 5.45 -11.72 -18.55
CA ALA C 94 4.41 -12.08 -19.48
C ALA C 94 5.03 -12.74 -20.68
N THR C 95 6.15 -12.20 -21.13
CA THR C 95 6.84 -12.65 -22.31
C THR C 95 7.38 -14.04 -22.05
N VAL C 96 8.08 -14.19 -20.93
CA VAL C 96 8.75 -15.42 -20.54
C VAL C 96 7.72 -16.50 -20.36
N THR C 97 6.60 -16.15 -19.74
CA THR C 97 5.50 -17.08 -19.59
C THR C 97 4.97 -17.49 -20.96
N ILE C 98 4.77 -16.53 -21.86
CA ILE C 98 4.26 -16.83 -23.20
C ILE C 98 5.22 -17.77 -23.92
N THR C 99 6.51 -17.53 -23.79
CA THR C 99 7.39 -18.43 -24.44
C THR C 99 7.36 -19.85 -23.83
N HIS C 100 6.92 -19.97 -22.59
CA HIS C 100 6.82 -21.29 -21.97
C HIS C 100 5.70 -22.16 -22.54
N LEU C 101 4.87 -21.57 -23.41
CA LEU C 101 3.89 -22.33 -24.21
C LEU C 101 4.53 -23.29 -25.21
N LEU C 102 5.85 -23.33 -25.28
CA LEU C 102 6.46 -24.04 -26.35
C LEU C 102 7.27 -25.20 -25.81
N LYS C 103 8.13 -25.78 -26.65
CA LYS C 103 9.01 -26.86 -26.23
C LYS C 103 10.33 -26.81 -27.00
N ALA C 104 11.34 -27.57 -26.55
CA ALA C 104 12.59 -27.70 -27.28
C ALA C 104 12.34 -28.10 -28.74
N GLY C 105 13.00 -27.40 -29.65
CA GLY C 105 12.91 -27.69 -31.06
C GLY C 105 12.11 -26.61 -31.77
N ASP C 106 11.29 -25.90 -30.99
CA ASP C 106 10.40 -24.87 -31.54
C ASP C 106 11.19 -23.66 -32.00
N GLN C 107 10.67 -22.97 -33.01
CA GLN C 107 11.28 -21.75 -33.45
C GLN C 107 10.40 -20.57 -33.12
N ILE C 108 11.05 -19.45 -32.83
CA ILE C 108 10.40 -18.19 -32.65
C ILE C 108 10.96 -17.19 -33.66
N ILE C 109 10.07 -16.53 -34.39
CA ILE C 109 10.43 -15.39 -35.21
C ILE C 109 10.07 -14.17 -34.40
N CYS C 110 11.00 -13.22 -34.35
CA CYS C 110 10.80 -12.01 -33.63
C CYS C 110 11.05 -10.81 -34.55
N MET C 111 10.19 -9.81 -34.46
CA MET C 111 10.38 -8.54 -35.15
C MET C 111 11.79 -8.06 -34.82
N ASP C 112 12.52 -7.63 -35.85
CA ASP C 112 13.92 -7.25 -35.65
C ASP C 112 14.09 -6.07 -34.69
N ASP C 113 13.14 -5.11 -34.67
CA ASP C 113 13.20 -4.00 -33.70
C ASP C 113 12.19 -4.10 -32.56
N VAL C 114 12.69 -4.18 -31.35
CA VAL C 114 11.87 -4.69 -30.27
C VAL C 114 12.46 -4.21 -28.93
N TYR C 115 11.62 -4.09 -27.92
CA TYR C 115 12.12 -3.70 -26.62
C TYR C 115 13.41 -4.42 -26.29
N GLY C 116 14.38 -3.63 -25.83
CA GLY C 116 15.69 -4.12 -25.38
C GLY C 116 15.61 -5.43 -24.61
N GLY C 117 14.81 -5.42 -23.55
CA GLY C 117 14.65 -6.61 -22.73
C GLY C 117 14.11 -7.83 -23.44
N THR C 118 13.29 -7.63 -24.48
CA THR C 118 12.74 -8.75 -25.24
C THR C 118 13.86 -9.35 -26.06
N ASN C 119 14.53 -8.53 -26.86
CA ASN C 119 15.71 -8.96 -27.60
C ASN C 119 16.59 -9.84 -26.68
N ARG C 120 17.04 -9.28 -25.57
CA ARG C 120 17.89 -9.96 -24.60
C ARG C 120 17.37 -11.32 -24.19
N TYR C 121 16.10 -11.36 -23.80
CA TYR C 121 15.53 -12.62 -23.36
C TYR C 121 15.58 -13.68 -24.46
N PHE C 122 15.20 -13.32 -25.68
CA PHE C 122 15.17 -14.32 -26.75
C PHE C 122 16.57 -14.74 -27.14
N ARG C 123 17.44 -13.75 -27.33
CA ARG C 123 18.79 -14.01 -27.78
C ARG C 123 19.65 -14.78 -26.78
N GLN C 124 19.57 -14.43 -25.50
CA GLN C 124 20.52 -14.94 -24.54
C GLN C 124 20.00 -16.00 -23.58
N VAL C 125 18.69 -16.19 -23.54
CA VAL C 125 18.07 -17.00 -22.50
C VAL C 125 17.22 -18.12 -23.06
N ALA C 126 16.19 -17.78 -23.84
CA ALA C 126 15.31 -18.80 -24.41
C ALA C 126 16.05 -19.68 -25.42
N SER C 127 17.09 -19.12 -26.05
CA SER C 127 17.93 -19.87 -26.96
C SER C 127 18.80 -20.94 -26.26
N GLU C 128 18.72 -21.04 -24.95
CA GLU C 128 19.53 -22.00 -24.20
C GLU C 128 18.76 -23.27 -23.95
N PHE C 129 17.48 -23.21 -24.28
CA PHE C 129 16.54 -24.22 -23.92
C PHE C 129 15.86 -24.79 -25.15
N GLY C 130 16.67 -25.00 -26.18
CA GLY C 130 16.29 -25.71 -27.39
C GLY C 130 15.34 -24.91 -28.26
N LEU C 131 15.39 -23.58 -28.15
CA LEU C 131 14.52 -22.73 -28.96
C LEU C 131 15.32 -21.96 -29.99
N LYS C 132 14.85 -21.96 -31.23
CA LYS C 132 15.56 -21.28 -32.28
C LYS C 132 14.95 -19.89 -32.44
N ILE C 133 15.81 -18.86 -32.36
CA ILE C 133 15.39 -17.47 -32.49
C ILE C 133 15.88 -16.85 -33.77
N SER C 134 14.95 -16.34 -34.57
CA SER C 134 15.26 -15.63 -35.80
C SER C 134 14.70 -14.22 -35.73
N PHE C 135 15.52 -13.24 -36.11
CA PHE C 135 15.08 -11.86 -36.11
C PHE C 135 14.74 -11.35 -37.50
N VAL C 136 13.50 -10.87 -37.66
CA VAL C 136 12.97 -10.60 -38.97
C VAL C 136 12.14 -9.32 -39.04
N ASP C 137 12.21 -8.66 -40.18
CA ASP C 137 11.45 -7.47 -40.44
C ASP C 137 10.53 -7.73 -41.65
N CYS C 138 9.42 -8.46 -41.54
CA CYS C 138 8.36 -8.40 -40.51
C CYS C 138 7.56 -7.12 -40.43
N SER C 139 8.15 -6.01 -40.97
CA SER C 139 7.33 -4.85 -41.34
C SER C 139 7.21 -4.99 -42.86
N LYS C 140 7.92 -5.97 -43.41
CA LYS C 140 7.91 -6.29 -44.84
C LYS C 140 7.50 -7.75 -44.96
N ILE C 141 6.28 -7.95 -45.44
CA ILE C 141 5.61 -9.25 -45.37
C ILE C 141 6.44 -10.38 -45.96
N LYS C 142 6.98 -10.17 -47.15
CA LYS C 142 7.60 -11.28 -47.88
C LYS C 142 8.87 -11.79 -47.21
N LEU C 143 9.44 -10.98 -46.32
CA LEU C 143 10.59 -11.44 -45.53
C LEU C 143 10.14 -12.39 -44.44
N LEU C 144 8.96 -12.13 -43.88
CA LEU C 144 8.40 -12.98 -42.84
C LEU C 144 7.94 -14.32 -43.42
N GLU C 145 7.28 -14.24 -44.57
CA GLU C 145 6.82 -15.40 -45.29
C GLU C 145 7.98 -16.35 -45.52
N ALA C 146 9.13 -15.78 -45.87
CA ALA C 146 10.34 -16.55 -46.19
C ALA C 146 10.90 -17.28 -44.98
N ALA C 147 10.81 -16.64 -43.83
CA ALA C 147 11.46 -17.13 -42.62
C ALA C 147 10.66 -18.22 -41.91
N ILE C 148 9.40 -18.40 -42.29
CA ILE C 148 8.55 -19.41 -41.65
C ILE C 148 8.94 -20.81 -42.09
N THR C 149 8.89 -21.72 -41.13
CA THR C 149 9.35 -23.11 -41.20
C THR C 149 8.29 -24.01 -40.56
N PRO C 150 8.27 -25.29 -40.95
CA PRO C 150 7.56 -26.29 -40.12
C PRO C 150 7.88 -26.24 -38.61
N GLU C 151 9.03 -25.68 -38.23
CA GLU C 151 9.39 -25.58 -36.81
C GLU C 151 8.78 -24.35 -36.13
N THR C 152 8.46 -23.32 -36.92
CA THR C 152 7.90 -22.06 -36.41
C THR C 152 6.61 -22.26 -35.60
N LYS C 153 6.60 -21.79 -34.36
CA LYS C 153 5.41 -21.95 -33.51
C LYS C 153 4.97 -20.68 -32.77
N LEU C 154 5.87 -19.68 -32.69
CA LEU C 154 5.54 -18.36 -32.16
C LEU C 154 6.06 -17.26 -33.07
N VAL C 155 5.21 -16.29 -33.40
CA VAL C 155 5.68 -15.10 -34.08
C VAL C 155 5.37 -13.89 -33.22
N TRP C 156 6.43 -13.23 -32.74
CA TRP C 156 6.36 -12.10 -31.80
C TRP C 156 6.59 -10.77 -32.53
N ILE C 157 5.59 -9.89 -32.53
CA ILE C 157 5.78 -8.57 -33.12
C ILE C 157 5.33 -7.44 -32.22
N GLU C 158 5.75 -6.25 -32.59
CA GLU C 158 5.59 -5.08 -31.77
C GLU C 158 5.23 -3.99 -32.81
N THR C 159 4.21 -3.18 -32.54
CA THR C 159 3.88 -2.11 -33.48
C THR C 159 3.07 -0.99 -32.82
N PRO C 160 3.59 0.25 -32.89
CA PRO C 160 4.88 0.49 -33.54
C PRO C 160 6.05 -0.08 -32.72
N THR C 161 7.22 -0.21 -33.35
CA THR C 161 8.35 -0.83 -32.66
C THR C 161 9.11 0.14 -31.77
N ASN C 162 9.63 -0.41 -30.69
CA ASN C 162 10.38 0.38 -29.75
C ASN C 162 11.85 0.17 -30.06
N PRO C 163 12.61 1.25 -30.39
CA PRO C 163 12.38 2.69 -30.46
C PRO C 163 12.13 3.27 -31.84
N THR C 164 12.23 2.47 -32.89
CA THR C 164 12.27 2.98 -34.24
C THR C 164 10.88 3.28 -34.83
N GLN C 165 9.83 2.81 -34.17
CA GLN C 165 8.43 3.02 -34.57
C GLN C 165 8.15 2.57 -36.00
N LYS C 166 8.74 1.45 -36.37
CA LYS C 166 8.32 0.75 -37.56
C LYS C 166 6.94 0.18 -37.27
N VAL C 167 6.08 0.17 -38.30
CA VAL C 167 4.71 -0.24 -38.15
C VAL C 167 4.47 -1.46 -39.03
N ILE C 168 3.87 -2.49 -38.46
CA ILE C 168 3.58 -3.74 -39.15
C ILE C 168 2.07 -3.78 -39.46
N ASP C 169 1.72 -4.37 -40.60
CA ASP C 169 0.33 -4.67 -40.94
C ASP C 169 -0.12 -5.97 -40.23
N ILE C 170 -0.83 -5.82 -39.12
CA ILE C 170 -1.18 -6.95 -38.24
C ILE C 170 -2.08 -7.99 -38.90
N GLU C 171 -3.08 -7.53 -39.63
CA GLU C 171 -3.99 -8.41 -40.33
C GLU C 171 -3.24 -9.10 -41.49
N GLY C 172 -2.34 -8.38 -42.13
CA GLY C 172 -1.40 -8.95 -43.07
C GLY C 172 -0.60 -10.10 -42.49
N CYS C 173 0.09 -9.87 -41.38
CA CYS C 173 0.88 -10.92 -40.75
C CYS C 173 -0.02 -12.03 -40.28
N ALA C 174 -1.15 -11.68 -39.67
CA ALA C 174 -2.12 -12.68 -39.22
C ALA C 174 -2.52 -13.67 -40.34
N HIS C 175 -2.93 -13.14 -41.49
CA HIS C 175 -3.38 -14.00 -42.57
C HIS C 175 -2.26 -14.94 -42.99
N ILE C 176 -1.02 -14.47 -42.96
CA ILE C 176 0.06 -15.28 -43.51
C ILE C 176 0.63 -16.31 -42.53
N VAL C 177 0.65 -15.94 -41.27
CA VAL C 177 1.12 -16.81 -40.20
C VAL C 177 0.14 -17.97 -39.93
N HIS C 178 -1.14 -17.76 -40.21
CA HIS C 178 -2.20 -18.74 -39.91
C HIS C 178 -2.47 -19.69 -41.05
N LYS C 179 -1.88 -19.40 -42.20
CA LYS C 179 -1.97 -20.26 -43.37
C LYS C 179 -1.07 -21.47 -43.15
N HIS C 180 0.00 -21.24 -42.41
CA HIS C 180 1.04 -22.24 -42.16
C HIS C 180 0.68 -23.31 -41.08
N GLY C 181 -0.32 -23.02 -40.26
CA GLY C 181 -0.86 -24.04 -39.41
C GLY C 181 -0.92 -23.58 -37.99
N ASP C 182 -0.32 -24.36 -37.11
CA ASP C 182 -0.47 -24.11 -35.68
C ASP C 182 0.55 -23.11 -35.14
N ILE C 183 0.48 -21.85 -35.59
CA ILE C 183 1.44 -20.81 -35.18
C ILE C 183 0.80 -19.65 -34.42
N ILE C 184 1.37 -19.31 -33.27
CA ILE C 184 0.82 -18.30 -32.37
C ILE C 184 1.38 -16.93 -32.73
N LEU C 185 0.51 -15.98 -33.06
CA LEU C 185 0.94 -14.60 -33.29
C LEU C 185 0.64 -13.73 -32.08
N VAL C 186 1.71 -13.22 -31.49
CA VAL C 186 1.67 -12.31 -30.36
C VAL C 186 1.93 -10.89 -30.86
N VAL C 187 1.16 -9.93 -30.39
CA VAL C 187 1.40 -8.51 -30.66
C VAL C 187 1.55 -7.77 -29.33
N ASP C 188 2.70 -7.14 -29.17
CA ASP C 188 3.00 -6.37 -28.00
C ASP C 188 2.51 -4.96 -28.29
N ASN C 189 1.48 -4.55 -27.57
CA ASN C 189 0.65 -3.41 -27.90
C ASN C 189 0.89 -2.38 -26.79
N THR C 190 2.03 -2.54 -26.11
CA THR C 190 2.48 -1.62 -25.10
C THR C 190 2.36 -0.14 -25.52
N PHE C 191 2.95 0.23 -26.64
CA PHE C 191 2.98 1.61 -27.09
C PHE C 191 1.61 2.20 -27.38
N MET C 192 0.68 1.41 -27.92
CA MET C 192 -0.57 1.98 -28.40
C MET C 192 -1.68 1.90 -27.41
N SER C 193 -1.75 0.80 -26.67
CA SER C 193 -2.86 0.53 -25.75
C SER C 193 -4.14 0.16 -26.52
N PRO C 194 -5.08 -0.56 -25.85
CA PRO C 194 -6.23 -1.04 -26.57
C PRO C 194 -7.21 0.07 -26.90
N TYR C 195 -6.92 1.26 -26.40
CA TYR C 195 -7.68 2.43 -26.79
C TYR C 195 -7.45 2.80 -28.27
N PHE C 196 -6.20 2.66 -28.70
CA PHE C 196 -5.82 3.00 -30.07
C PHE C 196 -5.68 1.81 -31.01
N GLN C 197 -5.54 0.60 -30.49
CA GLN C 197 -5.29 -0.53 -31.37
C GLN C 197 -5.70 -1.84 -30.69
N ARG C 198 -6.37 -2.69 -31.46
CA ARG C 198 -6.85 -3.97 -30.95
C ARG C 198 -6.29 -5.11 -31.80
N PRO C 199 -5.06 -5.53 -31.50
CA PRO C 199 -4.49 -6.60 -32.27
C PRO C 199 -5.42 -7.80 -32.40
N LEU C 200 -6.20 -8.11 -31.37
CA LEU C 200 -7.09 -9.28 -31.46
C LEU C 200 -8.18 -9.15 -32.51
N ALA C 201 -8.74 -7.95 -32.69
CA ALA C 201 -9.71 -7.69 -33.79
C ALA C 201 -9.07 -7.81 -35.18
N LEU C 202 -7.78 -7.59 -35.25
CA LEU C 202 -7.05 -7.68 -36.49
C LEU C 202 -6.46 -9.06 -36.75
N GLY C 203 -6.84 -10.04 -35.91
CA GLY C 203 -6.46 -11.45 -36.13
C GLY C 203 -5.30 -12.00 -35.34
N ALA C 204 -4.72 -11.22 -34.43
CA ALA C 204 -3.71 -11.74 -33.50
C ALA C 204 -4.24 -12.86 -32.57
N ASP C 205 -3.35 -13.76 -32.16
CA ASP C 205 -3.71 -14.76 -31.17
C ASP C 205 -3.55 -14.22 -29.78
N ILE C 206 -2.52 -13.41 -29.56
CA ILE C 206 -2.31 -12.75 -28.28
C ILE C 206 -1.99 -11.27 -28.45
N SER C 207 -2.55 -10.46 -27.56
CA SER C 207 -2.19 -9.08 -27.47
C SER C 207 -1.66 -8.83 -26.04
N MET C 208 -0.40 -8.44 -26.00
CA MET C 208 0.38 -8.39 -24.77
C MET C 208 0.74 -6.96 -24.48
N TYR C 209 0.89 -6.62 -23.21
CA TYR C 209 1.29 -5.27 -22.82
C TYR C 209 2.32 -5.32 -21.70
N SER C 210 3.27 -4.41 -21.74
CA SER C 210 3.93 -4.03 -20.50
C SER C 210 3.02 -2.98 -19.88
N ALA C 211 2.31 -3.34 -18.82
CA ALA C 211 1.39 -2.37 -18.21
C ALA C 211 2.10 -1.31 -17.42
N THR C 212 3.35 -1.56 -17.08
CA THR C 212 4.29 -0.56 -16.56
C THR C 212 4.20 0.81 -17.27
N LYS C 213 3.79 0.78 -18.54
CA LYS C 213 3.75 1.99 -19.35
C LYS C 213 2.41 2.73 -19.32
N TYR C 214 1.70 2.68 -20.44
CA TYR C 214 0.45 3.44 -20.64
C TYR C 214 -0.74 2.89 -19.89
N MET C 215 -0.87 1.57 -19.89
CA MET C 215 -1.99 0.91 -19.24
C MET C 215 -2.19 1.44 -17.82
N ASN C 216 -1.13 1.36 -17.01
CA ASN C 216 -1.21 1.91 -15.67
C ASN C 216 -1.03 3.42 -15.72
N GLY C 217 -0.04 3.86 -16.49
CA GLY C 217 0.13 5.29 -16.78
C GLY C 217 0.63 6.17 -15.65
N HIS C 218 0.86 5.61 -14.48
CA HIS C 218 1.26 6.45 -13.34
C HIS C 218 2.64 6.19 -12.72
N SER C 219 3.48 5.51 -13.49
CA SER C 219 4.90 5.34 -13.16
C SER C 219 5.17 4.76 -11.77
N ASP C 220 4.28 3.87 -11.31
CA ASP C 220 4.38 3.32 -9.96
C ASP C 220 3.97 1.87 -9.83
N VAL C 221 3.85 1.19 -10.97
CA VAL C 221 3.51 -0.21 -11.03
C VAL C 221 4.27 -0.86 -12.18
N VAL C 222 4.87 -2.01 -11.88
CA VAL C 222 5.46 -2.88 -12.83
C VAL C 222 4.54 -4.11 -12.99
N MET C 223 4.18 -4.42 -14.24
CA MET C 223 3.15 -5.39 -14.55
C MET C 223 3.04 -5.79 -16.04
N GLY C 224 2.61 -7.03 -16.27
CA GLY C 224 2.31 -7.53 -17.58
C GLY C 224 0.87 -8.01 -17.74
N LEU C 225 0.35 -7.90 -18.97
CA LEU C 225 -1.02 -8.31 -19.30
C LEU C 225 -0.99 -9.02 -20.62
N VAL C 226 -1.79 -10.08 -20.72
CA VAL C 226 -1.84 -10.86 -21.92
C VAL C 226 -3.31 -11.08 -22.13
N SER C 227 -3.81 -10.80 -23.32
CA SER C 227 -5.23 -10.99 -23.59
C SER C 227 -5.41 -11.98 -24.72
N VAL C 228 -6.43 -12.81 -24.61
CA VAL C 228 -6.58 -13.89 -25.55
C VAL C 228 -8.04 -14.19 -25.78
N ASN C 229 -8.32 -14.86 -26.91
CA ASN C 229 -9.64 -15.39 -27.22
C ASN C 229 -9.69 -16.90 -27.23
N CYS C 230 -8.67 -17.52 -27.80
CA CYS C 230 -8.69 -18.95 -28.03
C CYS C 230 -8.77 -19.71 -26.70
N GLU C 231 -9.79 -20.56 -26.62
CA GLU C 231 -10.07 -21.42 -25.47
C GLU C 231 -8.84 -22.24 -25.00
N SER C 232 -8.27 -23.02 -25.91
CA SER C 232 -7.20 -23.94 -25.55
C SER C 232 -5.91 -23.19 -25.24
N LEU C 233 -5.76 -22.02 -25.84
CA LEU C 233 -4.62 -21.16 -25.62
C LEU C 233 -4.65 -20.52 -24.25
N HIS C 234 -5.80 -19.97 -23.90
CA HIS C 234 -6.12 -19.51 -22.55
C HIS C 234 -5.83 -20.54 -21.45
N ASN C 235 -6.44 -21.73 -21.56
CA ASN C 235 -6.14 -22.84 -20.65
C ASN C 235 -4.60 -23.14 -20.51
N ARG C 236 -3.87 -23.17 -21.62
CA ARG C 236 -2.43 -23.51 -21.59
C ARG C 236 -1.66 -22.41 -20.88
N LEU C 237 -2.17 -21.21 -21.04
CA LEU C 237 -1.53 -20.02 -20.57
C LEU C 237 -1.87 -19.86 -19.06
N ARG C 238 -3.11 -20.19 -18.69
CA ARG C 238 -3.55 -20.17 -17.27
C ARG C 238 -2.74 -21.13 -16.39
N PHE C 239 -2.53 -22.33 -16.93
CA PHE C 239 -1.64 -23.29 -16.35
C PHE C 239 -0.26 -22.68 -16.05
N LEU C 240 0.34 -22.03 -17.06
CA LEU C 240 1.66 -21.42 -16.89
C LEU C 240 1.65 -20.30 -15.86
N GLN C 241 0.56 -19.53 -15.82
CA GLN C 241 0.39 -18.50 -14.80
C GLN C 241 0.55 -19.08 -13.37
N ASN C 242 -0.17 -20.17 -13.07
CA ASN C 242 -0.06 -20.80 -11.77
C ASN C 242 1.28 -21.50 -11.57
N SER C 243 1.75 -22.18 -12.62
CA SER C 243 2.93 -23.02 -12.51
C SER C 243 4.28 -22.27 -12.46
N LEU C 244 4.36 -21.10 -13.10
CA LEU C 244 5.59 -20.29 -13.05
C LEU C 244 5.51 -19.24 -11.95
N GLY C 245 4.30 -18.86 -11.57
CA GLY C 245 4.13 -18.01 -10.40
C GLY C 245 4.66 -16.60 -10.58
N ALA C 246 4.84 -16.21 -11.84
CA ALA C 246 5.23 -14.84 -12.17
C ALA C 246 4.06 -13.88 -12.04
N VAL C 247 3.51 -13.79 -10.83
CA VAL C 247 2.20 -13.17 -10.57
C VAL C 247 2.32 -11.76 -9.94
N PRO C 248 1.40 -10.84 -10.29
CA PRO C 248 1.52 -9.50 -9.70
C PRO C 248 0.90 -9.44 -8.34
N SER C 249 1.33 -8.51 -7.51
CA SER C 249 0.73 -8.26 -6.22
C SER C 249 -0.74 -7.75 -6.29
N PRO C 250 -1.61 -8.23 -5.38
CA PRO C 250 -2.93 -7.59 -5.36
C PRO C 250 -2.93 -6.08 -5.28
N ILE C 251 -2.05 -5.45 -4.51
CA ILE C 251 -2.03 -3.98 -4.51
C ILE C 251 -1.65 -3.40 -5.87
N ASP C 252 -0.64 -3.97 -6.51
CA ASP C 252 -0.28 -3.60 -7.87
C ASP C 252 -1.49 -3.71 -8.77
N CYS C 253 -2.22 -4.81 -8.59
CA CYS C 253 -3.43 -5.04 -9.35
C CYS C 253 -4.40 -3.87 -9.23
N TYR C 254 -4.79 -3.55 -8.00
CA TYR C 254 -5.56 -2.37 -7.69
C TYR C 254 -5.11 -1.03 -8.30
N LEU C 255 -3.86 -0.63 -8.07
CA LEU C 255 -3.33 0.62 -8.62
C LEU C 255 -3.51 0.70 -10.14
N CYS C 256 -3.21 -0.40 -10.80
CA CYS C 256 -3.30 -0.49 -12.24
C CYS C 256 -4.74 -0.43 -12.71
N ASN C 257 -5.63 -1.10 -12.00
CA ASN C 257 -7.02 -1.03 -12.32
C ASN C 257 -7.48 0.41 -12.08
N ARG C 258 -6.93 1.08 -11.08
CA ARG C 258 -7.26 2.50 -10.87
C ARG C 258 -6.77 3.34 -12.06
N GLY C 259 -5.58 3.03 -12.59
CA GLY C 259 -5.03 3.77 -13.72
C GLY C 259 -5.89 3.66 -14.98
N LEU C 260 -6.55 2.51 -15.15
CA LEU C 260 -7.34 2.23 -16.36
C LEU C 260 -8.53 3.15 -16.48
N LYS C 261 -9.06 3.54 -15.34
CA LYS C 261 -10.21 4.41 -15.29
C LYS C 261 -10.06 5.71 -16.09
N THR C 262 -8.80 6.11 -16.32
CA THR C 262 -8.46 7.35 -17.03
C THR C 262 -7.65 7.05 -18.28
N LEU C 263 -7.55 5.78 -18.67
CA LEU C 263 -6.82 5.45 -19.87
C LEU C 263 -7.29 6.27 -21.09
N HIS C 264 -8.60 6.34 -21.30
CA HIS C 264 -9.15 7.07 -22.44
C HIS C 264 -8.82 8.58 -22.43
N VAL C 265 -9.02 9.25 -21.29
CA VAL C 265 -8.68 10.67 -21.22
C VAL C 265 -7.19 10.89 -21.06
N ARG C 266 -6.42 9.86 -20.73
CA ARG C 266 -5.00 10.04 -20.80
C ARG C 266 -4.48 9.85 -22.23
N MET C 267 -4.95 8.82 -22.93
CA MET C 267 -4.42 8.56 -24.27
C MET C 267 -4.79 9.68 -25.27
N GLU C 268 -5.99 10.20 -25.17
CA GLU C 268 -6.38 11.33 -25.98
C GLU C 268 -5.38 12.51 -25.86
N LYS C 269 -5.03 12.86 -24.62
CA LYS C 269 -4.12 13.99 -24.34
C LYS C 269 -2.66 13.73 -24.79
N HIS C 270 -2.19 12.50 -24.57
CA HIS C 270 -0.89 12.03 -25.11
C HIS C 270 -0.92 12.19 -26.62
N PHE C 271 -2.10 11.94 -27.20
CA PHE C 271 -2.26 12.07 -28.64
C PHE C 271 -2.05 13.53 -29.05
N LYS C 272 -2.88 14.42 -28.51
CA LYS C 272 -2.76 15.86 -28.77
C LYS C 272 -1.30 16.36 -28.64
N ASN C 273 -0.69 16.12 -27.48
CA ASN C 273 0.66 16.63 -27.14
C ASN C 273 1.76 16.02 -28.01
N GLY C 274 1.79 14.68 -28.04
CA GLY C 274 2.62 13.92 -28.99
C GLY C 274 2.58 14.50 -30.40
N MET C 275 1.38 14.68 -30.93
CA MET C 275 1.20 15.19 -32.29
C MET C 275 1.86 16.56 -32.45
N ALA C 276 1.55 17.49 -31.55
CA ALA C 276 2.14 18.83 -31.55
C ALA C 276 3.68 18.80 -31.48
N VAL C 277 4.22 17.97 -30.59
CA VAL C 277 5.65 17.82 -30.46
C VAL C 277 6.26 17.33 -31.76
N ALA C 278 5.65 16.34 -32.40
CA ALA C 278 6.23 15.76 -33.60
C ALA C 278 6.15 16.76 -34.78
N GLN C 279 5.14 17.62 -34.73
CA GLN C 279 5.01 18.64 -35.75
C GLN C 279 6.03 19.72 -35.51
N PHE C 280 6.24 20.07 -34.23
CA PHE C 280 7.21 21.11 -33.92
C PHE C 280 8.64 20.65 -34.27
N LEU C 281 8.99 19.43 -33.88
CA LEU C 281 10.28 18.86 -34.21
C LEU C 281 10.53 18.79 -35.70
N GLU C 282 9.53 18.40 -36.50
CA GLU C 282 9.73 18.21 -37.95
C GLU C 282 9.94 19.53 -38.73
N SER C 283 9.50 20.65 -38.16
CA SER C 283 9.77 22.00 -38.65
C SER C 283 11.02 22.66 -38.10
N ASN C 284 11.69 22.00 -37.18
CA ASN C 284 12.85 22.54 -36.51
C ASN C 284 14.13 22.23 -37.30
N PRO C 285 14.89 23.27 -37.68
CA PRO C 285 16.10 23.16 -38.51
C PRO C 285 17.23 22.35 -37.88
N TRP C 286 17.17 22.11 -36.57
CA TRP C 286 18.18 21.31 -35.93
C TRP C 286 17.85 19.83 -35.83
N VAL C 287 16.77 19.41 -36.46
CA VAL C 287 16.32 18.04 -36.32
C VAL C 287 16.44 17.41 -37.67
N GLU C 288 17.11 16.27 -37.76
CA GLU C 288 17.33 15.58 -39.04
C GLU C 288 16.08 14.86 -39.53
N LYS C 289 15.41 14.16 -38.65
CA LYS C 289 14.36 13.27 -39.07
C LYS C 289 13.54 12.99 -37.86
N VAL C 290 12.24 12.84 -38.08
CA VAL C 290 11.30 12.61 -36.99
C VAL C 290 10.53 11.39 -37.41
N ILE C 291 10.39 10.43 -36.50
CA ILE C 291 9.56 9.28 -36.80
C ILE C 291 8.37 9.28 -35.86
N TYR C 292 7.18 9.38 -36.43
CA TYR C 292 5.96 9.40 -35.65
C TYR C 292 4.78 9.09 -36.56
N PRO C 293 4.08 7.99 -36.28
CA PRO C 293 3.08 7.43 -37.17
C PRO C 293 1.94 8.39 -37.48
N GLY C 294 1.71 9.34 -36.57
CA GLY C 294 0.71 10.35 -36.76
C GLY C 294 1.05 11.38 -37.83
N LEU C 295 2.31 11.44 -38.25
CA LEU C 295 2.71 12.37 -39.29
C LEU C 295 2.59 11.72 -40.67
N PRO C 296 2.20 12.49 -41.70
CA PRO C 296 2.25 11.96 -43.06
C PRO C 296 3.66 11.74 -43.62
N SER C 297 4.70 12.05 -42.86
CA SER C 297 6.05 11.74 -43.33
C SER C 297 6.37 10.28 -43.05
N HIS C 298 5.57 9.66 -42.18
CA HIS C 298 5.81 8.29 -41.75
C HIS C 298 5.46 7.36 -42.89
N PRO C 299 6.38 6.44 -43.25
CA PRO C 299 6.24 5.54 -44.43
C PRO C 299 5.02 4.61 -44.34
N GLN C 300 4.60 4.32 -43.11
CA GLN C 300 3.41 3.52 -42.89
C GLN C 300 2.18 4.34 -42.44
N HIS C 301 2.23 5.67 -42.60
CA HIS C 301 1.13 6.53 -42.17
C HIS C 301 -0.26 6.05 -42.58
N GLU C 302 -0.42 5.73 -43.85
CA GLU C 302 -1.73 5.33 -44.33
C GLU C 302 -2.13 4.04 -43.61
N LEU C 303 -1.21 3.07 -43.56
CA LEU C 303 -1.46 1.84 -42.78
C LEU C 303 -1.94 2.18 -41.39
N VAL C 304 -1.32 3.16 -40.75
CA VAL C 304 -1.62 3.47 -39.35
C VAL C 304 -3.08 3.86 -39.18
N LYS C 305 -3.56 4.72 -40.07
CA LYS C 305 -4.95 5.13 -40.13
C LYS C 305 -5.91 3.95 -40.37
N ARG C 306 -5.41 2.86 -40.95
CA ARG C 306 -6.28 1.69 -41.13
C ARG C 306 -6.37 0.76 -39.90
N GLN C 307 -5.28 0.67 -39.13
CA GLN C 307 -5.19 -0.19 -37.96
C GLN C 307 -5.56 0.45 -36.62
N CYS C 308 -5.51 1.77 -36.53
CA CYS C 308 -5.53 2.43 -35.24
C CYS C 308 -6.53 3.54 -35.19
N THR C 309 -7.04 3.82 -33.99
CA THR C 309 -7.96 4.94 -33.82
C THR C 309 -7.28 6.27 -33.51
N GLY C 310 -5.95 6.26 -33.38
CA GLY C 310 -5.18 7.49 -33.11
C GLY C 310 -3.70 7.20 -32.87
N CYS C 311 -2.96 8.17 -32.33
CA CYS C 311 -1.58 7.90 -31.92
C CYS C 311 -1.27 8.26 -30.48
N THR C 312 -0.11 7.81 -30.05
CA THR C 312 0.27 7.82 -28.67
C THR C 312 1.21 9.02 -28.38
N GLY C 313 1.88 9.02 -27.23
CA GLY C 313 2.88 10.08 -26.95
C GLY C 313 4.35 9.79 -27.30
N MET C 314 4.61 8.69 -28.00
CA MET C 314 5.98 8.31 -28.36
C MET C 314 6.45 8.92 -29.68
N VAL C 315 7.47 9.76 -29.57
CA VAL C 315 8.04 10.48 -30.70
C VAL C 315 9.50 10.19 -30.68
N THR C 316 10.00 9.59 -31.75
CA THR C 316 11.44 9.40 -31.83
C THR C 316 11.98 10.31 -32.92
N PHE C 317 13.17 10.85 -32.68
CA PHE C 317 13.82 11.69 -33.65
C PHE C 317 15.35 11.55 -33.64
N TYR C 318 15.97 11.95 -34.75
CA TYR C 318 17.42 12.06 -34.84
C TYR C 318 17.73 13.52 -34.86
N ILE C 319 18.67 13.89 -34.00
CA ILE C 319 19.17 15.25 -33.96
C ILE C 319 20.27 15.32 -34.99
N LYS C 320 20.45 16.48 -35.60
CA LYS C 320 21.54 16.70 -36.52
C LYS C 320 22.82 16.68 -35.70
N GLY C 321 23.98 16.46 -36.34
CA GLY C 321 25.27 16.38 -35.65
C GLY C 321 25.58 15.02 -35.05
N THR C 322 26.21 15.02 -33.88
CA THR C 322 26.77 13.82 -33.27
C THR C 322 26.20 13.54 -31.88
N LEU C 323 26.61 12.43 -31.28
CA LEU C 323 26.27 12.15 -29.89
C LEU C 323 26.50 13.38 -28.98
N GLN C 324 27.60 14.09 -29.16
CA GLN C 324 27.83 15.27 -28.33
C GLN C 324 26.67 16.27 -28.35
N HIS C 325 26.11 16.53 -29.55
CA HIS C 325 24.90 17.36 -29.67
C HIS C 325 23.67 16.70 -29.00
N ALA C 326 23.49 15.39 -29.17
CA ALA C 326 22.41 14.71 -28.45
C ALA C 326 22.53 14.96 -26.96
N GLU C 327 23.75 14.87 -26.43
CA GLU C 327 23.99 14.99 -24.98
C GLU C 327 23.71 16.39 -24.48
N ILE C 328 24.24 17.40 -25.16
CA ILE C 328 23.95 18.79 -24.78
C ILE C 328 22.43 19.04 -24.79
N PHE C 329 21.75 18.54 -25.82
CA PHE C 329 20.30 18.61 -25.86
C PHE C 329 19.66 17.95 -24.63
N LEU C 330 20.03 16.72 -24.31
CA LEU C 330 19.42 16.10 -23.12
C LEU C 330 19.68 16.88 -21.83
N LYS C 331 20.91 17.35 -21.67
CA LYS C 331 21.35 18.03 -20.47
C LYS C 331 20.63 19.36 -20.29
N ASN C 332 19.98 19.88 -21.33
CA ASN C 332 19.35 21.22 -21.20
C ASN C 332 17.87 21.19 -21.01
N LEU C 333 17.29 20.01 -21.14
CA LEU C 333 15.87 19.83 -20.84
C LEU C 333 15.57 20.14 -19.40
N LYS C 334 14.53 20.95 -19.19
CA LYS C 334 14.19 21.44 -17.83
C LYS C 334 12.83 20.93 -17.41
N LEU C 335 12.08 20.38 -18.36
CA LEU C 335 10.78 19.84 -18.08
C LEU C 335 10.72 18.32 -18.40
N PHE C 336 11.10 17.92 -19.61
CA PHE C 336 11.30 16.51 -19.89
C PHE C 336 12.37 16.07 -18.94
N THR C 337 12.29 14.81 -18.52
CA THR C 337 13.28 14.22 -17.61
C THR C 337 14.05 13.10 -18.27
N LEU C 338 15.38 13.15 -18.17
CA LEU C 338 16.22 12.09 -18.69
C LEU C 338 16.03 10.84 -17.82
N ALA C 339 15.25 9.89 -18.35
CA ALA C 339 14.99 8.61 -17.67
C ALA C 339 14.53 7.52 -18.64
N GLU C 340 14.65 6.27 -18.22
CA GLU C 340 14.06 5.14 -18.93
C GLU C 340 12.55 5.09 -18.64
N SER C 341 11.87 4.10 -19.19
CA SER C 341 10.41 3.95 -19.15
C SER C 341 9.69 4.96 -20.02
N LEU C 342 8.35 4.86 -20.03
CA LEU C 342 7.52 5.63 -20.94
C LEU C 342 6.06 5.50 -20.59
N GLY C 343 5.23 6.28 -21.25
CA GLY C 343 3.79 6.16 -21.08
C GLY C 343 3.23 6.68 -19.76
N GLY C 344 4.05 7.39 -18.99
CA GLY C 344 3.63 7.89 -17.70
C GLY C 344 3.05 9.26 -17.94
N PHE C 345 2.60 9.92 -16.88
CA PHE C 345 2.07 11.27 -17.02
C PHE C 345 3.12 12.35 -17.33
N GLU C 346 4.39 12.03 -17.05
CA GLU C 346 5.49 12.97 -17.12
C GLU C 346 6.30 12.72 -18.37
N SER C 347 6.72 13.79 -19.02
CA SER C 347 7.49 13.70 -20.21
C SER C 347 8.91 13.25 -19.89
N LEU C 348 9.40 12.27 -20.66
CA LEU C 348 10.72 11.71 -20.50
C LEU C 348 11.45 11.69 -21.81
N ALA C 349 12.75 11.87 -21.74
CA ALA C 349 13.60 11.79 -22.92
C ALA C 349 14.66 10.77 -22.66
N GLU C 350 15.27 10.25 -23.71
CA GLU C 350 16.07 9.03 -23.60
C GLU C 350 16.99 8.87 -24.81
N LEU C 351 18.14 8.24 -24.63
CA LEU C 351 19.05 7.98 -25.76
C LEU C 351 19.20 6.49 -25.90
N PRO C 352 18.29 5.82 -26.64
CA PRO C 352 18.15 4.37 -26.61
C PRO C 352 19.44 3.57 -26.72
N ALA C 353 20.35 4.02 -27.57
CA ALA C 353 21.58 3.27 -27.85
C ALA C 353 22.44 3.09 -26.62
N ILE C 354 22.31 3.99 -25.66
CA ILE C 354 23.22 3.92 -24.54
C ILE C 354 22.52 3.67 -23.22
N MET C 355 21.21 3.56 -23.30
CA MET C 355 20.38 3.40 -22.12
C MET C 355 19.45 2.19 -22.30
N THR C 356 18.28 2.40 -22.88
CA THR C 356 17.20 1.41 -22.86
C THR C 356 17.46 0.18 -23.75
N HIS C 357 18.36 0.34 -24.72
CA HIS C 357 18.61 -0.65 -25.76
C HIS C 357 20.10 -0.99 -25.81
N ALA C 358 20.82 -0.57 -24.77
CA ALA C 358 22.22 -0.99 -24.52
C ALA C 358 22.42 -2.52 -24.53
N SER C 359 21.38 -3.26 -24.16
CA SER C 359 21.42 -4.73 -24.13
C SER C 359 21.14 -5.35 -25.50
N VAL C 360 20.99 -4.52 -26.53
CA VAL C 360 20.87 -4.96 -27.91
C VAL C 360 22.25 -4.85 -28.54
N LEU C 361 22.76 -5.95 -29.11
CA LEU C 361 24.14 -5.94 -29.61
C LEU C 361 24.39 -4.77 -30.57
N LYS C 362 25.54 -4.12 -30.37
CA LYS C 362 25.92 -2.94 -31.17
C LYS C 362 25.62 -3.06 -32.69
N ASN C 363 25.99 -4.19 -33.30
CA ASN C 363 25.71 -4.41 -34.71
C ASN C 363 24.24 -4.47 -35.01
N ASP C 364 23.49 -5.18 -34.17
CA ASP C 364 22.04 -5.21 -34.29
C ASP C 364 21.44 -3.78 -34.24
N ARG C 365 21.89 -2.96 -33.28
CA ARG C 365 21.45 -1.53 -33.20
C ARG C 365 21.73 -0.74 -34.48
N ASP C 366 22.91 -0.94 -35.06
CA ASP C 366 23.32 -0.14 -36.22
C ASP C 366 22.57 -0.52 -37.50
N VAL C 367 22.31 -1.82 -37.68
CA VAL C 367 21.44 -2.33 -38.75
C VAL C 367 20.02 -1.73 -38.56
N LEU C 368 19.60 -1.60 -37.31
CA LEU C 368 18.28 -1.11 -36.98
C LEU C 368 18.13 0.40 -37.14
N GLY C 369 19.24 1.13 -37.04
CA GLY C 369 19.19 2.57 -37.09
C GLY C 369 19.18 3.23 -35.72
N ILE C 370 19.39 2.43 -34.67
CA ILE C 370 19.51 3.01 -33.35
C ILE C 370 20.91 3.59 -33.24
N SER C 371 21.06 4.79 -33.76
CA SER C 371 22.34 5.46 -33.77
C SER C 371 22.47 6.30 -32.50
N ASP C 372 23.62 6.98 -32.34
CA ASP C 372 23.93 7.80 -31.16
C ASP C 372 23.19 9.12 -31.26
N THR C 373 22.40 9.25 -32.31
CA THR C 373 21.81 10.51 -32.63
C THR C 373 20.27 10.33 -32.55
N LEU C 374 19.83 9.12 -32.25
CA LEU C 374 18.43 8.84 -32.01
C LEU C 374 17.99 9.16 -30.57
N ILE C 375 17.00 10.04 -30.44
CA ILE C 375 16.32 10.30 -29.19
C ILE C 375 14.88 9.80 -29.24
N ARG C 376 14.46 9.11 -28.18
CA ARG C 376 13.07 8.72 -27.95
C ARG C 376 12.48 9.63 -26.85
N LEU C 377 11.31 10.20 -27.12
CA LEU C 377 10.66 11.10 -26.19
C LEU C 377 9.38 10.42 -25.81
N SER C 378 9.00 10.53 -24.54
CA SER C 378 7.72 10.08 -24.13
C SER C 378 6.94 11.32 -23.71
N VAL C 379 6.06 11.78 -24.58
CA VAL C 379 5.38 13.01 -24.29
C VAL C 379 4.27 12.77 -23.26
N GLY C 380 4.34 13.55 -22.17
CA GLY C 380 3.46 13.41 -21.02
C GLY C 380 2.23 14.26 -21.15
N LEU C 381 1.59 14.58 -20.02
CA LEU C 381 0.32 15.26 -20.04
C LEU C 381 0.43 16.75 -19.63
N GLU C 382 1.66 17.25 -19.56
CA GLU C 382 1.91 18.69 -19.27
C GLU C 382 1.31 19.58 -20.35
N ASP C 383 1.29 20.89 -20.11
CA ASP C 383 0.83 21.87 -21.11
C ASP C 383 1.67 21.83 -22.37
N GLU C 384 0.98 21.78 -23.51
CA GLU C 384 1.62 21.73 -24.82
C GLU C 384 2.70 22.79 -24.96
N GLU C 385 2.33 24.01 -24.58
CA GLU C 385 3.18 25.18 -24.68
C GLU C 385 4.49 25.04 -23.93
N ASP C 386 4.43 24.48 -22.72
CA ASP C 386 5.63 24.27 -21.94
C ASP C 386 6.52 23.17 -22.51
N LEU C 387 5.94 22.06 -23.00
CA LEU C 387 6.74 20.98 -23.61
C LEU C 387 7.47 21.50 -24.84
N LEU C 388 6.75 22.36 -25.56
CA LEU C 388 7.27 23.05 -26.72
C LEU C 388 8.38 24.05 -26.40
N GLU C 389 8.20 24.89 -25.36
CA GLU C 389 9.23 25.83 -24.96
C GLU C 389 10.52 25.10 -24.56
N ASP C 390 10.37 23.97 -23.86
CA ASP C 390 11.50 23.18 -23.35
C ASP C 390 12.30 22.57 -24.49
N LEU C 391 11.59 22.02 -25.48
CA LEU C 391 12.30 21.44 -26.61
C LEU C 391 12.99 22.52 -27.45
N ASP C 392 12.35 23.66 -27.63
CA ASP C 392 12.91 24.75 -28.44
C ASP C 392 14.22 25.19 -27.82
N GLN C 393 14.11 25.43 -26.53
CA GLN C 393 15.12 25.92 -25.67
C GLN C 393 16.32 24.95 -25.70
N ALA C 394 16.08 23.66 -25.55
CA ALA C 394 17.18 22.70 -25.54
C ALA C 394 17.85 22.54 -26.90
N LEU C 395 17.08 22.56 -27.98
CA LEU C 395 17.67 22.43 -29.29
C LEU C 395 18.48 23.68 -29.65
N LYS C 396 17.98 24.86 -29.29
CA LYS C 396 18.73 26.09 -29.47
C LYS C 396 20.09 25.90 -28.85
N ALA C 397 20.11 25.36 -27.64
CA ALA C 397 21.35 25.29 -26.86
C ALA C 397 22.35 24.33 -27.49
N ALA C 398 21.86 23.28 -28.16
CA ALA C 398 22.74 22.33 -28.82
C ALA C 398 23.28 22.84 -30.16
N HIS C 399 22.45 23.66 -30.84
CA HIS C 399 22.67 24.18 -32.23
C HIS C 399 23.64 23.37 -33.11
N PRO C 400 23.28 22.12 -33.45
CA PRO C 400 24.16 21.32 -34.29
C PRO C 400 24.36 21.93 -35.67
N PRO C 401 25.27 21.37 -36.47
CA PRO C 401 25.31 21.85 -37.86
C PRO C 401 23.97 21.63 -38.58
N SER C 402 23.47 22.72 -39.17
CA SER C 402 22.10 22.89 -39.58
C SER C 402 21.70 22.15 -40.86
N GLY D 11 20.43 -29.13 23.51
CA GLY D 11 21.11 -30.04 22.53
C GLY D 11 20.96 -29.60 21.08
N PHE D 12 20.13 -28.60 20.82
CA PHE D 12 20.10 -27.99 19.49
C PHE D 12 21.36 -27.17 19.26
N LEU D 13 21.67 -26.84 18.01
CA LEU D 13 22.67 -25.81 17.72
C LEU D 13 22.35 -24.52 18.48
N PRO D 14 23.37 -23.83 19.02
CA PRO D 14 23.02 -22.60 19.71
C PRO D 14 22.48 -21.60 18.71
N HIS D 15 21.58 -20.75 19.17
CA HIS D 15 20.97 -19.72 18.33
C HIS D 15 22.03 -18.81 17.66
N PHE D 16 21.71 -18.31 16.46
CA PHE D 16 22.66 -17.56 15.65
C PHE D 16 22.87 -16.20 16.26
N GLN D 17 24.09 -15.70 16.29
CA GLN D 17 24.33 -14.62 17.22
C GLN D 17 23.59 -13.30 17.14
N HIS D 18 23.56 -12.63 16.00
CA HIS D 18 22.99 -11.28 16.10
C HIS D 18 21.70 -11.17 15.29
N PHE D 19 20.92 -12.25 15.36
CA PHE D 19 19.83 -12.42 14.44
C PHE D 19 18.77 -11.34 14.59
N ALA D 20 18.38 -11.08 15.84
CA ALA D 20 17.27 -10.20 16.14
C ALA D 20 17.64 -8.75 15.78
N THR D 21 18.85 -8.36 16.16
CA THR D 21 19.47 -7.09 15.84
C THR D 21 19.61 -6.88 14.35
N GLN D 22 20.00 -7.94 13.64
CA GLN D 22 20.19 -7.83 12.19
C GLN D 22 18.82 -7.78 11.50
N ALA D 23 17.86 -8.57 11.96
CA ALA D 23 16.52 -8.50 11.36
C ALA D 23 15.93 -7.06 11.41
N ILE D 24 16.28 -6.33 12.47
CA ILE D 24 15.72 -5.02 12.67
C ILE D 24 16.55 -3.86 12.07
N HIS D 25 17.86 -4.04 11.88
CA HIS D 25 18.67 -2.93 11.40
C HIS D 25 19.27 -3.03 10.00
N VAL D 26 19.55 -4.24 9.54
CA VAL D 26 20.29 -4.38 8.30
C VAL D 26 19.42 -4.02 7.10
N GLY D 27 19.84 -3.00 6.36
CA GLY D 27 19.17 -2.59 5.14
C GLY D 27 18.32 -1.40 5.48
N GLN D 28 18.38 -1.00 6.74
CA GLN D 28 17.40 -0.15 7.33
C GLN D 28 17.98 1.16 7.85
N ASP D 29 19.27 1.40 7.57
CA ASP D 29 19.99 2.60 8.04
C ASP D 29 19.26 3.86 7.59
N PRO D 30 18.88 4.72 8.54
CA PRO D 30 18.27 5.98 8.21
C PRO D 30 19.11 6.88 7.28
N GLU D 31 20.45 6.90 7.44
CA GLU D 31 21.31 7.71 6.55
C GLU D 31 21.12 7.50 5.04
N GLN D 32 20.44 6.43 4.66
CA GLN D 32 20.01 6.20 3.29
C GLN D 32 19.00 7.22 2.73
N TRP D 33 18.19 7.81 3.60
CA TRP D 33 17.12 8.68 3.10
C TRP D 33 17.44 10.09 3.45
N THR D 34 16.93 11.02 2.65
CA THR D 34 17.15 12.41 2.96
C THR D 34 16.39 12.78 4.25
N SER D 35 15.27 12.10 4.53
CA SER D 35 14.49 12.38 5.74
C SER D 35 15.12 11.77 7.00
N ARG D 36 16.04 10.83 6.83
CA ARG D 36 16.57 10.03 7.94
C ARG D 36 15.49 9.17 8.61
N ALA D 37 14.51 8.71 7.84
CA ALA D 37 13.40 7.93 8.36
C ALA D 37 13.91 6.62 8.94
N VAL D 38 13.31 6.20 10.04
CA VAL D 38 13.75 5.00 10.71
C VAL D 38 13.25 3.69 10.07
N VAL D 39 12.17 3.79 9.29
CA VAL D 39 11.62 2.70 8.51
C VAL D 39 11.73 3.14 7.04
N PRO D 40 12.34 2.31 6.17
CA PRO D 40 12.56 2.66 4.77
C PRO D 40 11.31 3.04 4.02
N PRO D 41 11.36 4.09 3.22
CA PRO D 41 10.14 4.43 2.48
C PRO D 41 9.74 3.38 1.44
N ILE D 42 8.48 3.37 1.06
CA ILE D 42 8.02 2.50 0.00
C ILE D 42 8.18 3.32 -1.26
N SER D 43 9.11 2.94 -2.14
CA SER D 43 9.29 3.69 -3.37
C SER D 43 8.66 2.95 -4.53
N LEU D 44 7.53 3.46 -4.99
CA LEU D 44 6.81 2.80 -6.05
C LEU D 44 7.36 3.18 -7.40
N SER D 45 8.01 4.35 -7.47
CA SER D 45 8.54 4.89 -8.72
C SER D 45 9.11 3.86 -9.68
N THR D 46 8.69 3.98 -10.91
CA THR D 46 9.11 3.05 -11.92
C THR D 46 10.50 3.41 -12.57
N THR D 47 10.82 4.71 -12.60
CA THR D 47 12.14 5.21 -13.02
C THR D 47 12.72 6.29 -12.13
N PHE D 48 13.91 6.70 -12.51
CA PHE D 48 14.67 7.62 -11.74
C PHE D 48 15.40 8.52 -12.71
N LYS D 49 15.55 9.77 -12.31
CA LYS D 49 16.19 10.73 -13.16
C LYS D 49 17.67 10.34 -13.19
N GLN D 50 18.25 10.51 -14.37
CA GLN D 50 19.66 10.29 -14.57
C GLN D 50 20.38 11.62 -14.86
N GLY D 51 21.51 11.84 -14.18
CA GLY D 51 22.35 13.00 -14.46
C GLY D 51 22.87 13.07 -15.89
N ALA D 52 23.20 11.90 -16.45
CA ALA D 52 23.76 11.80 -17.81
C ALA D 52 23.35 10.46 -18.43
N PRO D 53 23.26 10.39 -19.78
CA PRO D 53 23.01 9.09 -20.41
C PRO D 53 24.14 8.10 -20.08
N GLY D 54 23.76 6.89 -19.70
CA GLY D 54 24.72 5.78 -19.51
C GLY D 54 25.63 5.98 -18.32
N GLN D 55 25.04 5.90 -17.13
CA GLN D 55 25.73 6.12 -15.85
C GLN D 55 26.07 4.78 -15.21
N HIS D 56 27.11 4.77 -14.38
CA HIS D 56 27.28 3.67 -13.41
C HIS D 56 26.25 3.80 -12.27
N SER D 57 26.21 4.98 -11.66
CA SER D 57 25.52 5.23 -10.38
C SER D 57 23.98 5.19 -10.34
N GLY D 58 23.46 4.74 -9.20
CA GLY D 58 22.04 4.88 -8.89
C GLY D 58 21.14 3.94 -9.63
N PHE D 59 19.89 3.93 -9.19
CA PHE D 59 18.83 3.17 -9.81
C PHE D 59 18.47 3.73 -11.18
N GLU D 60 18.03 2.87 -12.08
CA GLU D 60 17.57 3.31 -13.40
C GLU D 60 16.16 2.85 -13.76
N TYR D 61 15.82 1.62 -13.40
CA TYR D 61 14.51 1.08 -13.68
C TYR D 61 14.06 0.07 -12.60
N SER D 62 12.88 0.32 -12.01
CA SER D 62 12.32 -0.44 -10.87
C SER D 62 12.54 -1.95 -10.96
N ARG D 63 12.36 -2.49 -12.17
CA ARG D 63 12.50 -3.93 -12.37
C ARG D 63 13.88 -4.44 -12.03
N SER D 64 14.90 -3.57 -12.05
CA SER D 64 16.31 -4.00 -12.01
C SER D 64 17.11 -4.05 -10.70
N GLY D 65 16.82 -3.26 -9.66
CA GLY D 65 15.99 -2.14 -9.80
C GLY D 65 15.63 -1.15 -8.72
N ASN D 66 15.62 -1.46 -7.42
CA ASN D 66 14.89 -0.47 -6.57
C ASN D 66 15.08 -0.40 -5.07
N PRO D 67 14.94 0.81 -4.49
CA PRO D 67 15.31 1.02 -3.08
C PRO D 67 14.69 0.10 -2.05
N THR D 68 13.41 -0.24 -2.16
CA THR D 68 12.73 -0.98 -1.12
C THR D 68 12.98 -2.47 -1.22
N ARG D 69 13.09 -2.99 -2.43
CA ARG D 69 13.45 -4.38 -2.64
C ARG D 69 14.87 -4.59 -2.16
N ASN D 70 15.75 -3.65 -2.50
CA ASN D 70 17.16 -3.79 -2.16
C ASN D 70 17.47 -3.82 -0.62
N CYS D 71 16.71 -3.08 0.19
CA CYS D 71 16.83 -3.17 1.63
C CYS D 71 16.46 -4.56 2.14
N LEU D 72 15.34 -5.06 1.61
CA LEU D 72 14.78 -6.34 2.00
C LEU D 72 15.82 -7.43 1.68
N GLU D 73 16.34 -7.37 0.45
CA GLU D 73 17.42 -8.26 0.03
C GLU D 73 18.63 -8.16 0.97
N LYS D 74 18.94 -6.95 1.44
CA LYS D 74 20.07 -6.76 2.34
C LYS D 74 19.83 -7.42 3.71
N ALA D 75 18.60 -7.28 4.22
CA ALA D 75 18.20 -7.88 5.48
C ALA D 75 18.21 -9.38 5.39
N VAL D 76 17.52 -9.94 4.40
CA VAL D 76 17.50 -11.39 4.26
C VAL D 76 18.92 -11.99 4.12
N ALA D 77 19.77 -11.42 3.25
CA ALA D 77 21.15 -11.89 3.17
C ALA D 77 21.77 -12.06 4.57
N ALA D 78 21.54 -11.08 5.42
CA ALA D 78 22.16 -11.07 6.72
C ALA D 78 21.59 -12.20 7.56
N LEU D 79 20.27 -12.44 7.45
CA LEU D 79 19.65 -13.46 8.27
C LEU D 79 20.05 -14.83 7.76
N ASP D 80 20.32 -14.96 6.46
CA ASP D 80 20.82 -16.21 5.94
C ASP D 80 22.30 -16.40 6.15
N GLY D 81 22.98 -15.41 6.70
CA GLY D 81 24.44 -15.42 6.79
C GLY D 81 25.09 -15.40 5.42
N ALA D 82 24.40 -14.85 4.42
CA ALA D 82 24.91 -14.82 3.05
C ALA D 82 25.35 -13.42 2.66
N LYS D 83 25.98 -13.31 1.50
CA LYS D 83 26.50 -12.04 1.02
C LYS D 83 25.47 -11.34 0.18
N TYR D 84 24.58 -12.11 -0.44
CA TYR D 84 23.59 -11.53 -1.32
C TYR D 84 22.28 -12.22 -1.17
N CYS D 85 21.21 -11.46 -1.40
CA CYS D 85 19.90 -12.03 -1.60
C CYS D 85 19.18 -11.47 -2.84
N LEU D 86 18.21 -12.21 -3.36
CA LEU D 86 17.41 -11.72 -4.48
C LEU D 86 15.95 -12.08 -4.22
N ALA D 87 15.05 -11.11 -4.39
CA ALA D 87 13.61 -11.26 -4.18
C ALA D 87 12.84 -11.50 -5.46
N PHE D 88 11.75 -12.26 -5.41
CA PHE D 88 10.99 -12.60 -6.62
C PHE D 88 9.51 -12.60 -6.38
N ALA D 89 8.73 -12.65 -7.45
CA ALA D 89 7.28 -12.52 -7.33
C ALA D 89 6.65 -13.63 -6.49
N SER D 90 7.24 -14.82 -6.50
CA SER D 90 6.72 -15.95 -5.71
C SER D 90 7.87 -16.89 -5.33
N GLY D 91 7.62 -17.90 -4.50
CA GLY D 91 8.59 -18.97 -4.30
C GLY D 91 8.79 -19.71 -5.62
N LEU D 92 7.69 -20.09 -6.24
CA LEU D 92 7.73 -20.72 -7.58
C LEU D 92 8.55 -19.94 -8.59
N ALA D 93 8.37 -18.62 -8.65
CA ALA D 93 9.17 -17.87 -9.64
C ALA D 93 10.65 -17.88 -9.25
N ALA D 94 10.91 -18.06 -7.95
CA ALA D 94 12.28 -18.13 -7.52
C ALA D 94 12.89 -19.42 -8.08
N THR D 95 12.08 -20.48 -8.16
CA THR D 95 12.50 -21.78 -8.68
C THR D 95 12.72 -21.75 -10.17
N VAL D 96 11.76 -21.15 -10.88
CA VAL D 96 11.83 -20.97 -12.33
C VAL D 96 13.11 -20.20 -12.66
N THR D 97 13.37 -19.10 -11.96
CA THR D 97 14.57 -18.33 -12.23
C THR D 97 15.80 -19.21 -12.02
N ILE D 98 15.80 -20.02 -10.97
CA ILE D 98 16.97 -20.80 -10.62
C ILE D 98 17.27 -21.83 -11.66
N THR D 99 16.23 -22.51 -12.14
CA THR D 99 16.43 -23.49 -13.14
C THR D 99 16.80 -22.85 -14.50
N HIS D 100 16.46 -21.58 -14.73
CA HIS D 100 16.97 -20.88 -15.92
C HIS D 100 18.51 -20.68 -15.91
N LEU D 101 19.13 -21.05 -14.79
CA LEU D 101 20.56 -20.98 -14.62
C LEU D 101 21.28 -21.95 -15.54
N LEU D 102 20.52 -22.86 -16.14
CA LEU D 102 21.08 -24.06 -16.78
C LEU D 102 20.82 -24.03 -18.27
N LYS D 103 20.96 -25.17 -18.95
CA LYS D 103 20.76 -25.29 -20.42
C LYS D 103 20.22 -26.66 -20.83
N ALA D 104 19.82 -26.76 -22.10
CA ALA D 104 19.32 -28.02 -22.60
C ALA D 104 20.46 -29.03 -22.57
N GLY D 105 20.09 -30.28 -22.28
CA GLY D 105 21.06 -31.34 -22.07
C GLY D 105 21.51 -31.47 -20.62
N ASP D 106 21.08 -30.55 -19.77
CA ASP D 106 21.42 -30.62 -18.35
C ASP D 106 20.42 -31.45 -17.57
N GLN D 107 20.87 -32.02 -16.45
CA GLN D 107 19.97 -32.80 -15.59
C GLN D 107 19.79 -32.14 -14.23
N ILE D 108 18.55 -32.12 -13.74
CA ILE D 108 18.33 -31.74 -12.37
C ILE D 108 17.85 -32.91 -11.53
N ILE D 109 18.46 -33.07 -10.37
CA ILE D 109 18.02 -34.03 -9.38
C ILE D 109 17.22 -33.29 -8.30
N CYS D 110 16.04 -33.84 -8.02
CA CYS D 110 15.08 -33.21 -7.10
C CYS D 110 14.70 -34.17 -6.00
N MET D 111 14.73 -33.68 -4.76
CA MET D 111 14.25 -34.42 -3.60
C MET D 111 12.85 -34.97 -3.95
N ASP D 112 12.41 -35.96 -3.20
CA ASP D 112 11.31 -36.83 -3.61
C ASP D 112 9.96 -36.40 -3.09
N ASP D 113 9.91 -36.06 -1.82
CA ASP D 113 8.75 -35.43 -1.27
C ASP D 113 9.13 -33.99 -1.29
N VAL D 114 8.62 -33.28 -2.27
CA VAL D 114 8.96 -31.90 -2.40
C VAL D 114 7.61 -31.23 -2.48
N TYR D 115 7.56 -29.93 -2.21
CA TYR D 115 6.31 -29.19 -2.34
C TYR D 115 5.64 -29.41 -3.73
N GLY D 116 4.34 -29.71 -3.73
CA GLY D 116 3.55 -30.02 -4.92
C GLY D 116 3.85 -29.19 -6.15
N GLY D 117 3.85 -27.87 -5.99
CA GLY D 117 4.26 -26.99 -7.07
C GLY D 117 5.67 -27.16 -7.61
N THR D 118 6.67 -27.36 -6.76
CA THR D 118 8.00 -27.57 -7.35
C THR D 118 8.04 -28.87 -8.17
N ASN D 119 7.43 -29.91 -7.61
CA ASN D 119 7.17 -31.15 -8.31
C ASN D 119 6.63 -30.93 -9.72
N ARG D 120 5.50 -30.24 -9.83
CA ARG D 120 4.84 -29.99 -11.11
C ARG D 120 5.69 -29.20 -12.10
N TYR D 121 6.37 -28.16 -11.66
CA TYR D 121 7.11 -27.34 -12.60
C TYR D 121 8.26 -28.14 -13.23
N PHE D 122 8.95 -28.89 -12.37
CA PHE D 122 10.05 -29.73 -12.78
C PHE D 122 9.57 -30.82 -13.72
N ARG D 123 8.47 -31.45 -13.34
CA ARG D 123 7.96 -32.60 -14.06
C ARG D 123 7.33 -32.16 -15.39
N GLN D 124 6.44 -31.20 -15.32
CA GLN D 124 5.60 -30.86 -16.46
C GLN D 124 5.99 -29.62 -17.27
N VAL D 125 6.89 -28.80 -16.75
CA VAL D 125 7.31 -27.63 -17.52
C VAL D 125 8.80 -27.68 -17.85
N ALA D 126 9.65 -27.75 -16.85
CA ALA D 126 11.08 -27.80 -17.10
C ALA D 126 11.53 -28.96 -18.04
N SER D 127 10.93 -30.13 -17.91
CA SER D 127 11.29 -31.25 -18.76
C SER D 127 11.02 -31.04 -20.25
N GLU D 128 10.10 -30.15 -20.59
CA GLU D 128 9.82 -29.88 -22.01
C GLU D 128 10.88 -29.00 -22.69
N PHE D 129 11.88 -28.57 -21.93
CA PHE D 129 12.98 -27.75 -22.47
C PHE D 129 14.36 -28.43 -22.35
N GLY D 130 14.38 -29.74 -22.60
CA GLY D 130 15.64 -30.45 -22.72
C GLY D 130 16.32 -30.70 -21.39
N LEU D 131 15.61 -30.43 -20.30
CA LEU D 131 16.12 -30.76 -18.98
C LEU D 131 15.65 -32.17 -18.61
N LYS D 132 16.58 -32.98 -18.09
CA LYS D 132 16.23 -34.30 -17.58
C LYS D 132 15.94 -34.13 -16.09
N ILE D 133 14.79 -34.63 -15.64
CA ILE D 133 14.41 -34.50 -14.24
C ILE D 133 14.35 -35.89 -13.63
N SER D 134 15.08 -36.06 -12.53
CA SER D 134 15.06 -37.31 -11.79
C SER D 134 14.73 -37.01 -10.35
N PHE D 135 13.80 -37.79 -9.79
CA PHE D 135 13.43 -37.65 -8.38
C PHE D 135 14.10 -38.76 -7.60
N VAL D 136 14.77 -38.40 -6.52
CA VAL D 136 15.63 -39.29 -5.76
C VAL D 136 15.36 -39.06 -4.28
N ASP D 137 15.29 -40.12 -3.51
CA ASP D 137 15.05 -40.01 -2.09
C ASP D 137 16.35 -39.55 -1.44
N CYS D 138 16.57 -38.25 -1.39
CA CYS D 138 17.85 -37.76 -0.90
C CYS D 138 18.00 -37.92 0.58
N SER D 139 16.96 -38.42 1.23
CA SER D 139 17.02 -38.81 2.62
C SER D 139 18.06 -39.93 2.77
N LYS D 140 18.11 -40.86 1.81
CA LYS D 140 19.17 -41.86 1.74
C LYS D 140 20.37 -41.37 0.91
N ILE D 141 21.33 -40.73 1.59
CA ILE D 141 22.49 -40.06 0.97
C ILE D 141 23.18 -40.82 -0.17
N LYS D 142 23.37 -42.13 0.01
CA LYS D 142 24.05 -42.94 -0.99
C LYS D 142 23.28 -43.01 -2.29
N LEU D 143 21.95 -43.03 -2.22
CA LEU D 143 21.10 -42.93 -3.40
C LEU D 143 21.36 -41.68 -4.23
N LEU D 144 21.63 -40.57 -3.57
CA LEU D 144 21.96 -39.35 -4.28
C LEU D 144 23.27 -39.52 -5.03
N GLU D 145 24.29 -39.99 -4.30
CA GLU D 145 25.61 -40.22 -4.87
C GLU D 145 25.53 -41.12 -6.07
N ALA D 146 24.64 -42.11 -6.01
CA ALA D 146 24.41 -43.04 -7.10
C ALA D 146 23.71 -42.34 -8.26
N ALA D 147 22.82 -41.42 -7.98
CA ALA D 147 22.03 -40.80 -9.05
C ALA D 147 22.77 -39.76 -9.93
N ILE D 148 23.95 -39.32 -9.48
CA ILE D 148 24.71 -38.25 -10.13
C ILE D 148 25.42 -38.72 -11.40
N THR D 149 25.21 -37.96 -12.48
CA THR D 149 25.73 -38.28 -13.81
C THR D 149 26.57 -37.09 -14.25
N PRO D 150 27.44 -37.28 -15.26
CA PRO D 150 28.11 -36.13 -15.85
C PRO D 150 27.23 -34.95 -16.24
N GLU D 151 25.93 -35.17 -16.43
CA GLU D 151 25.03 -34.12 -16.96
C GLU D 151 24.29 -33.37 -15.86
N THR D 152 24.58 -33.74 -14.61
CA THR D 152 23.89 -33.24 -13.43
C THR D 152 24.38 -31.86 -13.05
N LYS D 153 23.47 -30.89 -13.07
CA LYS D 153 23.86 -29.50 -12.83
C LYS D 153 23.29 -28.90 -11.56
N LEU D 154 22.17 -29.45 -11.13
CA LEU D 154 21.42 -28.87 -10.01
C LEU D 154 20.87 -29.97 -9.10
N VAL D 155 21.05 -29.81 -7.80
CA VAL D 155 20.40 -30.72 -6.87
C VAL D 155 19.44 -29.88 -6.01
N TRP D 156 18.17 -30.29 -6.01
CA TRP D 156 17.13 -29.53 -5.36
C TRP D 156 16.59 -30.28 -4.14
N ILE D 157 16.68 -29.64 -2.98
CA ILE D 157 16.41 -30.33 -1.75
C ILE D 157 15.53 -29.48 -0.83
N GLU D 158 14.73 -30.16 -0.03
CA GLU D 158 13.74 -29.51 0.81
C GLU D 158 13.81 -30.24 2.14
N THR D 159 14.08 -29.52 3.22
CA THR D 159 14.14 -30.18 4.51
C THR D 159 13.75 -29.25 5.66
N PRO D 160 12.78 -29.70 6.49
CA PRO D 160 12.10 -30.96 6.35
C PRO D 160 11.16 -30.95 5.12
N THR D 161 10.84 -32.12 4.60
CA THR D 161 10.02 -32.23 3.39
C THR D 161 8.57 -31.96 3.74
N ASN D 162 7.90 -31.27 2.82
CA ASN D 162 6.50 -30.97 2.92
C ASN D 162 5.69 -31.92 2.07
N PRO D 163 4.84 -32.77 2.67
CA PRO D 163 4.32 -32.78 4.03
C PRO D 163 4.83 -33.86 4.98
N THR D 164 5.64 -34.81 4.53
CA THR D 164 5.96 -35.95 5.40
C THR D 164 7.13 -35.70 6.30
N GLN D 165 7.87 -34.64 6.02
CA GLN D 165 8.84 -34.12 6.96
C GLN D 165 10.04 -35.04 7.15
N LYS D 166 10.47 -35.72 6.08
CA LYS D 166 11.78 -36.37 6.09
C LYS D 166 12.81 -35.27 6.19
N VAL D 167 13.91 -35.58 6.86
CA VAL D 167 14.96 -34.60 7.12
C VAL D 167 16.23 -35.07 6.43
N ILE D 168 16.85 -34.17 5.66
CA ILE D 168 18.00 -34.47 4.83
C ILE D 168 19.25 -33.88 5.47
N ASP D 169 20.37 -34.59 5.38
CA ASP D 169 21.62 -34.12 5.96
C ASP D 169 22.21 -33.17 4.95
N ILE D 170 22.08 -31.88 5.22
CA ILE D 170 22.48 -30.90 4.22
C ILE D 170 23.99 -31.00 4.02
N GLU D 171 24.73 -30.92 5.13
CA GLU D 171 26.18 -31.04 5.12
C GLU D 171 26.64 -32.34 4.45
N GLY D 172 25.91 -33.43 4.67
CA GLY D 172 26.30 -34.69 4.07
C GLY D 172 26.05 -34.68 2.57
N CYS D 173 24.97 -34.00 2.15
CA CYS D 173 24.60 -33.91 0.74
C CYS D 173 25.52 -33.02 0.00
N ALA D 174 25.90 -31.96 0.70
CA ALA D 174 26.78 -30.92 0.18
C ALA D 174 28.13 -31.51 -0.16
N HIS D 175 28.73 -32.24 0.77
CA HIS D 175 29.99 -32.95 0.51
C HIS D 175 29.91 -33.83 -0.75
N ILE D 176 28.85 -34.64 -0.85
CA ILE D 176 28.66 -35.55 -1.98
C ILE D 176 28.43 -34.82 -3.29
N VAL D 177 27.61 -33.79 -3.27
CA VAL D 177 27.27 -33.05 -4.47
C VAL D 177 28.47 -32.24 -4.92
N HIS D 178 29.33 -31.85 -4.00
CA HIS D 178 30.48 -31.08 -4.42
C HIS D 178 31.70 -31.91 -4.80
N LYS D 179 31.69 -33.23 -4.63
CA LYS D 179 32.94 -34.00 -4.75
C LYS D 179 33.52 -33.92 -6.17
N HIS D 180 32.67 -33.96 -7.19
CA HIS D 180 33.11 -33.87 -8.58
C HIS D 180 32.21 -32.97 -9.39
N GLY D 181 32.78 -32.29 -10.38
CA GLY D 181 32.00 -31.50 -11.33
C GLY D 181 31.58 -30.18 -10.75
N ASP D 182 30.80 -29.44 -11.53
CA ASP D 182 30.34 -28.10 -11.17
C ASP D 182 28.82 -28.17 -11.03
N ILE D 183 28.36 -28.66 -9.88
CA ILE D 183 26.93 -28.77 -9.68
C ILE D 183 26.43 -28.10 -8.40
N ILE D 184 25.31 -27.40 -8.56
CA ILE D 184 24.74 -26.47 -7.57
C ILE D 184 23.76 -27.20 -6.66
N LEU D 185 23.86 -26.93 -5.35
CA LEU D 185 22.91 -27.45 -4.38
C LEU D 185 22.01 -26.33 -3.87
N VAL D 186 20.72 -26.44 -4.21
CA VAL D 186 19.66 -25.61 -3.64
C VAL D 186 18.99 -26.32 -2.45
N VAL D 187 18.79 -25.56 -1.37
CA VAL D 187 18.01 -26.00 -0.24
C VAL D 187 16.81 -25.05 -0.07
N ASP D 188 15.61 -25.58 -0.21
CA ASP D 188 14.40 -24.82 0.05
C ASP D 188 14.10 -24.88 1.55
N ASN D 189 14.20 -23.73 2.20
CA ASN D 189 14.31 -23.61 3.64
C ASN D 189 13.03 -22.91 4.17
N THR D 190 12.02 -22.90 3.31
CA THR D 190 10.72 -22.32 3.59
C THR D 190 10.13 -22.72 4.92
N PHE D 191 10.15 -24.00 5.25
CA PHE D 191 9.60 -24.51 6.50
C PHE D 191 10.42 -24.04 7.68
N MET D 192 11.71 -23.88 7.52
CA MET D 192 12.52 -23.65 8.71
C MET D 192 12.73 -22.19 9.09
N SER D 193 12.82 -21.32 8.07
CA SER D 193 13.25 -19.94 8.21
C SER D 193 14.71 -19.94 8.64
N PRO D 194 15.45 -18.89 8.26
CA PRO D 194 16.88 -18.84 8.55
C PRO D 194 17.14 -18.71 10.04
N TYR D 195 16.09 -18.64 10.84
CA TYR D 195 16.25 -18.50 12.29
C TYR D 195 16.55 -19.88 12.88
N PHE D 196 15.99 -20.90 12.26
CA PHE D 196 16.14 -22.25 12.76
C PHE D 196 17.19 -23.08 12.00
N GLN D 197 17.49 -22.71 10.75
CA GLN D 197 18.41 -23.47 9.89
C GLN D 197 19.12 -22.61 8.81
N ARG D 198 20.44 -22.73 8.72
CA ARG D 198 21.24 -21.96 7.74
C ARG D 198 21.94 -22.88 6.72
N PRO D 199 21.22 -23.20 5.64
CA PRO D 199 21.79 -24.19 4.72
C PRO D 199 23.13 -23.73 4.16
N LEU D 200 23.36 -22.43 4.11
CA LEU D 200 24.63 -21.93 3.60
C LEU D 200 25.77 -22.23 4.51
N ALA D 201 25.50 -22.27 5.81
CA ALA D 201 26.56 -22.54 6.79
C ALA D 201 26.96 -24.00 6.67
N LEU D 202 26.04 -24.77 6.11
CA LEU D 202 26.20 -26.20 6.02
C LEU D 202 26.57 -26.69 4.61
N GLY D 203 26.89 -25.77 3.69
CA GLY D 203 27.44 -26.16 2.38
C GLY D 203 26.55 -26.03 1.16
N ALA D 204 25.26 -25.76 1.35
CA ALA D 204 24.43 -25.45 0.17
C ALA D 204 25.01 -24.23 -0.56
N ASP D 205 24.76 -24.18 -1.87
CA ASP D 205 25.14 -23.06 -2.70
C ASP D 205 24.07 -22.02 -2.72
N ILE D 206 22.82 -22.46 -2.52
CA ILE D 206 21.65 -21.57 -2.52
C ILE D 206 20.66 -21.93 -1.39
N SER D 207 20.20 -20.92 -0.66
CA SER D 207 19.15 -21.11 0.34
C SER D 207 17.89 -20.38 -0.14
N MET D 208 16.86 -21.14 -0.47
CA MET D 208 15.70 -20.60 -1.18
C MET D 208 14.47 -20.53 -0.26
N TYR D 209 13.67 -19.48 -0.39
CA TYR D 209 12.39 -19.38 0.39
C TYR D 209 11.12 -19.14 -0.41
N SER D 210 10.06 -19.81 -0.03
CA SER D 210 8.77 -19.24 -0.33
C SER D 210 8.50 -18.26 0.85
N ALA D 211 8.74 -16.97 0.64
CA ALA D 211 8.52 -15.96 1.71
C ALA D 211 7.06 -15.82 2.14
N THR D 212 6.16 -16.17 1.22
CA THR D 212 4.71 -16.33 1.45
C THR D 212 4.36 -16.99 2.77
N LYS D 213 5.30 -17.76 3.30
CA LYS D 213 5.11 -18.59 4.47
C LYS D 213 5.61 -17.92 5.75
N TYR D 214 6.65 -18.49 6.35
CA TYR D 214 7.15 -18.02 7.64
C TYR D 214 7.81 -16.65 7.58
N MET D 215 8.64 -16.45 6.56
CA MET D 215 9.43 -15.20 6.42
C MET D 215 8.53 -13.98 6.61
N ASN D 216 7.47 -13.93 5.82
CA ASN D 216 6.47 -12.88 5.95
C ASN D 216 5.61 -13.10 7.19
N GLY D 217 5.01 -14.29 7.31
CA GLY D 217 4.28 -14.68 8.50
C GLY D 217 2.87 -14.16 8.63
N HIS D 218 2.46 -13.22 7.75
CA HIS D 218 1.16 -12.59 7.94
C HIS D 218 0.15 -12.89 6.82
N SER D 219 0.47 -13.90 6.02
CA SER D 219 -0.47 -14.44 5.02
C SER D 219 -1.04 -13.39 4.09
N ASP D 220 -0.19 -12.44 3.69
CA ASP D 220 -0.68 -11.34 2.86
C ASP D 220 0.35 -10.85 1.86
N VAL D 221 1.40 -11.65 1.67
CA VAL D 221 2.38 -11.41 0.62
C VAL D 221 2.73 -12.74 0.00
N VAL D 222 2.63 -12.82 -1.31
CA VAL D 222 3.24 -13.90 -2.07
C VAL D 222 4.61 -13.40 -2.48
N MET D 223 5.66 -14.20 -2.23
CA MET D 223 7.03 -13.74 -2.46
C MET D 223 8.07 -14.85 -2.46
N GLY D 224 9.16 -14.68 -3.22
CA GLY D 224 10.26 -15.61 -3.21
C GLY D 224 11.57 -14.92 -2.85
N LEU D 225 12.54 -15.73 -2.39
CA LEU D 225 13.84 -15.27 -1.87
C LEU D 225 14.97 -16.26 -2.14
N VAL D 226 16.07 -15.76 -2.68
CA VAL D 226 17.20 -16.62 -2.91
C VAL D 226 18.43 -16.02 -2.21
N SER D 227 18.97 -16.74 -1.24
CA SER D 227 20.20 -16.29 -0.61
C SER D 227 21.37 -17.07 -1.15
N VAL D 228 22.48 -16.37 -1.37
CA VAL D 228 23.64 -16.92 -2.05
C VAL D 228 24.93 -16.24 -1.61
N ASN D 229 26.02 -17.00 -1.57
CA ASN D 229 27.35 -16.48 -1.27
C ASN D 229 28.27 -16.33 -2.46
N CYS D 230 28.21 -17.29 -3.38
CA CYS D 230 29.20 -17.40 -4.47
C CYS D 230 29.10 -16.26 -5.52
N GLU D 231 30.21 -15.59 -5.74
CA GLU D 231 30.26 -14.40 -6.59
C GLU D 231 29.65 -14.65 -7.96
N SER D 232 30.27 -15.52 -8.75
CA SER D 232 29.76 -15.76 -10.08
C SER D 232 28.37 -16.42 -10.14
N LEU D 233 27.95 -17.13 -9.10
CA LEU D 233 26.57 -17.64 -9.06
C LEU D 233 25.55 -16.51 -8.86
N HIS D 234 25.91 -15.53 -8.02
CA HIS D 234 25.12 -14.31 -7.81
C HIS D 234 24.86 -13.50 -9.10
N ASN D 235 25.95 -13.19 -9.83
CA ASN D 235 25.84 -12.42 -11.07
C ASN D 235 24.91 -13.11 -12.06
N ARG D 236 24.98 -14.45 -12.07
CA ARG D 236 24.20 -15.30 -12.97
C ARG D 236 22.72 -15.27 -12.58
N LEU D 237 22.48 -15.28 -11.28
CA LEU D 237 21.15 -15.07 -10.72
C LEU D 237 20.65 -13.64 -10.95
N ARG D 238 21.47 -12.62 -10.67
CA ARG D 238 21.04 -11.21 -10.78
C ARG D 238 20.55 -10.92 -12.18
N PHE D 239 21.27 -11.46 -13.16
CA PHE D 239 20.97 -11.28 -14.57
C PHE D 239 19.61 -11.84 -14.93
N LEU D 240 19.30 -12.98 -14.32
CA LEU D 240 18.01 -13.64 -14.58
C LEU D 240 16.84 -12.92 -13.91
N GLN D 241 17.11 -12.41 -12.69
CA GLN D 241 16.16 -11.57 -11.98
C GLN D 241 15.70 -10.40 -12.85
N ASN D 242 16.63 -9.80 -13.58
CA ASN D 242 16.32 -8.68 -14.46
C ASN D 242 15.73 -9.07 -15.81
N SER D 243 16.26 -10.14 -16.42
CA SER D 243 15.86 -10.55 -17.77
C SER D 243 14.52 -11.27 -17.84
N LEU D 244 14.17 -12.03 -16.81
CA LEU D 244 12.93 -12.80 -16.79
C LEU D 244 11.84 -11.99 -16.14
N GLY D 245 12.24 -11.02 -15.32
CA GLY D 245 11.31 -10.06 -14.73
C GLY D 245 10.28 -10.55 -13.74
N ALA D 246 10.51 -11.71 -13.10
CA ALA D 246 9.61 -12.26 -12.06
C ALA D 246 9.84 -11.57 -10.72
N VAL D 247 9.60 -10.28 -10.74
CA VAL D 247 10.01 -9.35 -9.73
C VAL D 247 8.84 -9.09 -8.75
N PRO D 248 9.13 -8.80 -7.49
CA PRO D 248 8.07 -8.48 -6.52
C PRO D 248 7.67 -7.00 -6.46
N SER D 249 6.40 -6.71 -6.18
CA SER D 249 5.98 -5.34 -5.90
C SER D 249 6.75 -4.69 -4.72
N PRO D 250 7.15 -3.41 -4.87
CA PRO D 250 7.72 -2.74 -3.68
C PRO D 250 6.84 -2.77 -2.41
N ILE D 251 5.52 -2.66 -2.54
CA ILE D 251 4.68 -2.80 -1.34
C ILE D 251 4.88 -4.15 -0.69
N ASP D 252 4.85 -5.20 -1.49
CA ASP D 252 5.13 -6.53 -0.98
C ASP D 252 6.52 -6.60 -0.33
N CYS D 253 7.51 -5.94 -0.93
CA CYS D 253 8.82 -5.89 -0.32
C CYS D 253 8.70 -5.19 1.03
N TYR D 254 8.11 -4.01 1.05
CA TYR D 254 7.93 -3.36 2.31
C TYR D 254 7.31 -4.28 3.35
N LEU D 255 6.18 -4.89 2.99
CA LEU D 255 5.40 -5.74 3.88
C LEU D 255 6.19 -6.95 4.42
N CYS D 256 7.06 -7.48 3.57
CA CYS D 256 7.73 -8.70 3.93
C CYS D 256 8.83 -8.37 4.90
N ASN D 257 9.54 -7.28 4.63
CA ASN D 257 10.55 -6.72 5.53
C ASN D 257 9.94 -6.33 6.84
N ARG D 258 8.70 -5.87 6.81
CA ARG D 258 7.97 -5.54 8.02
C ARG D 258 7.73 -6.85 8.80
N GLY D 259 7.40 -7.94 8.08
CA GLY D 259 7.15 -9.24 8.70
C GLY D 259 8.38 -9.77 9.42
N LEU D 260 9.52 -9.63 8.76
CA LEU D 260 10.79 -10.10 9.25
C LEU D 260 11.16 -9.50 10.58
N LYS D 261 10.59 -8.35 10.94
CA LYS D 261 11.05 -7.67 12.15
C LYS D 261 10.72 -8.48 13.40
N THR D 262 9.74 -9.38 13.26
CA THR D 262 9.25 -10.22 14.37
C THR D 262 9.50 -11.66 14.10
N LEU D 263 10.33 -11.97 13.10
CA LEU D 263 10.59 -13.37 12.77
C LEU D 263 11.08 -14.19 13.99
N HIS D 264 12.10 -13.71 14.69
CA HIS D 264 12.61 -14.34 15.91
C HIS D 264 11.50 -14.56 16.95
N VAL D 265 10.71 -13.53 17.30
CA VAL D 265 9.67 -13.73 18.33
C VAL D 265 8.51 -14.61 17.82
N ARG D 266 8.21 -14.52 16.53
CA ARG D 266 7.21 -15.43 15.97
C ARG D 266 7.70 -16.87 15.95
N MET D 267 8.89 -17.10 15.37
CA MET D 267 9.41 -18.49 15.27
C MET D 267 9.57 -19.18 16.63
N GLU D 268 9.79 -18.41 17.70
CA GLU D 268 9.87 -18.99 19.04
C GLU D 268 8.52 -19.48 19.51
N LYS D 269 7.48 -18.68 19.25
CA LYS D 269 6.13 -19.08 19.59
C LYS D 269 5.65 -20.30 18.74
N HIS D 270 5.89 -20.31 17.43
CA HIS D 270 5.57 -21.49 16.58
C HIS D 270 6.20 -22.75 17.10
N PHE D 271 7.43 -22.62 17.63
CA PHE D 271 8.15 -23.75 18.19
C PHE D 271 7.55 -24.22 19.53
N LYS D 272 7.24 -23.28 20.45
CA LYS D 272 6.60 -23.65 21.71
C LYS D 272 5.26 -24.34 21.42
N ASN D 273 4.42 -23.65 20.63
CA ASN D 273 3.06 -24.13 20.31
C ASN D 273 3.11 -25.43 19.52
N GLY D 274 3.97 -25.46 18.49
CA GLY D 274 4.26 -26.66 17.71
C GLY D 274 4.68 -27.85 18.55
N MET D 275 5.54 -27.62 19.54
CA MET D 275 5.99 -28.69 20.44
C MET D 275 4.84 -29.25 21.27
N ALA D 276 4.04 -28.37 21.86
CA ALA D 276 2.92 -28.77 22.70
C ALA D 276 1.83 -29.54 21.92
N VAL D 277 1.60 -29.17 20.67
CA VAL D 277 0.61 -29.84 19.87
C VAL D 277 1.11 -31.25 19.53
N ALA D 278 2.38 -31.37 19.19
CA ALA D 278 2.96 -32.64 18.84
C ALA D 278 2.92 -33.61 20.01
N GLN D 279 3.36 -33.13 21.17
CA GLN D 279 3.34 -33.91 22.37
C GLN D 279 1.90 -34.34 22.66
N PHE D 280 0.95 -33.41 22.57
CA PHE D 280 -0.44 -33.73 22.79
C PHE D 280 -0.95 -34.80 21.83
N LEU D 281 -0.55 -34.72 20.58
CA LEU D 281 -1.03 -35.69 19.60
C LEU D 281 -0.42 -37.06 19.85
N GLU D 282 0.85 -37.10 20.22
CA GLU D 282 1.51 -38.37 20.51
C GLU D 282 0.85 -39.14 21.67
N SER D 283 0.14 -38.44 22.54
CA SER D 283 -0.45 -39.07 23.70
C SER D 283 -1.91 -39.37 23.49
N ASN D 284 -2.39 -39.14 22.29
CA ASN D 284 -3.80 -39.24 22.06
C ASN D 284 -4.11 -40.58 21.43
N PRO D 285 -5.05 -41.33 22.02
CA PRO D 285 -5.49 -42.64 21.56
C PRO D 285 -6.13 -42.64 20.16
N TRP D 286 -6.42 -41.47 19.60
CA TRP D 286 -7.00 -41.46 18.27
C TRP D 286 -5.95 -41.17 17.22
N VAL D 287 -4.69 -41.08 17.64
CA VAL D 287 -3.62 -40.68 16.72
C VAL D 287 -2.72 -41.89 16.43
N GLU D 288 -2.47 -42.16 15.15
CA GLU D 288 -1.69 -43.31 14.75
C GLU D 288 -0.18 -43.05 14.82
N LYS D 289 0.24 -41.89 14.34
CA LYS D 289 1.67 -41.56 14.30
C LYS D 289 1.74 -40.06 14.19
N VAL D 290 2.69 -39.47 14.89
CA VAL D 290 2.95 -38.05 14.80
C VAL D 290 4.32 -37.86 14.18
N ILE D 291 4.38 -37.09 13.11
CA ILE D 291 5.67 -36.75 12.54
C ILE D 291 5.99 -35.29 12.85
N TYR D 292 6.97 -35.14 13.75
CA TYR D 292 7.45 -33.83 14.16
C TYR D 292 8.92 -33.86 14.55
N PRO D 293 9.75 -33.08 13.85
CA PRO D 293 11.21 -33.01 14.09
C PRO D 293 11.66 -32.87 15.57
N GLY D 294 10.93 -32.09 16.37
CA GLY D 294 11.33 -31.82 17.73
C GLY D 294 11.13 -32.98 18.68
N LEU D 295 10.44 -34.03 18.21
CA LEU D 295 10.10 -35.18 19.02
C LEU D 295 11.22 -36.21 19.01
N PRO D 296 11.53 -36.79 20.18
CA PRO D 296 12.45 -37.94 20.21
C PRO D 296 12.03 -39.04 19.22
N SER D 297 10.74 -39.20 18.97
CA SER D 297 10.29 -40.29 18.09
C SER D 297 10.56 -40.07 16.58
N HIS D 298 10.88 -38.86 16.15
CA HIS D 298 11.22 -38.63 14.73
C HIS D 298 12.50 -39.37 14.35
N PRO D 299 12.52 -40.09 13.21
CA PRO D 299 13.72 -40.88 12.91
C PRO D 299 14.99 -40.06 12.84
N GLN D 300 14.93 -38.88 12.23
CA GLN D 300 16.12 -38.04 12.07
C GLN D 300 16.21 -37.03 13.19
N HIS D 301 15.66 -37.37 14.36
CA HIS D 301 15.62 -36.42 15.45
C HIS D 301 16.99 -35.85 15.84
N GLU D 302 17.98 -36.72 16.04
CA GLU D 302 19.34 -36.28 16.41
C GLU D 302 20.01 -35.44 15.32
N LEU D 303 19.81 -35.80 14.05
CA LEU D 303 20.23 -34.95 12.92
C LEU D 303 19.64 -33.57 13.03
N VAL D 304 18.37 -33.49 13.46
CA VAL D 304 17.68 -32.23 13.57
C VAL D 304 18.43 -31.35 14.55
N LYS D 305 18.90 -31.93 15.63
CA LYS D 305 19.61 -31.18 16.65
C LYS D 305 21.02 -30.69 16.23
N ARG D 306 21.70 -31.44 15.35
CA ARG D 306 23.01 -31.03 14.81
C ARG D 306 22.94 -29.96 13.72
N GLN D 307 21.81 -29.88 13.00
CA GLN D 307 21.74 -28.93 11.90
C GLN D 307 20.77 -27.76 12.12
N CYS D 308 20.03 -27.79 13.21
CA CYS D 308 19.05 -26.75 13.49
C CYS D 308 19.15 -26.23 14.89
N THR D 309 18.78 -24.98 15.07
CA THR D 309 18.74 -24.39 16.39
C THR D 309 17.36 -24.59 17.00
N GLY D 310 16.45 -25.28 16.29
CA GLY D 310 15.09 -25.52 16.77
C GLY D 310 14.10 -26.09 15.76
N CYS D 311 12.81 -26.02 16.07
CA CYS D 311 11.79 -26.52 15.17
C CYS D 311 10.65 -25.59 15.03
N THR D 312 9.71 -25.98 14.22
CA THR D 312 8.79 -25.05 13.64
C THR D 312 7.35 -25.46 14.04
N GLY D 313 6.34 -24.77 13.53
CA GLY D 313 4.94 -25.09 13.89
C GLY D 313 4.26 -26.09 12.96
N MET D 314 5.05 -26.69 12.09
CA MET D 314 4.55 -27.69 11.17
C MET D 314 4.51 -29.05 11.85
N VAL D 315 3.29 -29.52 12.10
CA VAL D 315 3.07 -30.82 12.73
C VAL D 315 2.22 -31.68 11.81
N THR D 316 2.69 -32.87 11.49
CA THR D 316 1.84 -33.73 10.71
C THR D 316 1.64 -35.01 11.50
N PHE D 317 0.45 -35.57 11.37
CA PHE D 317 0.10 -36.83 12.00
C PHE D 317 -0.89 -37.58 11.12
N TYR D 318 -1.10 -38.84 11.48
CA TYR D 318 -2.03 -39.69 10.82
C TYR D 318 -3.07 -39.99 11.86
N ILE D 319 -4.32 -39.59 11.60
CA ILE D 319 -5.44 -39.98 12.47
C ILE D 319 -5.71 -41.48 12.30
N LYS D 320 -6.15 -42.17 13.35
CA LYS D 320 -6.57 -43.55 13.24
C LYS D 320 -7.85 -43.70 12.38
N GLY D 321 -8.04 -44.86 11.77
CA GLY D 321 -9.22 -45.08 10.96
C GLY D 321 -9.04 -44.81 9.49
N THR D 322 -9.85 -43.90 8.98
CA THR D 322 -10.12 -43.81 7.56
C THR D 322 -10.25 -42.36 7.11
N LEU D 323 -10.40 -42.17 5.80
CA LEU D 323 -10.67 -40.86 5.26
C LEU D 323 -11.83 -40.19 6.01
N GLN D 324 -12.93 -40.92 6.17
CA GLN D 324 -14.11 -40.38 6.86
C GLN D 324 -13.76 -39.74 8.21
N HIS D 325 -12.90 -40.44 8.94
CA HIS D 325 -12.41 -39.92 10.20
C HIS D 325 -11.60 -38.62 10.05
N ALA D 326 -10.60 -38.60 9.16
CA ALA D 326 -9.88 -37.34 8.80
C ALA D 326 -10.84 -36.21 8.43
N GLU D 327 -11.80 -36.54 7.57
CA GLU D 327 -12.71 -35.51 7.13
C GLU D 327 -13.51 -34.96 8.30
N ILE D 328 -14.00 -35.85 9.17
CA ILE D 328 -14.83 -35.40 10.29
C ILE D 328 -14.03 -34.55 11.28
N PHE D 329 -12.83 -35.01 11.64
CA PHE D 329 -11.90 -34.21 12.44
C PHE D 329 -11.71 -32.81 11.84
N LEU D 330 -11.40 -32.76 10.55
CA LEU D 330 -11.24 -31.46 9.87
C LEU D 330 -12.49 -30.59 9.97
N LYS D 331 -13.65 -31.20 9.78
CA LYS D 331 -14.92 -30.50 9.80
C LYS D 331 -15.27 -29.94 11.19
N ASN D 332 -14.67 -30.51 12.23
CA ASN D 332 -15.03 -30.15 13.59
C ASN D 332 -14.13 -29.10 14.23
N LEU D 333 -12.98 -28.85 13.61
CA LEU D 333 -12.10 -27.77 14.04
C LEU D 333 -12.86 -26.43 14.12
N LYS D 334 -12.70 -25.72 15.24
CA LYS D 334 -13.38 -24.44 15.40
C LYS D 334 -12.37 -23.31 15.39
N LEU D 335 -11.12 -23.63 15.69
CA LEU D 335 -10.07 -22.61 15.79
C LEU D 335 -9.09 -22.68 14.62
N PHE D 336 -8.39 -23.80 14.48
CA PHE D 336 -7.69 -24.18 13.25
C PHE D 336 -8.65 -23.96 12.07
N THR D 337 -8.14 -23.38 11.00
CA THR D 337 -8.94 -23.14 9.81
C THR D 337 -8.49 -24.14 8.74
N LEU D 338 -9.46 -24.66 8.00
CA LEU D 338 -9.21 -25.56 6.89
C LEU D 338 -8.84 -24.69 5.74
N ALA D 339 -7.57 -24.78 5.33
CA ALA D 339 -6.98 -23.91 4.32
C ALA D 339 -5.65 -24.41 3.84
N GLU D 340 -5.17 -23.83 2.74
CA GLU D 340 -3.98 -24.34 2.07
C GLU D 340 -2.59 -23.76 2.32
N SER D 341 -2.45 -22.58 2.91
CA SER D 341 -1.07 -22.10 3.03
C SER D 341 -0.39 -22.66 4.28
N LEU D 342 0.63 -21.97 4.79
CA LEU D 342 1.24 -22.29 6.08
C LEU D 342 2.11 -21.14 6.55
N GLY D 343 2.57 -21.23 7.78
CA GLY D 343 3.56 -20.30 8.32
C GLY D 343 3.00 -18.99 8.84
N GLY D 344 1.69 -18.88 8.94
CA GLY D 344 1.11 -17.60 9.30
C GLY D 344 0.89 -17.49 10.77
N PHE D 345 0.32 -16.40 11.20
CA PHE D 345 0.00 -16.26 12.61
C PHE D 345 -1.15 -17.17 13.09
N GLU D 346 -1.93 -17.70 12.16
CA GLU D 346 -3.08 -18.52 12.56
C GLU D 346 -2.96 -19.93 12.10
N SER D 347 -3.56 -20.83 12.89
CA SER D 347 -3.39 -22.23 12.70
C SER D 347 -4.27 -22.78 11.60
N LEU D 348 -3.66 -23.62 10.79
CA LEU D 348 -4.24 -24.17 9.58
C LEU D 348 -4.15 -25.68 9.64
N ALA D 349 -5.17 -26.33 9.08
CA ALA D 349 -5.24 -27.77 9.08
C ALA D 349 -5.46 -28.11 7.64
N GLU D 350 -4.88 -29.21 7.20
CA GLU D 350 -5.01 -29.53 5.80
C GLU D 350 -4.85 -31.02 5.55
N LEU D 351 -5.40 -31.47 4.43
CA LEU D 351 -5.35 -32.86 4.01
C LEU D 351 -4.61 -32.99 2.67
N PRO D 352 -3.29 -33.13 2.74
CA PRO D 352 -2.42 -33.10 1.56
C PRO D 352 -2.94 -33.91 0.36
N ALA D 353 -3.31 -35.16 0.60
CA ALA D 353 -3.75 -36.04 -0.47
C ALA D 353 -4.78 -35.36 -1.39
N ILE D 354 -5.79 -34.73 -0.78
CA ILE D 354 -6.90 -34.19 -1.58
C ILE D 354 -6.85 -32.67 -1.83
N MET D 355 -5.97 -31.97 -1.10
CA MET D 355 -5.78 -30.51 -1.19
C MET D 355 -4.44 -30.03 -1.76
N THR D 356 -3.54 -29.55 -0.90
CA THR D 356 -2.25 -28.92 -1.24
C THR D 356 -1.37 -29.75 -2.21
N HIS D 357 -1.42 -31.08 -2.06
CA HIS D 357 -0.62 -32.03 -2.87
C HIS D 357 -1.51 -32.84 -3.83
N ALA D 358 -2.45 -32.15 -4.48
CA ALA D 358 -3.33 -32.76 -5.49
C ALA D 358 -2.60 -33.17 -6.80
N SER D 359 -1.47 -32.50 -7.08
CA SER D 359 -0.65 -32.72 -8.30
C SER D 359 0.21 -33.99 -8.30
N LYS D 362 -0.79 -39.66 -8.11
CA LYS D 362 -1.27 -40.46 -7.01
C LYS D 362 -0.26 -41.53 -6.60
N ASN D 363 0.22 -42.32 -7.57
CA ASN D 363 1.30 -43.31 -7.36
C ASN D 363 2.42 -42.81 -6.43
N ASP D 364 3.21 -41.85 -6.90
CA ASP D 364 4.34 -41.28 -6.14
C ASP D 364 3.93 -40.89 -4.71
N ARG D 365 2.67 -40.48 -4.59
CA ARG D 365 2.07 -40.02 -3.33
C ARG D 365 1.61 -41.16 -2.39
N ASP D 366 1.36 -42.36 -2.94
CA ASP D 366 1.20 -43.55 -2.11
C ASP D 366 2.56 -44.01 -1.56
N VAL D 367 3.57 -43.98 -2.42
CA VAL D 367 4.95 -44.36 -2.07
C VAL D 367 5.48 -43.45 -0.98
N LEU D 368 5.21 -42.15 -1.10
CA LEU D 368 5.65 -41.15 -0.13
C LEU D 368 4.87 -41.21 1.20
N GLY D 369 3.78 -41.97 1.19
CA GLY D 369 2.92 -42.11 2.36
C GLY D 369 2.03 -40.90 2.57
N ILE D 370 1.59 -40.29 1.47
CA ILE D 370 0.57 -39.24 1.51
C ILE D 370 -0.79 -39.88 1.26
N SER D 371 -1.31 -40.49 2.32
CA SER D 371 -2.55 -41.21 2.29
C SER D 371 -3.70 -40.32 2.75
N ASP D 372 -4.91 -40.92 2.78
CA ASP D 372 -6.14 -40.27 3.26
C ASP D 372 -6.11 -39.90 4.76
N THR D 373 -5.25 -40.60 5.49
CA THR D 373 -5.17 -40.60 6.93
C THR D 373 -4.30 -39.42 7.38
N LEU D 374 -3.49 -38.90 6.46
CA LEU D 374 -2.40 -37.98 6.81
C LEU D 374 -2.84 -36.51 6.89
N ILE D 375 -2.52 -35.86 8.01
CA ILE D 375 -2.93 -34.48 8.21
C ILE D 375 -1.75 -33.53 8.49
N ARG D 376 -1.72 -32.41 7.76
CA ARG D 376 -0.71 -31.36 7.96
C ARG D 376 -1.29 -30.21 8.78
N LEU D 377 -0.69 -29.95 9.92
CA LEU D 377 -1.00 -28.84 10.77
C LEU D 377 0.06 -27.80 10.60
N SER D 378 -0.41 -26.56 10.48
CA SER D 378 0.42 -25.37 10.64
C SER D 378 -0.01 -24.67 11.92
N VAL D 379 0.67 -25.00 13.00
CA VAL D 379 0.32 -24.43 14.27
C VAL D 379 0.75 -22.97 14.27
N GLY D 380 -0.17 -22.09 14.67
CA GLY D 380 0.10 -20.66 14.69
C GLY D 380 0.42 -20.15 16.06
N LEU D 381 0.05 -18.90 16.30
CA LEU D 381 0.51 -18.15 17.46
C LEU D 381 -0.58 -17.95 18.50
N GLU D 382 -1.72 -18.63 18.34
CA GLU D 382 -2.78 -18.53 19.33
C GLU D 382 -2.36 -19.14 20.72
N ASP D 383 -3.21 -19.02 21.73
CA ASP D 383 -2.91 -19.57 23.05
C ASP D 383 -2.89 -21.06 23.00
N GLU D 384 -1.79 -21.67 23.48
CA GLU D 384 -1.61 -23.13 23.53
C GLU D 384 -2.83 -23.92 24.04
N GLU D 385 -3.46 -23.43 25.09
CA GLU D 385 -4.55 -24.10 25.77
C GLU D 385 -5.74 -24.24 24.80
N ASP D 386 -5.93 -23.22 23.98
CA ASP D 386 -7.06 -23.17 23.08
C ASP D 386 -6.82 -24.09 21.92
N LEU D 387 -5.57 -24.10 21.44
CA LEU D 387 -5.17 -25.00 20.34
C LEU D 387 -5.42 -26.45 20.71
N LEU D 388 -5.02 -26.79 21.93
CA LEU D 388 -5.11 -28.12 22.47
C LEU D 388 -6.54 -28.52 22.68
N GLU D 389 -7.33 -27.56 23.16
CA GLU D 389 -8.71 -27.83 23.41
C GLU D 389 -9.46 -28.06 22.08
N ASP D 390 -9.17 -27.26 21.05
CA ASP D 390 -9.66 -27.50 19.67
C ASP D 390 -9.33 -28.89 19.09
N LEU D 391 -8.08 -29.31 19.19
CA LEU D 391 -7.75 -30.65 18.69
C LEU D 391 -8.50 -31.78 19.39
N ASP D 392 -8.66 -31.63 20.69
CA ASP D 392 -9.21 -32.62 21.59
C ASP D 392 -10.65 -32.89 21.17
N GLN D 393 -11.44 -31.84 21.28
CA GLN D 393 -12.82 -31.79 20.84
C GLN D 393 -12.97 -32.43 19.47
N ALA D 394 -12.17 -32.02 18.51
CA ALA D 394 -12.27 -32.50 17.14
C ALA D 394 -11.89 -33.98 16.98
N LEU D 395 -10.84 -34.42 17.65
CA LEU D 395 -10.50 -35.82 17.63
C LEU D 395 -11.64 -36.63 18.26
N LYS D 396 -12.25 -36.06 19.30
CA LYS D 396 -13.36 -36.72 20.01
C LYS D 396 -14.61 -36.88 19.15
N ALA D 397 -14.89 -35.90 18.31
CA ALA D 397 -16.06 -35.96 17.43
C ALA D 397 -15.87 -37.06 16.40
N ALA D 398 -14.64 -37.25 15.95
CA ALA D 398 -14.37 -38.29 14.94
C ALA D 398 -14.30 -39.68 15.56
N HIS D 399 -13.89 -39.71 16.84
CA HIS D 399 -13.60 -40.90 17.64
C HIS D 399 -13.31 -42.21 16.88
N PRO D 400 -12.21 -42.24 16.11
CA PRO D 400 -11.81 -43.41 15.32
C PRO D 400 -11.74 -44.68 16.16
N PRO D 401 -11.72 -45.87 15.52
CA PRO D 401 -11.36 -47.07 16.30
C PRO D 401 -9.96 -46.93 16.92
N SER D 402 -9.87 -47.07 18.25
CA SER D 402 -8.63 -46.81 18.98
C SER D 402 -7.85 -48.09 19.28
N1 PLP E . -0.45 9.52 24.63
C2 PLP E . 0.81 9.03 24.82
C2A PLP E . 1.24 8.34 26.16
C3 PLP E . 1.75 9.15 23.80
O3 PLP E . 3.00 8.66 24.01
C4 PLP E . 1.41 9.76 22.60
C4A PLP E . 2.48 9.89 21.51
C5 PLP E . 0.11 10.27 22.41
C6 PLP E . -0.79 10.11 23.48
C5A PLP E . -0.38 11.01 21.15
O4P PLP E . -0.63 10.13 20.07
P PLP E . -0.20 10.41 18.51
O1P PLP E . -0.45 9.17 17.75
O2P PLP E . 1.34 10.96 18.58
O3P PLP E . -1.05 11.67 18.03
N1 PLP F . 7.58 -4.38 -24.40
C2 PLP F . 7.75 -3.06 -24.63
C2A PLP F . 7.40 -2.46 -25.99
C3 PLP F . 8.26 -2.26 -23.61
O3 PLP F . 8.41 -0.93 -23.86
C4 PLP F . 8.58 -2.83 -22.37
C4A PLP F . 9.15 -1.98 -21.22
C5 PLP F . 8.41 -4.22 -22.15
C6 PLP F . 7.90 -4.95 -23.23
C5A PLP F . 8.76 -4.97 -20.83
O4P PLP F . 7.86 -4.61 -19.73
P PLP F . 8.32 -4.57 -18.16
O1P PLP F . 7.12 -4.46 -17.32
O2P PLP F . 9.37 -3.38 -18.11
O3P PLP F . 9.24 -5.90 -17.87
N1 PLP G . 8.62 -24.19 -1.33
C2 PLP G . 7.80 -24.58 -0.33
C2A PLP G . 8.28 -25.54 0.76
C3 PLP G . 6.49 -24.10 -0.31
O3 PLP G . 5.64 -24.50 0.68
C4 PLP G . 6.05 -23.24 -1.33
C4A PLP G . 4.61 -22.71 -1.31
C5 PLP G . 6.93 -22.85 -2.34
C6 PLP G . 8.23 -23.37 -2.31
C5A PLP G . 6.54 -21.89 -3.49
O4P PLP G . 5.33 -21.24 -3.15
P PLP G . 4.88 -19.71 -3.52
O1P PLP G . 5.60 -18.63 -2.79
O2P PLP G . 3.35 -19.78 -3.08
O3P PLP G . 4.91 -19.58 -5.15
#